data_6F3H
#
_entry.id   6F3H
#
_cell.length_a   73.370
_cell.length_b   83.230
_cell.length_c   110.370
_cell.angle_alpha   106.21
_cell.angle_beta   106.56
_cell.angle_gamma   90.93
#
_symmetry.space_group_name_H-M   'P 1'
#
loop_
_entity.id
_entity.type
_entity.pdbx_description
1 polymer 'Exoribonuclease II, mitochondrial'
2 polymer "RNA (5'-R(P*AP*GP*AP*UP*AP*C)-3')"
3 polymer "RNA (5'-R(P*CP*AP*CP*UP*GP*A)-3')"
4 non-polymer 'MAGNESIUM ION'
5 water water
#
loop_
_entity_poly.entity_id
_entity_poly.type
_entity_poly.pdbx_seq_one_letter_code
_entity_poly.pdbx_strand_id
1 'polypeptide(L)'
;(MSE)FIINSDFHRGN(MSE)EQYQKAQKLSFDPAELLRTSLNVGDIVLLKQCTSELT(MSE)CVNLPQSTTDPRYTFAK
KDGTLVYA(MSE)KNSVILRIPKDLPEEVNQLLKRESNHPYQKIGTIKNSSNETEILPVLTRQLIVSFTLATFTKFAWTQ
LPIVLKKLELIHRYLQDSRGSKHVNF(MSE)SLVRIIKNLNIKEATDAINGDAYVRKVIDES(MSE)SVVNKSIDPTTLL
ATYWGVREQQQNNLWGSVYTNTALLSPTTVAVLPLKKAHLFYQEVITRLESNDYQEIKAFAKLVNDKDYHSIAKRYDYIR
TLLNDYAAGNIEENAVLTTIISKIFRHID(MSE)YRDQDVTRSLCGKLLVEISPQSNSSNFILGNWDLNIPKSSGISSVE
QKLYDTA(MSE)PTIVSDTDRYDFGD(MSE)PVFCIDSEDAHEINDGISIEELDGVRSRIHIHIADPAGLFPESFDYTKS
GISDDVLRVSLKRAFTTYLPDLVVP(MSE)LPKSFCNRADLGKHDRKTETISFSFELVNKEDGGLHVDYDTFQVRLGIVS
NFPKVTYDKVDSILNGDDNSLPSKQKKQLELLHTLATKLLHKRIHDDNAVVFGDGFNKGLVSLSPDDDGELCIPTFYDQS
QTKSTLLVSEF(MSE)ILTNKLCAAFFQENKIPGVYRCYNGLNLGNQAKAQFELLKENIKLGKLPSLKDITKISSQLSSS
FYSPFPLPHK(MSE)IGNTAYLTVTSP(MSE)RRGPDLINHLQLHRFLKKLPLCFKQEYLDQYVWSFQARADILKIFQRH
SSTYWTLKHLEQSGTKTHDVIVTSVPQNGTVNCLFPEYSYARGTLKLDPA(MSE)KKIPRIGDTIRHCKVESIHPLDGIL
TLTHVNRK
;
A,B
2 'polyribonucleotide' AGAUAC C
3 'polyribonucleotide' CACUGA D
#
# COMPACT_ATOMS: atom_id res chain seq x y z
N LYS A 21 7.42 3.58 -26.35
CA LYS A 21 6.09 4.20 -26.49
C LYS A 21 5.35 3.70 -27.75
N LEU A 22 4.93 2.43 -27.71
CA LEU A 22 4.00 1.81 -28.68
C LEU A 22 2.55 1.81 -28.23
N SER A 23 2.26 2.15 -27.00
CA SER A 23 0.90 2.25 -26.53
C SER A 23 0.91 3.39 -25.53
N PHE A 24 -0.28 3.81 -25.13
CA PHE A 24 -0.35 4.82 -24.08
C PHE A 24 -1.47 4.50 -23.12
N ASP A 25 -1.46 5.21 -22.00
CA ASP A 25 -2.42 5.00 -20.94
C ASP A 25 -3.54 6.03 -21.04
N PRO A 26 -4.81 5.58 -21.15
CA PRO A 26 -5.96 6.51 -21.22
C PRO A 26 -5.97 7.55 -20.12
N ALA A 27 -5.31 7.22 -19.01
CA ALA A 27 -5.20 8.15 -17.91
C ALA A 27 -4.42 9.42 -18.27
N GLU A 28 -3.47 9.35 -19.20
CA GLU A 28 -2.75 10.58 -19.51
C GLU A 28 -3.64 11.59 -20.22
N LEU A 29 -4.79 11.14 -20.72
CA LEU A 29 -5.80 12.03 -21.28
C LEU A 29 -6.36 12.92 -20.19
N LEU A 30 -6.70 12.32 -19.06
CA LEU A 30 -7.19 13.06 -17.93
C LEU A 30 -6.11 13.96 -17.35
N ARG A 31 -4.86 13.48 -17.28
CA ARG A 31 -3.83 14.28 -16.64
C ARG A 31 -3.37 15.44 -17.51
N THR A 32 -3.63 15.40 -18.80
CA THR A 32 -3.10 16.39 -19.70
C THR A 32 -4.24 17.10 -20.40
N SER A 33 -3.96 18.32 -20.81
CA SER A 33 -4.82 19.09 -21.68
C SER A 33 -4.23 19.13 -23.09
N LEU A 34 -4.99 19.70 -24.01
CA LEU A 34 -4.50 19.82 -25.36
C LEU A 34 -3.26 20.67 -25.37
N ASN A 35 -2.23 20.18 -26.08
CA ASN A 35 -0.89 20.73 -26.00
C ASN A 35 -0.14 20.40 -27.29
N VAL A 36 0.91 21.18 -27.57
CA VAL A 36 1.68 20.94 -28.78
C VAL A 36 2.37 19.58 -28.68
N GLY A 37 2.43 18.87 -29.79
CA GLY A 37 2.90 17.51 -29.82
C GLY A 37 1.78 16.50 -29.81
N ASP A 38 0.60 16.93 -29.41
CA ASP A 38 -0.55 16.06 -29.45
C ASP A 38 -0.86 15.71 -30.89
N ILE A 39 -1.26 14.48 -31.14
CA ILE A 39 -1.67 14.08 -32.48
C ILE A 39 -3.19 13.96 -32.51
N VAL A 40 -3.81 14.66 -33.46
CA VAL A 40 -5.26 14.85 -33.42
C VAL A 40 -5.89 14.44 -34.72
N LEU A 41 -7.17 14.12 -34.62
CA LEU A 41 -8.08 14.09 -35.73
C LEU A 41 -9.01 15.27 -35.61
N LEU A 42 -9.17 16.02 -36.68
CA LEU A 42 -10.05 17.16 -36.70
C LEU A 42 -11.36 16.85 -37.42
N LYS A 43 -12.39 17.63 -37.10
CA LYS A 43 -13.66 17.53 -37.83
C LYS A 43 -13.49 17.99 -39.27
N GLN A 44 -12.56 18.90 -39.51
CA GLN A 44 -12.20 19.26 -40.87
C GLN A 44 -11.54 18.09 -41.60
N CYS A 45 -10.49 17.52 -41.01
CA CYS A 45 -9.66 16.53 -41.70
C CYS A 45 -9.86 15.15 -41.12
N THR A 46 -11.06 14.61 -41.26
CA THR A 46 -11.33 13.35 -40.58
C THR A 46 -10.51 12.21 -41.17
N SER A 47 -9.99 12.35 -42.38
CA SER A 47 -9.21 11.28 -42.99
C SER A 47 -7.71 11.55 -43.08
N GLU A 48 -7.23 12.65 -42.48
CA GLU A 48 -5.79 12.85 -42.40
C GLU A 48 -5.43 13.19 -40.96
N LEU A 49 -4.30 12.64 -40.51
CA LEU A 49 -3.74 13.03 -39.22
C LEU A 49 -3.20 14.43 -39.23
N THR A 50 -3.22 15.02 -38.06
CA THR A 50 -2.75 16.37 -37.84
C THR A 50 -1.99 16.37 -36.54
N CYS A 52 -0.94 19.17 -33.23
CA CYS A 52 -0.98 20.50 -32.67
C CYS A 52 0.40 21.07 -32.69
N VAL A 53 0.56 22.22 -33.33
CA VAL A 53 1.86 22.85 -33.44
C VAL A 53 1.93 24.21 -32.78
N ASN A 54 0.79 24.82 -32.46
CA ASN A 54 0.79 26.10 -31.77
C ASN A 54 -0.49 26.22 -30.99
N LEU A 55 -0.40 26.93 -29.89
CA LEU A 55 -1.52 27.23 -29.03
C LEU A 55 -2.06 28.61 -29.33
N PRO A 56 -3.24 28.91 -28.82
CA PRO A 56 -3.80 30.24 -29.06
C PRO A 56 -2.97 31.32 -28.38
N GLN A 57 -2.76 32.38 -29.14
CA GLN A 57 -1.91 33.53 -28.87
C GLN A 57 -2.64 34.67 -28.18
N SER A 58 -3.89 34.97 -28.56
CA SER A 58 -4.64 36.10 -27.99
C SER A 58 -6.09 35.72 -27.75
N THR A 59 -6.84 36.64 -27.12
CA THR A 59 -8.30 36.53 -27.14
C THR A 59 -8.83 36.92 -28.50
N THR A 60 -8.07 37.73 -29.21
CA THR A 60 -8.47 38.10 -30.55
C THR A 60 -8.68 36.86 -31.41
N ASP A 61 -7.73 35.92 -31.40
CA ASP A 61 -7.89 34.62 -32.08
C ASP A 61 -7.53 33.52 -31.10
N PRO A 62 -8.47 32.68 -30.70
CA PRO A 62 -8.16 31.64 -29.71
C PRO A 62 -8.06 30.25 -30.32
N ARG A 63 -7.63 30.15 -31.58
CA ARG A 63 -7.53 28.84 -32.19
C ARG A 63 -6.15 28.24 -32.08
N TYR A 64 -6.13 26.93 -32.05
CA TYR A 64 -4.90 26.19 -32.06
C TYR A 64 -4.40 26.07 -33.48
N THR A 65 -3.11 25.89 -33.60
CA THR A 65 -2.49 25.67 -34.88
C THR A 65 -2.12 24.22 -34.96
N PHE A 66 -2.58 23.57 -36.00
CA PHE A 66 -2.25 22.19 -36.24
C PHE A 66 -1.52 22.09 -37.55
N ALA A 67 -0.64 21.11 -37.68
CA ALA A 67 0.11 20.91 -38.89
C ALA A 67 -0.27 19.57 -39.52
N LYS A 68 -0.51 19.58 -40.83
CA LYS A 68 -0.76 18.34 -41.56
C LYS A 68 0.54 17.65 -41.98
N LYS A 69 0.35 16.45 -42.51
CA LYS A 69 1.44 15.65 -43.05
C LYS A 69 2.25 16.45 -44.07
N ASP A 70 1.56 17.28 -44.87
CA ASP A 70 2.14 18.11 -45.92
C ASP A 70 2.88 19.33 -45.41
N GLY A 71 2.85 19.61 -44.12
CA GLY A 71 3.45 20.83 -43.63
C GLY A 71 2.49 21.99 -43.72
N THR A 72 1.34 21.79 -44.34
CA THR A 72 0.30 22.80 -44.36
C THR A 72 -0.35 22.85 -42.98
N LEU A 73 -0.54 24.06 -42.45
CA LEU A 73 -1.10 24.30 -41.13
C LEU A 73 -2.64 24.34 -41.18
N VAL A 74 -3.26 24.11 -40.02
CA VAL A 74 -4.68 24.30 -39.85
C VAL A 74 -4.94 24.96 -38.50
N TYR A 75 -5.78 25.99 -38.49
CA TYR A 75 -6.18 26.69 -37.28
C TYR A 75 -7.58 26.24 -36.94
N ALA A 76 -7.78 25.75 -35.73
CA ALA A 76 -9.07 25.17 -35.43
C ALA A 76 -9.39 25.36 -33.97
N LYS A 78 -10.36 24.29 -30.42
CA LYS A 78 -10.11 23.18 -29.54
C LYS A 78 -11.12 22.04 -29.73
N ASN A 79 -12.39 22.39 -29.90
CA ASN A 79 -13.43 21.37 -29.98
C ASN A 79 -13.58 20.77 -31.37
N SER A 80 -12.85 21.28 -32.35
CA SER A 80 -12.80 20.57 -33.61
C SER A 80 -11.97 19.30 -33.52
N VAL A 81 -11.34 19.02 -32.39
CA VAL A 81 -10.54 17.82 -32.19
C VAL A 81 -11.45 16.63 -31.90
N ILE A 82 -11.38 15.60 -32.76
CA ILE A 82 -12.24 14.43 -32.54
C ILE A 82 -11.55 13.36 -31.73
N LEU A 83 -10.23 13.20 -31.88
CA LEU A 83 -9.49 12.35 -30.97
C LEU A 83 -8.07 12.87 -30.87
N ARG A 84 -7.43 12.50 -29.77
CA ARG A 84 -6.18 13.10 -29.37
C ARG A 84 -5.26 12.00 -28.85
N ILE A 85 -3.98 12.12 -29.21
CA ILE A 85 -2.91 11.22 -28.79
C ILE A 85 -1.87 12.07 -28.10
N PRO A 86 -1.61 11.87 -26.82
CA PRO A 86 -0.75 12.79 -26.08
C PRO A 86 0.72 12.65 -26.48
N LYS A 87 1.47 13.72 -26.25
CA LYS A 87 2.91 13.79 -26.55
C LYS A 87 3.71 12.51 -26.19
N PRO A 122 16.34 23.71 -34.87
CA PRO A 122 16.46 23.82 -36.34
C PRO A 122 15.09 23.57 -37.04
N VAL A 123 14.56 24.62 -37.68
CA VAL A 123 13.17 24.67 -38.14
C VAL A 123 12.84 23.57 -39.13
N LEU A 124 13.74 23.30 -40.09
CA LEU A 124 13.38 22.33 -41.12
C LEU A 124 13.29 20.95 -40.53
N THR A 125 14.22 20.63 -39.63
CA THR A 125 14.16 19.36 -38.94
C THR A 125 12.81 19.19 -38.26
N ARG A 126 12.33 20.25 -37.60
CA ARG A 126 11.02 20.20 -36.94
C ARG A 126 9.91 19.91 -37.94
N GLN A 127 9.87 20.66 -39.04
CA GLN A 127 8.87 20.38 -40.06
C GLN A 127 8.99 18.94 -40.52
N LEU A 128 10.22 18.47 -40.71
CA LEU A 128 10.47 17.11 -41.18
C LEU A 128 9.99 16.06 -40.18
N ILE A 129 10.29 16.27 -38.90
CA ILE A 129 9.91 15.24 -37.93
C ILE A 129 8.41 15.29 -37.73
N VAL A 130 7.82 16.48 -37.79
CA VAL A 130 6.37 16.55 -37.69
C VAL A 130 5.74 15.74 -38.81
N SER A 131 6.23 15.92 -40.03
CA SER A 131 5.56 15.31 -41.18
C SER A 131 5.77 13.81 -41.19
N PHE A 132 7.02 13.38 -40.98
CA PHE A 132 7.33 11.96 -41.04
C PHE A 132 6.58 11.19 -39.96
N THR A 133 6.49 11.78 -38.77
CA THR A 133 5.68 11.19 -37.71
C THR A 133 4.26 10.95 -38.16
N LEU A 134 3.57 12.01 -38.61
CA LEU A 134 2.18 11.87 -39.01
C LEU A 134 2.06 10.84 -40.10
N ALA A 135 3.01 10.84 -41.02
CA ALA A 135 2.96 9.85 -42.10
C ALA A 135 3.06 8.42 -41.55
N THR A 136 3.98 8.20 -40.62
CA THR A 136 4.20 6.84 -40.11
C THR A 136 2.94 6.33 -39.45
N PHE A 137 2.36 7.14 -38.57
CA PHE A 137 1.15 6.75 -37.89
C PHE A 137 0.03 6.46 -38.85
N THR A 138 -0.12 7.28 -39.89
CA THR A 138 -1.15 7.00 -40.89
C THR A 138 -0.89 5.68 -41.59
N LYS A 139 0.37 5.41 -41.96
CA LYS A 139 0.64 4.21 -42.73
C LYS A 139 0.27 2.97 -41.94
N PHE A 140 0.83 2.82 -40.75
CA PHE A 140 0.49 1.69 -39.91
C PHE A 140 -1.00 1.64 -39.61
N ALA A 141 -1.65 2.80 -39.57
CA ALA A 141 -3.09 2.81 -39.36
C ALA A 141 -3.81 2.21 -40.56
N TRP A 142 -3.48 2.68 -41.77
CA TRP A 142 -4.15 2.18 -42.97
C TRP A 142 -3.97 0.68 -43.14
N THR A 143 -2.78 0.15 -42.84
CA THR A 143 -2.53 -1.27 -43.07
C THR A 143 -3.51 -2.15 -42.32
N GLN A 144 -3.88 -1.74 -41.10
CA GLN A 144 -4.78 -2.51 -40.25
C GLN A 144 -6.22 -2.41 -40.70
N LEU A 145 -6.54 -1.32 -41.40
CA LEU A 145 -7.95 -0.96 -41.60
C LEU A 145 -8.76 -2.05 -42.30
N PRO A 146 -8.33 -2.62 -43.44
CA PRO A 146 -9.18 -3.68 -44.03
C PRO A 146 -9.37 -4.84 -43.08
N ILE A 147 -8.39 -5.09 -42.20
CA ILE A 147 -8.55 -6.14 -41.20
C ILE A 147 -9.51 -5.70 -40.10
N VAL A 148 -9.41 -4.43 -39.71
CA VAL A 148 -10.28 -3.90 -38.67
C VAL A 148 -11.74 -3.93 -39.10
N LEU A 149 -12.02 -3.57 -40.35
CA LEU A 149 -13.40 -3.61 -40.84
C LEU A 149 -13.98 -4.99 -40.71
N LYS A 150 -13.14 -6.00 -40.97
CA LYS A 150 -13.60 -7.35 -40.80
C LYS A 150 -13.89 -7.66 -39.35
N LYS A 151 -13.03 -7.22 -38.43
CA LYS A 151 -13.34 -7.47 -37.02
C LYS A 151 -14.62 -6.75 -36.61
N LEU A 152 -14.74 -5.47 -37.00
CA LEU A 152 -15.90 -4.66 -36.66
C LEU A 152 -17.20 -5.33 -37.05
N GLU A 153 -17.27 -5.82 -38.28
CA GLU A 153 -18.46 -6.56 -38.67
C GLU A 153 -18.65 -7.77 -37.74
N LEU A 154 -17.55 -8.38 -37.33
CA LEU A 154 -17.66 -9.61 -36.55
C LEU A 154 -18.12 -9.32 -35.14
N ILE A 155 -17.32 -8.58 -34.37
CA ILE A 155 -17.73 -8.35 -33.01
C ILE A 155 -18.99 -7.54 -32.96
N HIS A 156 -19.33 -6.81 -34.02
CA HIS A 156 -20.67 -6.26 -34.04
C HIS A 156 -21.71 -7.35 -33.86
N ARG A 157 -21.42 -8.58 -34.31
CA ARG A 157 -22.35 -9.68 -34.08
C ARG A 157 -22.45 -10.03 -32.59
N TYR A 158 -21.39 -9.84 -31.81
CA TYR A 158 -21.43 -10.22 -30.40
C TYR A 158 -21.92 -9.08 -29.49
N LEU A 159 -21.60 -7.83 -29.83
CA LEU A 159 -21.98 -6.69 -29.01
C LEU A 159 -23.43 -6.29 -29.22
N GLN A 160 -23.93 -6.40 -30.45
CA GLN A 160 -25.29 -6.00 -30.79
C GLN A 160 -26.28 -6.60 -29.81
N ASP A 161 -27.35 -5.86 -29.53
CA ASP A 161 -28.55 -6.40 -28.89
C ASP A 161 -29.69 -6.28 -29.87
N SER A 162 -30.39 -7.40 -30.06
CA SER A 162 -31.47 -7.46 -31.04
C SER A 162 -32.57 -6.42 -30.80
N ARG A 163 -32.69 -5.86 -29.58
CA ARG A 163 -33.86 -5.06 -29.22
C ARG A 163 -33.70 -3.56 -29.44
N GLY A 164 -32.48 -3.03 -29.47
CA GLY A 164 -32.30 -1.61 -29.74
C GLY A 164 -30.86 -1.17 -29.59
N SER A 165 -30.66 0.13 -29.84
CA SER A 165 -29.33 0.73 -29.75
C SER A 165 -28.74 0.48 -28.37
N LYS A 166 -27.45 0.14 -28.33
CA LYS A 166 -26.73 -0.17 -27.08
C LYS A 166 -25.29 0.36 -27.14
N HIS A 167 -24.90 1.16 -26.15
CA HIS A 167 -23.60 1.80 -26.20
C HIS A 167 -22.51 0.88 -25.71
N VAL A 168 -21.28 1.20 -26.12
CA VAL A 168 -20.10 0.57 -25.55
C VAL A 168 -19.00 1.60 -25.41
N ASN A 169 -18.24 1.47 -24.33
CA ASN A 169 -17.05 2.28 -24.15
C ASN A 169 -16.20 2.15 -25.41
N PHE A 170 -15.77 3.28 -25.92
CA PHE A 170 -15.00 3.19 -27.14
C PHE A 170 -13.64 2.54 -26.91
N SER A 172 -12.74 0.16 -24.55
CA SER A 172 -12.98 -1.27 -24.47
C SER A 172 -13.06 -1.84 -25.87
N LEU A 173 -13.63 -1.07 -26.78
CA LEU A 173 -13.78 -1.53 -28.15
C LEU A 173 -12.46 -1.61 -28.87
N VAL A 174 -11.67 -0.54 -28.82
CA VAL A 174 -10.34 -0.57 -29.40
C VAL A 174 -9.55 -1.77 -28.89
N ARG A 175 -9.61 -2.02 -27.58
CA ARG A 175 -8.85 -3.12 -27.01
C ARG A 175 -9.24 -4.44 -27.67
N ILE A 176 -10.53 -4.65 -27.86
CA ILE A 176 -10.99 -5.88 -28.49
C ILE A 176 -10.41 -6.00 -29.89
N ILE A 177 -10.40 -4.90 -30.62
CA ILE A 177 -9.87 -4.95 -31.98
C ILE A 177 -8.42 -5.40 -31.96
N LYS A 178 -7.63 -4.85 -31.06
CA LYS A 178 -6.23 -5.21 -31.01
C LYS A 178 -6.04 -6.67 -30.64
N ASN A 179 -6.77 -7.13 -29.62
CA ASN A 179 -6.51 -8.41 -28.95
C ASN A 179 -7.24 -9.56 -29.60
N LEU A 180 -7.65 -9.43 -30.85
CA LEU A 180 -8.51 -10.42 -31.45
C LEU A 180 -7.86 -11.02 -32.68
N ASN A 181 -7.88 -12.36 -32.75
CA ASN A 181 -7.41 -13.11 -33.92
C ASN A 181 -8.62 -13.62 -34.70
N ILE A 182 -8.76 -13.15 -35.94
CA ILE A 182 -9.96 -13.47 -36.71
C ILE A 182 -10.04 -14.97 -36.94
N LYS A 183 -8.88 -15.63 -37.13
CA LYS A 183 -8.83 -17.06 -37.41
C LYS A 183 -9.35 -17.89 -36.23
N GLU A 184 -8.99 -17.52 -35.00
CA GLU A 184 -9.46 -18.27 -33.83
C GLU A 184 -10.94 -18.03 -33.56
N ALA A 185 -11.44 -16.86 -33.97
CA ALA A 185 -12.84 -16.50 -33.71
C ALA A 185 -13.81 -17.30 -34.56
N THR A 186 -13.36 -17.76 -35.73
CA THR A 186 -14.20 -18.42 -36.71
C THR A 186 -14.24 -19.94 -36.56
N ASP A 187 -13.22 -20.54 -35.95
CA ASP A 187 -13.24 -21.94 -35.55
C ASP A 187 -14.60 -22.29 -34.92
N ALA A 188 -15.07 -23.51 -35.18
CA ALA A 188 -16.34 -23.94 -34.59
C ALA A 188 -16.30 -24.02 -33.06
N ILE A 189 -15.13 -23.83 -32.43
CA ILE A 189 -15.07 -23.68 -30.97
C ILE A 189 -14.49 -22.31 -30.62
N ASP A 192 -16.42 -18.76 -30.68
CA ASP A 192 -17.47 -18.08 -29.91
C ASP A 192 -17.05 -17.93 -28.49
N ALA A 193 -16.84 -19.07 -27.85
CA ALA A 193 -16.19 -19.09 -26.55
C ALA A 193 -14.95 -18.21 -26.58
N TYR A 194 -14.23 -18.23 -27.71
CA TYR A 194 -13.03 -17.42 -27.84
C TYR A 194 -13.37 -15.95 -27.79
N VAL A 195 -14.35 -15.54 -28.60
CA VAL A 195 -14.70 -14.14 -28.65
C VAL A 195 -15.11 -13.66 -27.27
N ARG A 196 -16.01 -14.39 -26.63
CA ARG A 196 -16.41 -13.98 -25.30
C ARG A 196 -15.22 -13.97 -24.37
N LYS A 197 -14.24 -14.85 -24.60
CA LYS A 197 -13.02 -14.78 -23.81
C LYS A 197 -12.28 -13.47 -24.05
N VAL A 198 -12.26 -12.99 -25.29
CA VAL A 198 -11.50 -11.78 -25.58
C VAL A 198 -12.20 -10.56 -25.02
N ILE A 199 -13.53 -10.58 -24.99
CA ILE A 199 -14.27 -9.43 -24.52
C ILE A 199 -14.07 -9.25 -23.02
N ASP A 200 -14.37 -10.30 -22.25
CA ASP A 200 -14.13 -10.20 -20.81
C ASP A 200 -12.66 -9.90 -20.54
N GLU A 201 -11.75 -10.51 -21.30
CA GLU A 201 -10.32 -10.27 -21.14
C GLU A 201 -9.92 -8.85 -21.47
N SER A 202 -10.81 -8.04 -22.04
CA SER A 202 -10.46 -6.65 -22.30
C SER A 202 -10.14 -5.88 -21.02
N SER A 204 -7.97 -5.30 -17.80
CA SER A 204 -6.64 -5.66 -17.27
C SER A 204 -6.04 -4.59 -16.33
N ASN A 207 -1.94 -4.27 -19.92
CA ASN A 207 -2.55 -3.34 -18.98
C ASN A 207 -3.87 -2.78 -19.53
N LYS A 208 -4.20 -1.57 -19.09
CA LYS A 208 -5.28 -0.80 -19.67
C LYS A 208 -4.78 0.09 -20.81
N SER A 209 -3.54 -0.11 -21.26
CA SER A 209 -2.93 0.75 -22.26
C SER A 209 -3.54 0.50 -23.64
N ILE A 210 -3.39 1.50 -24.50
CA ILE A 210 -4.08 1.55 -25.78
C ILE A 210 -3.08 1.84 -26.90
N ASP A 211 -3.24 1.13 -28.05
CA ASP A 211 -2.37 1.32 -29.23
C ASP A 211 -2.94 2.40 -30.14
N PRO A 212 -2.22 3.50 -30.36
CA PRO A 212 -2.79 4.60 -31.14
C PRO A 212 -3.22 4.22 -32.55
N THR A 213 -2.43 3.41 -33.28
CA THR A 213 -2.80 3.13 -34.66
C THR A 213 -4.10 2.33 -34.71
N THR A 214 -4.19 1.26 -33.92
CA THR A 214 -5.47 0.55 -33.80
C THR A 214 -6.60 1.51 -33.41
N LEU A 215 -6.31 2.44 -32.51
CA LEU A 215 -7.33 3.42 -32.15
C LEU A 215 -7.83 4.15 -33.37
N LEU A 216 -6.90 4.74 -34.10
CA LEU A 216 -7.24 5.51 -35.28
C LEU A 216 -8.01 4.66 -36.28
N ALA A 217 -7.48 3.48 -36.59
CA ALA A 217 -8.15 2.60 -37.56
C ALA A 217 -9.56 2.23 -37.09
N THR A 218 -9.75 1.99 -35.80
CA THR A 218 -11.07 1.61 -35.33
C THR A 218 -12.04 2.75 -35.53
N TYR A 219 -11.61 3.97 -35.22
CA TYR A 219 -12.44 5.13 -35.46
C TYR A 219 -12.88 5.19 -36.91
N TRP A 220 -11.91 5.15 -37.80
CA TRP A 220 -12.17 5.11 -39.22
C TRP A 220 -13.09 3.96 -39.60
N GLY A 221 -12.84 2.78 -39.06
CA GLY A 221 -13.71 1.66 -39.36
C GLY A 221 -15.14 1.93 -38.96
N VAL A 222 -15.32 2.56 -37.81
CA VAL A 222 -16.66 2.84 -37.33
C VAL A 222 -17.31 3.91 -38.19
N ARG A 223 -16.58 4.96 -38.56
CA ARG A 223 -17.22 5.95 -39.42
C ARG A 223 -17.67 5.31 -40.70
N GLU A 224 -16.91 4.34 -41.20
CA GLU A 224 -17.31 3.63 -42.39
C GLU A 224 -18.53 2.76 -42.14
N GLN A 225 -18.47 1.89 -41.15
CA GLN A 225 -19.66 1.08 -40.94
C GLN A 225 -20.82 1.88 -40.37
N GLN A 226 -20.59 3.12 -39.92
CA GLN A 226 -21.71 3.99 -39.59
C GLN A 226 -22.62 4.17 -40.76
N GLN A 227 -22.05 4.19 -41.95
CA GLN A 227 -22.86 4.40 -43.13
C GLN A 227 -23.79 3.23 -43.41
N ASN A 228 -23.60 2.08 -42.78
CA ASN A 228 -24.52 0.96 -42.92
C ASN A 228 -25.46 0.84 -41.75
N ASN A 229 -25.52 1.85 -40.91
CA ASN A 229 -26.40 1.85 -39.75
C ASN A 229 -26.07 0.70 -38.83
N LEU A 230 -24.78 0.49 -38.66
CA LEU A 230 -24.30 -0.54 -37.76
C LEU A 230 -23.83 0.03 -36.43
N TRP A 231 -23.43 1.29 -36.41
CA TRP A 231 -22.98 1.97 -35.20
C TRP A 231 -23.60 3.35 -35.18
N GLY A 232 -23.78 3.89 -33.99
CA GLY A 232 -24.28 5.23 -33.84
C GLY A 232 -23.13 6.22 -33.90
N SER A 233 -23.43 7.44 -33.50
CA SER A 233 -22.38 8.45 -33.46
C SER A 233 -21.37 8.11 -32.39
N VAL A 234 -20.15 8.52 -32.68
CA VAL A 234 -19.04 8.48 -31.74
C VAL A 234 -19.04 9.80 -30.98
N TYR A 235 -19.12 9.72 -29.67
CA TYR A 235 -19.14 10.92 -28.85
C TYR A 235 -17.74 11.20 -28.34
N THR A 236 -17.34 12.46 -28.41
CA THR A 236 -16.02 12.89 -28.01
C THR A 236 -16.17 13.79 -26.79
N ASN A 237 -15.54 13.43 -25.67
CA ASN A 237 -15.65 14.26 -24.49
C ASN A 237 -14.87 15.55 -24.67
N THR A 238 -15.47 16.65 -24.22
CA THR A 238 -14.94 18.01 -24.35
C THR A 238 -13.65 18.21 -23.54
N ALA A 239 -13.50 17.53 -22.41
CA ALA A 239 -12.40 17.85 -21.52
C ALA A 239 -11.15 17.07 -21.89
N LEU A 240 -11.34 15.77 -22.10
CA LEU A 240 -10.29 14.89 -22.56
C LEU A 240 -10.05 15.00 -24.04
N LEU A 241 -11.03 15.52 -24.79
CA LEU A 241 -10.98 15.58 -26.26
C LEU A 241 -10.68 14.21 -26.84
N SER A 242 -11.46 13.23 -26.43
CA SER A 242 -11.25 11.87 -26.87
C SER A 242 -12.59 11.18 -26.89
N PRO A 243 -12.75 10.15 -27.73
CA PRO A 243 -14.05 9.49 -27.84
C PRO A 243 -14.40 8.68 -26.61
N THR A 244 -15.66 8.75 -26.22
CA THR A 244 -16.11 8.05 -25.03
C THR A 244 -16.88 6.79 -25.36
N THR A 245 -17.81 6.86 -26.30
CA THR A 245 -18.74 5.75 -26.44
C THR A 245 -19.29 5.79 -27.85
N VAL A 246 -19.86 4.67 -28.27
CA VAL A 246 -20.58 4.60 -29.53
C VAL A 246 -21.69 3.57 -29.41
N ALA A 247 -22.82 3.88 -30.01
CA ALA A 247 -23.93 2.94 -30.01
C ALA A 247 -23.65 1.80 -30.98
N VAL A 248 -24.12 0.61 -30.61
CA VAL A 248 -24.10 -0.55 -31.48
C VAL A 248 -25.54 -0.81 -31.90
N LEU A 249 -25.90 -0.41 -33.09
CA LEU A 249 -27.28 -0.50 -33.55
C LEU A 249 -27.62 -1.92 -33.99
N PRO A 250 -28.85 -2.38 -33.74
CA PRO A 250 -29.20 -3.76 -34.04
C PRO A 250 -29.22 -4.06 -35.54
N LEU A 251 -28.70 -5.23 -35.89
CA LEU A 251 -28.59 -5.63 -37.26
C LEU A 251 -29.94 -5.65 -37.94
N LYS A 252 -30.89 -6.36 -37.36
CA LYS A 252 -32.16 -6.52 -38.05
C LYS A 252 -33.01 -5.26 -37.91
N LYS A 253 -32.94 -4.59 -36.80
CA LYS A 253 -33.91 -3.52 -36.65
C LYS A 253 -33.47 -2.21 -37.28
N ALA A 254 -32.21 -2.08 -37.66
CA ALA A 254 -31.78 -0.80 -38.16
C ALA A 254 -31.05 -0.96 -39.48
N HIS A 255 -29.96 -1.74 -39.47
CA HIS A 255 -29.24 -2.00 -40.70
C HIS A 255 -30.17 -2.60 -41.73
N LEU A 256 -30.78 -3.73 -41.37
CA LEU A 256 -31.57 -4.45 -42.35
C LEU A 256 -32.83 -3.70 -42.68
N PHE A 257 -33.52 -3.15 -41.69
CA PHE A 257 -34.73 -2.38 -41.97
C PHE A 257 -34.46 -1.33 -43.02
N TYR A 258 -33.42 -0.52 -42.84
CA TYR A 258 -33.23 0.55 -43.79
C TYR A 258 -32.72 0.05 -45.13
N GLN A 259 -32.14 -1.15 -45.20
CA GLN A 259 -31.85 -1.71 -46.53
C GLN A 259 -33.13 -1.99 -47.30
N GLU A 260 -34.12 -2.62 -46.65
CA GLU A 260 -35.37 -2.92 -47.34
C GLU A 260 -36.12 -1.66 -47.74
N VAL A 261 -36.03 -0.63 -46.90
CA VAL A 261 -36.65 0.65 -47.19
C VAL A 261 -36.10 1.24 -48.47
N ILE A 262 -34.78 1.30 -48.57
CA ILE A 262 -34.12 1.85 -49.76
C ILE A 262 -34.55 1.06 -50.98
N THR A 263 -34.54 -0.24 -50.86
CA THR A 263 -34.92 -1.07 -51.99
C THR A 263 -36.34 -0.77 -52.42
N ARG A 264 -37.27 -0.73 -51.47
CA ARG A 264 -38.65 -0.59 -51.91
C ARG A 264 -38.91 0.79 -52.51
N LEU A 265 -38.10 1.77 -52.16
CA LEU A 265 -38.33 3.11 -52.64
C LEU A 265 -37.69 3.44 -53.99
N GLU A 266 -36.66 2.70 -54.41
CA GLU A 266 -35.97 2.98 -55.67
C GLU A 266 -36.43 2.13 -56.85
N SER A 267 -37.11 1.02 -56.58
CA SER A 267 -37.55 0.12 -57.64
C SER A 267 -38.53 0.83 -58.56
N ASN A 268 -38.54 0.38 -59.82
CA ASN A 268 -39.40 0.93 -60.86
C ASN A 268 -39.25 2.44 -60.92
N ASP A 269 -37.98 2.84 -60.94
CA ASP A 269 -37.57 4.22 -61.00
C ASP A 269 -38.38 5.04 -59.99
N TYR A 270 -38.12 4.72 -58.73
CA TYR A 270 -38.59 5.53 -57.62
C TYR A 270 -40.12 5.66 -57.67
N GLN A 271 -40.79 4.57 -58.01
CA GLN A 271 -42.24 4.64 -58.17
C GLN A 271 -42.92 4.95 -56.86
N GLU A 272 -42.46 4.34 -55.78
CA GLU A 272 -43.12 4.55 -54.49
C GLU A 272 -42.84 5.92 -53.92
N ILE A 273 -41.66 6.47 -54.19
CA ILE A 273 -41.46 7.89 -53.92
C ILE A 273 -42.53 8.69 -54.65
N LYS A 274 -42.77 8.35 -55.91
CA LYS A 274 -43.68 9.13 -56.73
C LYS A 274 -45.11 8.97 -56.25
N ALA A 275 -45.52 7.75 -55.92
CA ALA A 275 -46.87 7.52 -55.43
C ALA A 275 -47.10 8.30 -54.14
N PHE A 276 -46.10 8.30 -53.26
CA PHE A 276 -46.21 9.01 -51.98
C PHE A 276 -46.32 10.52 -52.20
N ALA A 277 -45.40 11.10 -52.96
CA ALA A 277 -45.45 12.53 -53.15
C ALA A 277 -46.79 12.96 -53.74
N LYS A 278 -47.43 12.08 -54.51
CA LYS A 278 -48.72 12.47 -55.06
C LYS A 278 -49.73 12.63 -53.94
N LEU A 279 -49.79 11.61 -53.06
CA LEU A 279 -50.70 11.64 -51.92
C LEU A 279 -50.51 12.90 -51.08
N VAL A 280 -49.26 13.30 -50.88
CA VAL A 280 -48.98 14.50 -50.14
C VAL A 280 -49.51 15.73 -50.85
N ASN A 281 -49.35 15.79 -52.18
CA ASN A 281 -49.80 16.96 -52.90
C ASN A 281 -51.30 17.00 -53.00
N ASP A 282 -51.93 15.85 -53.09
CA ASP A 282 -53.38 15.75 -53.04
C ASP A 282 -53.90 15.82 -51.62
N LYS A 283 -53.02 15.98 -50.64
CA LYS A 283 -53.39 16.12 -49.25
C LYS A 283 -54.20 14.93 -48.73
N ASP A 284 -54.02 13.74 -49.30
CA ASP A 284 -54.71 12.58 -48.74
C ASP A 284 -53.78 11.90 -47.75
N TYR A 285 -53.86 12.37 -46.51
CA TYR A 285 -52.98 11.86 -45.49
C TYR A 285 -53.42 10.51 -45.00
N HIS A 286 -54.64 10.12 -45.31
CA HIS A 286 -55.16 8.85 -44.83
C HIS A 286 -54.40 7.64 -45.39
N SER A 287 -54.21 7.60 -46.71
CA SER A 287 -53.57 6.44 -47.30
C SER A 287 -52.13 6.30 -46.83
N ILE A 288 -51.45 7.44 -46.71
CA ILE A 288 -50.08 7.46 -46.21
C ILE A 288 -49.99 6.60 -44.97
N ALA A 289 -50.96 6.74 -44.09
CA ALA A 289 -50.96 5.96 -42.86
C ALA A 289 -50.97 4.49 -43.19
N LYS A 290 -52.01 4.03 -43.88
CA LYS A 290 -52.16 2.60 -44.10
C LYS A 290 -51.00 2.06 -44.91
N ARG A 291 -50.55 2.81 -45.88
CA ARG A 291 -49.62 2.29 -46.87
C ARG A 291 -48.18 2.62 -46.56
N TYR A 292 -47.91 3.86 -46.21
CA TYR A 292 -46.54 4.32 -46.17
C TYR A 292 -46.09 4.65 -44.77
N ASP A 293 -46.36 3.79 -43.80
CA ASP A 293 -45.87 4.15 -42.48
C ASP A 293 -44.36 4.00 -42.42
N TYR A 294 -43.79 3.11 -43.23
CA TYR A 294 -42.35 3.02 -43.23
C TYR A 294 -41.68 4.34 -43.62
N ILE A 295 -42.39 5.22 -44.32
CA ILE A 295 -41.78 6.50 -44.62
C ILE A 295 -41.93 7.46 -43.47
N ARG A 296 -43.03 7.41 -42.76
CA ARG A 296 -43.10 8.27 -41.60
C ARG A 296 -41.95 7.96 -40.68
N THR A 297 -41.73 6.66 -40.46
CA THR A 297 -40.59 6.19 -39.68
C THR A 297 -39.30 6.83 -40.16
N LEU A 298 -39.10 6.84 -41.47
CA LEU A 298 -37.86 7.37 -41.98
C LEU A 298 -37.72 8.84 -41.67
N LEU A 299 -38.77 9.63 -41.94
CA LEU A 299 -38.72 11.04 -41.60
C LEU A 299 -38.48 11.25 -40.12
N ASN A 300 -39.10 10.40 -39.33
CA ASN A 300 -38.93 10.48 -37.90
C ASN A 300 -37.47 10.24 -37.52
N ASP A 301 -36.89 9.14 -37.99
CA ASP A 301 -35.49 8.89 -37.67
C ASP A 301 -34.59 10.01 -38.18
N TYR A 302 -35.02 10.80 -39.14
CA TYR A 302 -34.17 11.92 -39.55
C TYR A 302 -34.31 13.11 -38.59
N ALA A 303 -35.54 13.55 -38.31
CA ALA A 303 -35.76 14.69 -37.43
C ALA A 303 -35.17 14.45 -36.04
N ALA A 304 -35.26 13.23 -35.55
CA ALA A 304 -34.72 12.87 -34.25
C ALA A 304 -33.21 12.83 -34.22
N GLY A 305 -32.54 12.84 -35.37
CA GLY A 305 -31.10 12.79 -35.44
C GLY A 305 -30.49 11.42 -35.42
N ASN A 306 -31.28 10.37 -35.66
CA ASN A 306 -30.78 9.00 -35.62
C ASN A 306 -30.06 8.58 -36.90
N ILE A 307 -30.43 9.12 -38.05
CA ILE A 307 -29.88 8.61 -39.30
C ILE A 307 -29.29 9.74 -40.10
N GLU A 308 -29.10 10.89 -39.45
CA GLU A 308 -28.59 12.06 -40.15
C GLU A 308 -27.21 11.80 -40.77
N GLU A 309 -26.58 10.66 -40.49
CA GLU A 309 -25.25 10.36 -41.03
C GLU A 309 -25.26 9.34 -42.17
N ASN A 310 -26.42 8.84 -42.62
CA ASN A 310 -26.48 7.90 -43.74
C ASN A 310 -26.84 8.69 -45.01
N ALA A 311 -25.92 8.75 -45.95
CA ALA A 311 -26.04 9.71 -47.04
C ALA A 311 -26.98 9.22 -48.13
N VAL A 312 -27.09 7.90 -48.29
CA VAL A 312 -28.12 7.35 -49.15
C VAL A 312 -29.48 7.84 -48.71
N LEU A 313 -29.76 7.69 -47.42
CA LEU A 313 -31.05 8.08 -46.91
C LEU A 313 -31.28 9.56 -47.09
N THR A 314 -30.23 10.36 -46.99
CA THR A 314 -30.41 11.77 -47.23
C THR A 314 -30.78 12.02 -48.69
N THR A 315 -30.17 11.28 -49.60
CA THR A 315 -30.52 11.44 -51.00
C THR A 315 -31.95 11.03 -51.24
N ILE A 316 -32.33 9.86 -50.73
CA ILE A 316 -33.72 9.43 -50.79
C ILE A 316 -34.63 10.56 -50.35
N ILE A 317 -34.30 11.17 -49.23
CA ILE A 317 -35.15 12.22 -48.68
C ILE A 317 -35.13 13.44 -49.57
N SER A 318 -33.98 13.74 -50.19
CA SER A 318 -33.93 14.85 -51.14
C SER A 318 -34.88 14.62 -52.30
N LYS A 319 -34.90 13.40 -52.82
CA LYS A 319 -35.78 13.04 -53.94
C LYS A 319 -37.24 13.22 -53.56
N ILE A 320 -37.59 12.81 -52.36
CA ILE A 320 -38.96 12.95 -51.90
C ILE A 320 -39.37 14.41 -51.80
N PHE A 321 -38.55 15.23 -51.15
CA PHE A 321 -38.89 16.64 -51.10
C PHE A 321 -38.96 17.22 -52.49
N ARG A 322 -38.07 16.77 -53.37
CA ARG A 322 -38.07 17.29 -54.72
C ARG A 322 -39.38 16.97 -55.42
N HIS A 323 -40.05 15.92 -55.02
CA HIS A 323 -41.32 15.56 -55.62
C HIS A 323 -42.53 16.17 -54.93
N ILE A 324 -42.35 17.01 -53.91
CA ILE A 324 -43.48 17.58 -53.18
C ILE A 324 -43.49 19.10 -53.37
N ASP A 325 -44.64 19.65 -53.74
CA ASP A 325 -44.69 21.02 -54.22
C ASP A 325 -44.15 22.00 -53.20
N TYR A 327 -42.42 21.73 -50.56
CA TYR A 327 -41.09 21.50 -50.02
C TYR A 327 -40.04 21.39 -51.08
N ARG A 328 -40.38 21.70 -52.32
CA ARG A 328 -39.57 21.17 -53.41
C ARG A 328 -38.19 21.82 -53.50
N ASP A 329 -38.11 23.13 -53.29
CA ASP A 329 -36.87 23.86 -53.57
C ASP A 329 -35.97 24.07 -52.34
N GLN A 330 -36.32 23.51 -51.18
CA GLN A 330 -35.77 23.91 -49.90
C GLN A 330 -34.74 22.93 -49.35
N ASP A 331 -33.77 23.47 -48.59
CA ASP A 331 -32.68 22.64 -48.10
C ASP A 331 -33.21 21.58 -47.14
N VAL A 332 -32.65 20.39 -47.26
CA VAL A 332 -33.15 19.24 -46.54
C VAL A 332 -32.59 19.30 -45.13
N THR A 333 -33.46 19.62 -44.18
CA THR A 333 -33.11 19.87 -42.78
C THR A 333 -34.06 19.10 -41.91
N ARG A 334 -33.61 18.78 -40.71
CA ARG A 334 -34.48 18.04 -39.80
C ARG A 334 -35.79 18.77 -39.59
N SER A 335 -35.72 20.09 -39.43
CA SER A 335 -36.93 20.90 -39.31
C SER A 335 -37.88 20.62 -40.45
N LEU A 336 -37.32 20.41 -41.62
CA LEU A 336 -38.15 20.21 -42.78
C LEU A 336 -38.77 18.82 -42.75
N CYS A 337 -38.01 17.83 -42.29
CA CYS A 337 -38.61 16.52 -42.05
C CYS A 337 -39.64 16.59 -40.96
N GLY A 338 -39.40 17.43 -39.95
CA GLY A 338 -40.38 17.60 -38.90
C GLY A 338 -41.67 18.19 -39.42
N LYS A 339 -41.57 19.30 -40.16
CA LYS A 339 -42.77 19.93 -40.74
C LYS A 339 -43.57 18.92 -41.53
N LEU A 340 -42.90 18.14 -42.35
CA LEU A 340 -43.63 17.20 -43.16
C LEU A 340 -44.24 16.12 -42.30
N LEU A 341 -43.42 15.51 -41.47
CA LEU A 341 -43.89 14.44 -40.62
C LEU A 341 -45.06 14.91 -39.77
N VAL A 342 -44.98 16.13 -39.25
CA VAL A 342 -46.11 16.70 -38.55
C VAL A 342 -47.32 16.75 -39.47
N GLU A 343 -47.08 17.10 -40.72
CA GLU A 343 -48.19 17.31 -41.63
C GLU A 343 -48.90 16.02 -41.97
N ILE A 344 -48.23 14.90 -41.88
CA ILE A 344 -48.79 13.63 -42.30
C ILE A 344 -49.05 12.70 -41.12
N SER A 345 -49.19 13.24 -39.92
CA SER A 345 -49.42 12.50 -38.69
C SER A 345 -50.58 13.14 -37.94
N PRO A 346 -51.26 12.38 -37.07
CA PRO A 346 -52.54 12.89 -36.54
C PRO A 346 -52.28 14.05 -35.62
N GLN A 347 -53.22 15.00 -35.63
CA GLN A 347 -53.11 16.29 -34.95
C GLN A 347 -52.59 16.12 -33.52
N SER A 348 -51.35 16.53 -33.31
CA SER A 348 -50.73 16.64 -32.01
C SER A 348 -50.84 18.07 -31.54
N ASN A 349 -50.44 18.31 -30.29
CA ASN A 349 -50.31 19.66 -29.74
C ASN A 349 -48.88 20.16 -29.76
N SER A 350 -47.92 19.29 -29.47
CA SER A 350 -46.50 19.58 -29.63
C SER A 350 -45.82 18.33 -30.18
N SER A 351 -44.69 18.54 -30.82
CA SER A 351 -43.96 17.37 -31.25
C SER A 351 -42.50 17.74 -31.14
N ASN A 352 -41.90 17.33 -30.05
CA ASN A 352 -40.47 17.40 -29.99
C ASN A 352 -39.99 16.04 -30.44
N PHE A 353 -39.32 16.02 -31.57
CA PHE A 353 -38.87 14.77 -32.16
C PHE A 353 -37.52 14.34 -31.65
N ILE A 354 -36.73 15.28 -31.11
CA ILE A 354 -35.48 14.95 -30.44
C ILE A 354 -35.71 13.84 -29.45
N LEU A 355 -36.93 13.76 -28.92
CA LEU A 355 -37.23 12.72 -27.95
C LEU A 355 -37.15 11.35 -28.56
N GLY A 356 -37.20 11.25 -29.88
CA GLY A 356 -37.00 9.99 -30.55
C GLY A 356 -35.57 9.53 -30.65
N ASN A 357 -34.61 10.33 -30.20
CA ASN A 357 -33.23 10.01 -30.49
C ASN A 357 -32.79 8.78 -29.70
N TRP A 358 -32.04 7.89 -30.38
CA TRP A 358 -31.70 6.60 -29.79
C TRP A 358 -30.67 6.74 -28.70
N ASP A 359 -29.80 7.73 -28.81
CA ASP A 359 -28.73 7.92 -27.84
C ASP A 359 -29.24 8.63 -26.61
N LEU A 360 -30.14 9.60 -26.79
CA LEU A 360 -30.88 10.15 -25.66
C LEU A 360 -31.54 9.02 -24.89
N ASN A 361 -32.06 8.04 -25.60
CA ASN A 361 -32.39 6.75 -25.02
C ASN A 361 -33.49 6.85 -23.97
N ILE A 362 -34.54 7.58 -24.27
CA ILE A 362 -35.78 7.62 -23.49
C ILE A 362 -36.52 6.32 -23.76
N PRO A 363 -37.34 5.84 -22.83
CA PRO A 363 -38.13 4.63 -23.12
C PRO A 363 -39.31 4.93 -24.04
N LYS A 364 -39.51 4.07 -25.04
CA LYS A 364 -40.57 4.29 -25.99
C LYS A 364 -41.39 3.02 -26.06
N SER A 366 -41.40 0.05 -27.04
CA SER A 366 -40.56 -1.07 -27.49
C SER A 366 -39.08 -0.73 -27.36
N GLY A 367 -38.25 -1.74 -27.12
CA GLY A 367 -36.83 -1.55 -27.02
C GLY A 367 -36.19 -2.27 -25.86
N ILE A 368 -35.07 -1.74 -25.39
CA ILE A 368 -34.39 -2.23 -24.21
C ILE A 368 -34.80 -1.44 -22.96
N SER A 369 -34.86 -0.11 -23.08
CA SER A 369 -35.29 0.70 -21.96
C SER A 369 -36.77 0.49 -21.65
N SER A 370 -37.56 0.06 -22.63
CA SER A 370 -38.95 -0.28 -22.36
C SER A 370 -39.04 -1.56 -21.54
N VAL A 371 -38.06 -2.45 -21.73
CA VAL A 371 -37.97 -3.65 -20.90
C VAL A 371 -37.63 -3.26 -19.46
N GLU A 372 -36.66 -2.37 -19.31
CA GLU A 372 -36.18 -2.01 -17.98
C GLU A 372 -37.25 -1.32 -17.17
N GLN A 373 -38.04 -0.44 -17.81
CA GLN A 373 -39.05 0.27 -17.05
C GLN A 373 -40.21 -0.64 -16.67
N LYS A 374 -40.37 -1.75 -17.38
CA LYS A 374 -41.28 -2.80 -16.91
C LYS A 374 -40.80 -3.38 -15.58
N LEU A 375 -39.49 -3.40 -15.35
CA LEU A 375 -38.97 -3.76 -14.04
C LEU A 375 -39.16 -2.63 -13.04
N TYR A 376 -38.78 -1.42 -13.44
CA TYR A 376 -38.83 -0.28 -12.53
C TYR A 376 -40.23 -0.04 -12.00
N ASP A 377 -41.24 -0.24 -12.84
CA ASP A 377 -42.60 0.01 -12.42
C ASP A 377 -43.02 -0.96 -11.32
N THR A 378 -42.52 -2.19 -11.35
CA THR A 378 -42.90 -3.17 -10.35
C THR A 378 -41.79 -3.46 -9.35
N ALA A 379 -40.73 -2.68 -9.35
CA ALA A 379 -39.64 -2.93 -8.42
C ALA A 379 -39.96 -2.25 -7.10
N PRO A 381 -38.02 -1.79 -2.94
CA PRO A 381 -36.71 -1.90 -2.26
C PRO A 381 -36.76 -2.72 -0.98
N THR A 382 -37.23 -3.96 -1.09
CA THR A 382 -37.50 -4.79 0.07
C THR A 382 -36.27 -5.04 0.93
N ILE A 383 -35.10 -4.58 0.49
CA ILE A 383 -33.92 -4.64 1.35
C ILE A 383 -34.15 -3.65 2.49
N VAL A 384 -34.43 -4.18 3.70
CA VAL A 384 -34.72 -3.38 4.89
C VAL A 384 -33.93 -3.83 6.16
N THR A 387 -29.24 -0.46 9.91
CA THR A 387 -30.09 -0.77 11.05
C THR A 387 -29.45 -0.30 12.40
N ASP A 388 -28.33 0.42 12.32
CA ASP A 388 -27.54 0.91 13.48
C ASP A 388 -27.17 2.39 13.30
N ARG A 389 -28.17 3.25 13.26
CA ARG A 389 -27.99 4.62 12.81
C ARG A 389 -28.16 5.63 13.95
N TYR A 390 -27.29 6.63 14.00
CA TYR A 390 -27.47 7.75 14.93
C TYR A 390 -28.78 8.50 14.67
N ASP A 391 -29.52 8.82 15.74
CA ASP A 391 -30.76 9.59 15.59
C ASP A 391 -30.58 11.02 16.07
N PHE A 392 -30.90 11.97 15.18
CA PHE A 392 -30.83 13.39 15.45
C PHE A 392 -32.12 13.91 16.09
N GLY A 393 -33.10 13.03 16.25
CA GLY A 393 -34.31 13.39 16.94
C GLY A 393 -35.14 14.40 16.20
N ASP A 394 -35.49 15.46 16.92
CA ASP A 394 -36.40 16.48 16.45
C ASP A 394 -35.63 17.67 15.94
N PRO A 396 -34.24 20.11 13.62
CA PRO A 396 -34.85 20.50 12.36
C PRO A 396 -33.86 20.49 11.21
N VAL A 397 -34.34 19.97 10.08
CA VAL A 397 -33.57 19.78 8.86
C VAL A 397 -34.21 20.58 7.75
N PHE A 398 -33.42 21.47 7.13
CA PHE A 398 -33.90 22.34 6.07
C PHE A 398 -33.59 21.77 4.69
N CYS A 399 -34.64 21.44 3.92
CA CYS A 399 -34.55 20.96 2.54
C CYS A 399 -35.02 22.06 1.61
N ILE A 400 -34.06 22.87 1.14
CA ILE A 400 -34.35 24.06 0.36
C ILE A 400 -34.32 23.67 -1.11
N ASP A 401 -35.48 23.36 -1.67
CA ASP A 401 -35.62 22.97 -3.06
C ASP A 401 -36.70 23.90 -3.66
N SER A 402 -36.93 23.77 -4.96
CA SER A 402 -38.01 24.47 -5.62
C SER A 402 -39.35 23.77 -5.39
N GLU A 403 -40.42 24.49 -5.71
CA GLU A 403 -41.75 23.91 -5.66
C GLU A 403 -41.86 22.74 -6.63
N ASP A 404 -41.24 22.86 -7.79
CA ASP A 404 -41.31 21.88 -8.87
C ASP A 404 -40.20 20.82 -8.82
N ALA A 405 -39.84 20.29 -7.65
CA ALA A 405 -38.68 19.42 -7.51
C ALA A 405 -39.11 17.96 -7.43
N HIS A 406 -38.19 17.07 -7.81
CA HIS A 406 -38.48 15.65 -7.89
C HIS A 406 -37.79 14.84 -6.79
N GLU A 407 -36.47 14.90 -6.75
CA GLU A 407 -35.68 14.17 -5.77
C GLU A 407 -35.11 15.17 -4.79
N ILE A 408 -35.33 14.90 -3.51
CA ILE A 408 -34.78 15.71 -2.43
C ILE A 408 -33.60 14.92 -1.88
N ASN A 409 -32.37 15.37 -2.18
CA ASN A 409 -31.15 14.65 -1.82
C ASN A 409 -30.46 15.22 -0.59
N ASP A 410 -30.84 16.43 -0.16
CA ASP A 410 -30.06 17.25 0.75
C ASP A 410 -30.90 17.91 1.84
N GLY A 411 -30.34 18.00 3.04
CA GLY A 411 -30.87 18.86 4.08
C GLY A 411 -29.75 19.44 4.91
N ILE A 412 -30.00 20.58 5.54
CA ILE A 412 -29.02 21.27 6.37
C ILE A 412 -29.55 21.44 7.80
N SER A 413 -28.66 21.27 8.77
CA SER A 413 -28.97 21.46 10.17
C SER A 413 -27.80 22.17 10.82
N ILE A 414 -28.09 23.15 11.68
CA ILE A 414 -27.07 23.87 12.40
C ILE A 414 -27.36 23.86 13.88
N GLU A 415 -26.30 23.78 14.66
CA GLU A 415 -26.34 23.95 16.11
C GLU A 415 -25.41 25.07 16.48
N GLU A 416 -25.96 26.15 17.03
CA GLU A 416 -25.12 27.21 17.52
C GLU A 416 -24.69 26.83 18.93
N LEU A 417 -23.42 26.47 19.06
CA LEU A 417 -22.76 26.07 20.29
C LEU A 417 -22.31 27.27 21.11
N ASP A 418 -21.60 28.19 20.46
CA ASP A 418 -21.10 29.40 21.07
C ASP A 418 -21.30 30.52 20.06
N GLY A 419 -21.02 31.74 20.49
CA GLY A 419 -20.94 32.84 19.53
C GLY A 419 -19.85 32.62 18.50
N VAL A 420 -18.78 31.94 18.90
CA VAL A 420 -17.63 31.72 18.02
C VAL A 420 -17.81 30.48 17.13
N ARG A 421 -18.54 29.47 17.60
CA ARG A 421 -18.55 28.14 16.99
C ARG A 421 -19.96 27.62 16.70
N SER A 422 -20.13 27.04 15.50
CA SER A 422 -21.38 26.40 15.10
C SER A 422 -21.09 25.00 14.61
N ARG A 423 -22.02 24.09 14.83
CA ARG A 423 -21.89 22.74 14.30
C ARG A 423 -22.92 22.52 13.20
N ILE A 424 -22.46 21.91 12.12
CA ILE A 424 -23.25 21.76 10.91
C ILE A 424 -23.44 20.29 10.57
N HIS A 425 -24.65 19.97 10.14
CA HIS A 425 -25.02 18.63 9.74
C HIS A 425 -25.64 18.69 8.37
N ILE A 426 -25.09 17.91 7.46
CA ILE A 426 -25.58 17.80 6.10
C ILE A 426 -26.11 16.40 5.95
N HIS A 427 -27.41 16.30 5.80
CA HIS A 427 -28.07 15.02 5.74
C HIS A 427 -28.40 14.74 4.29
N ILE A 428 -27.81 13.70 3.77
CA ILE A 428 -27.98 13.33 2.39
C ILE A 428 -28.88 12.11 2.39
N ALA A 429 -29.84 12.08 1.48
CA ALA A 429 -30.66 10.88 1.40
C ALA A 429 -29.76 9.67 1.22
N ASP A 430 -30.21 8.49 1.61
CA ASP A 430 -29.36 7.31 1.56
C ASP A 430 -29.99 6.27 0.65
N PRO A 431 -29.93 6.51 -0.64
CA PRO A 431 -30.45 5.50 -1.56
C PRO A 431 -29.54 4.27 -1.59
N ALA A 432 -28.26 4.43 -1.28
CA ALA A 432 -27.37 3.27 -1.25
C ALA A 432 -27.90 2.19 -0.32
N GLY A 433 -28.67 2.57 0.70
CA GLY A 433 -29.14 1.60 1.68
C GLY A 433 -30.15 0.60 1.16
N LEU A 434 -30.90 0.95 0.12
CA LEU A 434 -32.01 0.06 -0.28
C LEU A 434 -31.54 -1.19 -1.03
N PHE A 435 -30.23 -1.38 -1.16
CA PHE A 435 -29.67 -2.45 -1.96
C PHE A 435 -28.78 -3.37 -1.14
N PRO A 436 -28.91 -4.68 -1.32
CA PRO A 436 -28.02 -5.63 -0.61
C PRO A 436 -26.55 -5.33 -0.78
N GLU A 437 -26.16 -4.66 -1.86
CA GLU A 437 -24.75 -4.39 -2.07
C GLU A 437 -24.17 -3.44 -1.04
N SER A 438 -25.01 -2.70 -0.31
CA SER A 438 -24.50 -1.77 0.69
C SER A 438 -23.73 -2.49 1.78
N PHE A 439 -24.11 -3.72 2.07
CA PHE A 439 -23.58 -4.46 3.20
C PHE A 439 -22.99 -5.82 2.87
N ASP A 440 -23.23 -6.38 1.68
CA ASP A 440 -23.00 -7.81 1.44
C ASP A 440 -21.57 -8.05 0.92
N TYR A 441 -20.69 -8.50 1.82
CA TYR A 441 -19.30 -8.82 1.50
C TYR A 441 -19.14 -10.24 0.96
N THR A 442 -20.23 -11.03 0.93
CA THR A 442 -20.16 -12.37 0.38
C THR A 442 -19.95 -12.36 -1.14
N LYS A 443 -20.64 -11.47 -1.86
CA LYS A 443 -20.58 -11.42 -3.32
C LYS A 443 -19.85 -10.17 -3.80
N SER A 444 -18.75 -10.36 -4.52
CA SER A 444 -18.00 -9.25 -5.06
C SER A 444 -18.72 -8.71 -6.29
N GLY A 445 -18.58 -7.40 -6.54
CA GLY A 445 -19.34 -6.81 -7.63
C GLY A 445 -20.82 -6.64 -7.31
N ILE A 446 -21.60 -6.42 -8.36
CA ILE A 446 -23.03 -6.08 -8.28
C ILE A 446 -23.88 -7.23 -8.79
N SER A 447 -24.79 -7.72 -7.94
CA SER A 447 -25.71 -8.77 -8.35
C SER A 447 -27.10 -8.25 -8.68
N ASP A 448 -27.42 -7.03 -8.27
CA ASP A 448 -28.80 -6.53 -8.27
C ASP A 448 -29.20 -5.94 -9.61
N ASP A 449 -30.43 -6.25 -10.02
CA ASP A 449 -30.96 -5.73 -11.27
C ASP A 449 -31.14 -4.22 -11.20
N VAL A 450 -31.97 -3.77 -10.25
CA VAL A 450 -32.27 -2.35 -10.17
C VAL A 450 -31.00 -1.55 -10.05
N LEU A 451 -29.99 -2.11 -9.41
CA LEU A 451 -28.79 -1.32 -9.25
C LEU A 451 -28.00 -1.25 -10.55
N ARG A 452 -27.84 -2.38 -11.24
CA ARG A 452 -27.15 -2.37 -12.52
C ARG A 452 -27.82 -1.40 -13.48
N VAL A 453 -29.15 -1.45 -13.55
CA VAL A 453 -29.88 -0.55 -14.43
C VAL A 453 -29.61 0.88 -14.04
N SER A 454 -29.67 1.17 -12.75
CA SER A 454 -29.53 2.54 -12.29
C SER A 454 -28.19 3.08 -12.72
N LEU A 455 -27.14 2.32 -12.48
CA LEU A 455 -25.81 2.75 -12.88
C LEU A 455 -25.68 2.86 -14.38
N LYS A 456 -26.46 2.08 -15.12
CA LYS A 456 -26.45 2.23 -16.56
C LYS A 456 -27.02 3.59 -16.95
N ARG A 457 -28.20 3.93 -16.44
CA ARG A 457 -28.70 5.30 -16.61
C ARG A 457 -27.87 6.21 -15.73
N ALA A 458 -26.64 6.48 -16.10
CA ALA A 458 -25.70 7.04 -15.12
C ALA A 458 -26.16 8.32 -14.43
N PHE A 459 -27.24 8.98 -14.86
CA PHE A 459 -27.77 10.13 -14.15
C PHE A 459 -29.27 10.15 -14.32
N THR A 460 -29.92 11.02 -13.58
CA THR A 460 -31.29 11.29 -13.92
C THR A 460 -31.25 12.23 -15.12
N THR A 461 -32.20 12.05 -16.03
CA THR A 461 -32.31 12.83 -17.25
C THR A 461 -33.34 13.94 -17.05
N TYR A 462 -32.89 15.18 -17.01
CA TYR A 462 -33.73 16.34 -16.75
C TYR A 462 -33.81 17.15 -18.04
N LEU A 463 -35.00 17.21 -18.64
CA LEU A 463 -35.24 17.97 -19.86
C LEU A 463 -36.50 18.83 -19.75
N PRO A 464 -36.53 20.00 -20.42
CA PRO A 464 -37.74 20.84 -20.39
C PRO A 464 -39.00 20.08 -20.71
N ASP A 465 -38.87 19.02 -21.51
CA ASP A 465 -40.01 18.20 -21.88
C ASP A 465 -40.37 17.22 -20.79
N LEU A 466 -39.38 16.63 -20.13
CA LEU A 466 -39.66 15.47 -19.29
C LEU A 466 -38.48 15.19 -18.37
N VAL A 467 -38.67 14.21 -17.48
CA VAL A 467 -37.61 13.74 -16.58
C VAL A 467 -37.60 12.21 -16.55
N VAL A 468 -36.41 11.62 -16.58
CA VAL A 468 -36.23 10.17 -16.45
C VAL A 468 -35.32 9.86 -15.27
N PRO A 469 -35.88 9.43 -14.15
CA PRO A 469 -35.08 9.26 -12.94
C PRO A 469 -34.14 8.09 -13.12
N LEU A 471 -33.30 6.19 -10.74
CA LEU A 471 -33.80 5.17 -9.83
C LEU A 471 -35.32 5.00 -9.95
N PRO A 472 -35.88 3.85 -9.54
CA PRO A 472 -37.33 3.65 -9.68
C PRO A 472 -38.13 4.59 -8.80
N LYS A 473 -39.41 4.76 -9.14
CA LYS A 473 -40.27 5.63 -8.33
C LYS A 473 -40.34 5.13 -6.91
N SER A 474 -40.49 3.82 -6.74
CA SER A 474 -40.64 3.27 -5.40
C SER A 474 -39.46 3.63 -4.51
N PHE A 475 -38.25 3.43 -5.01
CA PHE A 475 -37.06 3.75 -4.23
C PHE A 475 -36.95 5.24 -3.97
N CYS A 476 -37.52 6.07 -4.84
CA CYS A 476 -37.40 7.51 -4.66
C CYS A 476 -38.28 7.99 -3.52
N ASN A 477 -39.51 7.46 -3.43
CA ASN A 477 -40.42 7.83 -2.36
C ASN A 477 -39.83 7.48 -1.01
N ARG A 478 -39.20 6.31 -0.91
CA ARG A 478 -38.63 5.87 0.35
C ARG A 478 -37.43 6.71 0.73
N ALA A 479 -36.52 6.89 -0.21
CA ALA A 479 -35.25 7.51 0.14
C ALA A 479 -35.32 9.03 0.24
N ASP A 480 -36.38 9.63 -0.29
CA ASP A 480 -36.49 11.08 -0.36
C ASP A 480 -36.51 11.72 1.02
N LEU A 481 -35.79 12.83 1.14
CA LEU A 481 -35.91 13.64 2.34
C LEU A 481 -37.15 14.51 2.26
N GLY A 482 -37.37 15.28 3.31
CA GLY A 482 -38.38 16.30 3.28
C GLY A 482 -39.77 15.87 3.68
N LYS A 483 -39.96 14.61 4.07
CA LYS A 483 -41.27 14.13 4.50
C LYS A 483 -41.41 14.30 6.03
N HIS A 484 -42.22 15.30 6.42
CA HIS A 484 -42.35 15.75 7.82
C HIS A 484 -42.81 14.64 8.74
N ASP A 485 -42.16 14.55 9.90
CA ASP A 485 -42.48 13.52 10.88
C ASP A 485 -42.46 12.15 10.23
N ARG A 486 -41.43 11.88 9.45
CA ARG A 486 -41.23 10.50 9.06
C ARG A 486 -39.81 10.15 9.37
N LYS A 487 -39.64 9.05 10.09
CA LYS A 487 -38.29 8.61 10.42
C LYS A 487 -37.62 8.29 9.09
N THR A 488 -36.52 9.00 8.82
CA THR A 488 -35.95 9.11 7.49
C THR A 488 -34.44 8.90 7.55
N GLU A 489 -33.98 7.81 6.96
CA GLU A 489 -32.59 7.44 6.98
C GLU A 489 -31.75 8.39 6.14
N THR A 490 -30.58 8.71 6.64
CA THR A 490 -29.71 9.62 5.93
C THR A 490 -28.31 9.06 5.98
N ILE A 491 -27.45 9.74 5.24
CA ILE A 491 -26.03 9.73 5.50
C ILE A 491 -25.66 11.15 5.85
N SER A 492 -25.11 11.35 7.03
CA SER A 492 -24.97 12.69 7.55
C SER A 492 -23.51 13.01 7.82
N PHE A 493 -23.13 14.21 7.41
CA PHE A 493 -21.76 14.68 7.50
C PHE A 493 -21.77 15.86 8.43
N SER A 494 -21.03 15.77 9.51
CA SER A 494 -21.12 16.74 10.58
C SER A 494 -19.73 17.32 10.82
N PHE A 495 -19.70 18.60 11.14
CA PHE A 495 -18.44 19.27 11.41
C PHE A 495 -18.74 20.66 11.97
N GLU A 496 -17.70 21.30 12.48
CA GLU A 496 -17.84 22.58 13.14
C GLU A 496 -16.99 23.65 12.51
N LEU A 497 -17.58 24.83 12.46
CA LEU A 497 -16.96 26.03 11.94
C LEU A 497 -16.85 27.05 13.05
N VAL A 498 -15.73 27.74 13.04
CA VAL A 498 -15.42 28.76 14.03
C VAL A 498 -15.30 30.10 13.32
N ASN A 499 -15.97 31.11 13.85
CA ASN A 499 -15.73 32.46 13.35
C ASN A 499 -14.35 32.89 13.80
N LYS A 500 -13.60 33.50 12.88
CA LYS A 500 -12.22 33.90 13.14
C LYS A 500 -12.12 35.40 13.41
N GLU A 501 -11.02 35.78 14.04
CA GLU A 501 -10.77 37.16 14.45
C GLU A 501 -10.83 38.14 13.29
N ASP A 502 -10.15 37.81 12.20
CA ASP A 502 -10.07 38.64 11.00
C ASP A 502 -11.44 38.94 10.42
N GLY A 503 -12.50 38.43 11.06
CA GLY A 503 -13.81 38.34 10.45
C GLY A 503 -13.99 37.09 9.63
N GLY A 504 -12.90 36.39 9.32
CA GLY A 504 -12.92 35.16 8.56
C GLY A 504 -13.51 34.00 9.33
N LEU A 505 -13.43 32.84 8.70
CA LEU A 505 -14.00 31.61 9.23
C LEU A 505 -13.03 30.45 9.05
N HIS A 506 -13.08 29.51 9.99
CA HIS A 506 -12.22 28.35 9.95
C HIS A 506 -13.01 27.08 10.19
N VAL A 507 -12.60 26.04 9.49
CA VAL A 507 -13.26 24.75 9.49
C VAL A 507 -12.41 23.75 10.24
N ASP A 508 -12.96 23.14 11.27
CA ASP A 508 -12.19 22.17 12.03
C ASP A 508 -12.37 20.81 11.39
N TYR A 509 -11.40 20.38 10.57
CA TYR A 509 -11.54 19.09 9.90
C TYR A 509 -11.53 17.95 10.91
N ASP A 510 -10.93 18.16 12.08
CA ASP A 510 -10.99 17.15 13.10
C ASP A 510 -12.42 16.99 13.64
N THR A 511 -13.28 18.01 13.49
CA THR A 511 -14.71 17.83 13.78
C THR A 511 -15.38 16.88 12.80
N PHE A 512 -14.87 16.82 11.58
CA PHE A 512 -15.59 16.20 10.49
C PHE A 512 -15.92 14.76 10.82
N GLN A 513 -17.16 14.40 10.54
CA GLN A 513 -17.62 13.08 10.91
C GLN A 513 -18.65 12.61 9.91
N VAL A 514 -18.64 11.31 9.62
CA VAL A 514 -19.64 10.74 8.72
C VAL A 514 -20.38 9.66 9.50
N ARG A 515 -21.71 9.72 9.47
CA ARG A 515 -22.56 8.79 10.20
C ARG A 515 -23.81 8.46 9.41
N LEU A 516 -24.32 7.25 9.62
CA LEU A 516 -25.64 6.88 9.11
C LEU A 516 -26.66 7.37 10.11
N GLY A 517 -27.55 8.26 9.69
CA GLY A 517 -28.43 8.89 10.66
C GLY A 517 -29.92 8.68 10.50
N ILE A 518 -30.71 9.40 11.30
CA ILE A 518 -32.16 9.45 11.18
C ILE A 518 -32.57 10.87 11.52
N VAL A 519 -33.61 11.34 10.84
CA VAL A 519 -34.12 12.68 11.04
C VAL A 519 -35.61 12.60 10.81
N SER A 520 -36.37 13.54 11.37
CA SER A 520 -37.79 13.46 11.09
C SER A 520 -38.44 14.83 11.14
N ASN A 521 -37.73 15.84 11.57
CA ASN A 521 -38.32 17.17 11.68
C ASN A 521 -37.84 17.96 10.48
N PHE A 522 -38.72 18.12 9.50
CA PHE A 522 -38.42 18.81 8.24
C PHE A 522 -39.27 20.06 8.07
N PRO A 523 -38.75 21.25 8.40
CA PRO A 523 -39.46 22.50 8.07
C PRO A 523 -39.72 22.67 6.56
N LYS A 524 -40.94 23.13 6.23
CA LYS A 524 -41.35 23.34 4.85
C LYS A 524 -40.74 24.60 4.28
N VAL A 525 -39.90 24.46 3.25
CA VAL A 525 -39.06 25.56 2.79
C VAL A 525 -38.82 25.44 1.30
N THR A 526 -38.68 26.60 0.66
CA THR A 526 -38.35 26.74 -0.73
C THR A 526 -37.30 27.83 -0.81
N TYR A 527 -36.56 27.87 -1.91
CA TYR A 527 -35.59 28.93 -2.05
C TYR A 527 -36.27 30.28 -1.94
N ASP A 528 -37.51 30.38 -2.42
CA ASP A 528 -38.27 31.63 -2.33
C ASP A 528 -38.68 31.93 -0.90
N LYS A 529 -39.32 30.96 -0.23
CA LYS A 529 -39.74 31.19 1.15
C LYS A 529 -38.57 31.67 1.97
N VAL A 530 -37.46 30.95 1.90
CA VAL A 530 -36.24 31.35 2.59
C VAL A 530 -35.84 32.76 2.22
N ASP A 531 -35.92 33.11 0.95
CA ASP A 531 -35.51 34.45 0.59
C ASP A 531 -36.42 35.49 1.22
N SER A 532 -37.73 35.27 1.14
CA SER A 532 -38.64 36.27 1.69
C SER A 532 -38.46 36.35 3.20
N ILE A 533 -38.09 35.24 3.80
CA ILE A 533 -37.76 35.22 5.22
C ILE A 533 -36.57 36.13 5.51
N LEU A 534 -35.50 36.00 4.73
CA LEU A 534 -34.31 36.78 5.02
C LEU A 534 -34.44 38.22 4.60
N ASN A 535 -35.56 38.57 4.00
CA ASN A 535 -35.95 39.96 3.79
C ASN A 535 -36.96 40.46 4.82
N GLY A 536 -37.43 39.60 5.71
CA GLY A 536 -38.45 39.95 6.65
C GLY A 536 -39.86 39.75 6.13
N ASP A 537 -40.04 39.50 4.83
CA ASP A 537 -41.39 39.47 4.26
C ASP A 537 -42.21 38.36 4.89
N ASP A 538 -41.55 37.30 5.32
CA ASP A 538 -42.20 36.07 5.72
C ASP A 538 -41.81 35.77 7.16
N ASN A 539 -42.82 35.47 7.98
CA ASN A 539 -42.61 35.18 9.39
C ASN A 539 -43.39 33.96 9.88
N SER A 540 -43.87 33.10 8.97
CA SER A 540 -44.62 31.91 9.35
C SER A 540 -43.81 30.90 10.16
N LEU A 541 -42.42 31.06 10.26
CA LEU A 541 -41.50 30.14 10.93
C LEU A 541 -41.22 30.55 12.37
N PRO A 542 -40.94 29.57 13.20
CA PRO A 542 -40.44 29.83 14.55
C PRO A 542 -39.18 30.67 14.54
N SER A 543 -39.11 31.59 15.49
CA SER A 543 -37.95 32.45 15.59
C SER A 543 -36.67 31.65 15.77
N LYS A 544 -36.76 30.47 16.39
CA LYS A 544 -35.55 29.68 16.55
C LYS A 544 -35.07 29.17 15.20
N GLN A 545 -36.02 28.70 14.37
CA GLN A 545 -35.68 28.24 13.04
C GLN A 545 -35.21 29.39 12.17
N LYS A 546 -35.99 30.48 12.11
CA LYS A 546 -35.59 31.64 11.32
C LYS A 546 -34.17 32.08 11.65
N LYS A 547 -33.75 32.00 12.91
CA LYS A 547 -32.39 32.44 13.20
C LYS A 547 -31.35 31.41 12.74
N GLN A 548 -31.70 30.12 12.65
CA GLN A 548 -30.69 29.20 12.14
C GLN A 548 -30.36 29.51 10.69
N LEU A 549 -31.37 29.95 9.93
CA LEU A 549 -31.15 30.35 8.55
C LEU A 549 -30.25 31.57 8.44
N GLU A 550 -30.52 32.63 9.22
CA GLU A 550 -29.66 33.80 9.12
C GLU A 550 -28.24 33.44 9.46
N LEU A 551 -28.09 32.56 10.43
CA LEU A 551 -26.76 32.10 10.80
C LEU A 551 -26.13 31.35 9.64
N LEU A 552 -26.90 30.47 9.01
CA LEU A 552 -26.37 29.71 7.88
C LEU A 552 -26.00 30.62 6.73
N HIS A 553 -26.85 31.59 6.43
CA HIS A 553 -26.55 32.50 5.33
C HIS A 553 -25.29 33.31 5.61
N THR A 554 -25.13 33.80 6.83
CA THR A 554 -23.93 34.58 7.15
C THR A 554 -22.67 33.70 7.10
N LEU A 555 -22.82 32.41 7.39
CA LEU A 555 -21.69 31.49 7.30
C LEU A 555 -21.27 31.27 5.86
N ALA A 556 -22.23 31.08 4.97
CA ALA A 556 -21.91 30.88 3.56
C ALA A 556 -21.17 32.07 3.00
N THR A 557 -21.61 33.29 3.34
CA THR A 557 -20.96 34.46 2.79
C THR A 557 -19.47 34.42 3.09
N LYS A 558 -19.09 33.97 4.28
CA LYS A 558 -17.68 33.92 4.58
C LYS A 558 -17.01 32.73 3.92
N LEU A 559 -17.77 31.66 3.71
CA LEU A 559 -17.28 30.50 2.99
C LEU A 559 -16.95 30.86 1.55
N LEU A 560 -17.86 31.56 0.91
CA LEU A 560 -17.63 31.98 -0.46
C LEU A 560 -16.48 32.97 -0.52
N HIS A 561 -16.50 34.00 0.32
CA HIS A 561 -15.39 34.95 0.33
C HIS A 561 -14.06 34.25 0.55
N LYS A 562 -14.07 33.15 1.30
CA LYS A 562 -12.87 32.37 1.52
C LYS A 562 -12.42 31.67 0.25
N ARG A 563 -13.35 30.98 -0.43
CA ARG A 563 -13.03 30.21 -1.63
C ARG A 563 -12.36 31.09 -2.67
N ILE A 564 -12.82 32.33 -2.78
CA ILE A 564 -12.24 33.29 -3.72
C ILE A 564 -10.84 33.69 -3.28
N HIS A 565 -10.70 34.28 -2.09
CA HIS A 565 -9.42 34.86 -1.72
C HIS A 565 -8.36 33.84 -1.35
N ASP A 566 -8.77 32.63 -0.99
CA ASP A 566 -7.86 31.62 -0.45
C ASP A 566 -7.73 30.39 -1.32
N ASP A 567 -8.82 29.90 -1.92
CA ASP A 567 -8.72 28.76 -2.80
C ASP A 567 -8.61 29.19 -4.25
N ASN A 568 -8.53 30.49 -4.48
CA ASN A 568 -8.49 31.06 -5.82
C ASN A 568 -9.58 30.43 -6.69
N ALA A 569 -10.74 30.23 -6.08
CA ALA A 569 -11.87 29.75 -6.83
C ALA A 569 -12.29 30.81 -7.82
N VAL A 570 -13.01 30.34 -8.84
CA VAL A 570 -13.46 31.18 -9.94
C VAL A 570 -14.97 31.09 -10.01
N VAL A 571 -15.62 32.21 -9.73
CA VAL A 571 -17.06 32.24 -9.55
C VAL A 571 -17.66 33.29 -10.46
N PHE A 572 -18.80 32.96 -11.06
CA PHE A 572 -19.30 33.81 -12.13
C PHE A 572 -20.29 34.85 -11.65
N GLY A 573 -20.24 35.99 -12.33
CA GLY A 573 -21.12 37.11 -12.21
C GLY A 573 -22.51 36.97 -12.80
N ASP A 574 -23.00 38.07 -13.37
CA ASP A 574 -24.35 38.26 -13.88
C ASP A 574 -24.49 37.95 -15.37
N GLY A 575 -25.73 37.67 -15.76
CA GLY A 575 -26.10 37.48 -17.13
C GLY A 575 -25.89 36.07 -17.65
N PHE A 576 -25.32 35.19 -16.84
CA PHE A 576 -24.82 33.93 -17.38
C PHE A 576 -25.91 32.91 -17.69
N ASN A 577 -27.01 32.91 -16.96
CA ASN A 577 -28.06 31.92 -17.22
C ASN A 577 -29.38 32.65 -17.33
N LYS A 578 -29.58 33.28 -18.48
CA LYS A 578 -30.82 33.94 -18.79
C LYS A 578 -31.57 33.17 -19.88
N GLY A 579 -32.89 33.36 -19.89
CA GLY A 579 -33.72 32.74 -20.91
C GLY A 579 -33.70 31.25 -20.90
N LEU A 580 -33.56 30.62 -19.75
CA LEU A 580 -33.71 29.18 -19.68
C LEU A 580 -35.17 28.79 -19.86
N VAL A 581 -35.37 27.53 -20.21
CA VAL A 581 -36.60 27.08 -20.84
C VAL A 581 -37.41 26.27 -19.85
N SER A 582 -38.69 26.62 -19.77
CA SER A 582 -39.68 25.86 -19.05
C SER A 582 -40.88 25.71 -19.96
N LEU A 583 -41.45 24.52 -20.02
CA LEU A 583 -42.65 24.38 -20.80
C LEU A 583 -43.83 24.66 -19.90
N SER A 584 -44.81 25.33 -20.45
CA SER A 584 -46.08 25.52 -19.81
C SER A 584 -47.10 24.70 -20.57
N PRO A 585 -48.24 24.42 -19.97
CA PRO A 585 -49.18 23.50 -20.62
C PRO A 585 -50.24 24.27 -21.41
N ASP A 586 -51.12 23.55 -22.09
CA ASP A 586 -52.03 24.16 -23.04
C ASP A 586 -53.48 23.87 -22.72
N ASP A 587 -54.35 24.54 -23.46
CA ASP A 587 -55.78 24.34 -23.36
C ASP A 587 -56.19 22.95 -23.84
N GLU A 590 -51.27 19.70 -22.11
CA GLU A 590 -50.08 19.27 -22.83
C GLU A 590 -48.98 20.31 -22.69
N LEU A 591 -47.84 19.92 -22.12
CA LEU A 591 -46.68 20.82 -21.98
C LEU A 591 -46.06 21.18 -23.34
N CYS A 592 -46.44 22.35 -23.86
CA CYS A 592 -46.10 22.75 -25.21
C CYS A 592 -45.78 24.24 -25.32
N ILE A 593 -45.82 24.99 -24.23
CA ILE A 593 -45.67 26.44 -24.25
C ILE A 593 -44.37 26.80 -23.55
N PRO A 594 -43.41 27.34 -24.26
CA PRO A 594 -42.14 27.65 -23.63
C PRO A 594 -42.24 28.97 -22.91
N THR A 595 -41.72 28.99 -21.70
CA THR A 595 -41.59 30.21 -20.93
C THR A 595 -40.17 30.29 -20.44
N PHE A 596 -39.67 31.49 -20.31
CA PHE A 596 -38.25 31.70 -20.15
C PHE A 596 -37.97 32.37 -18.84
N TYR A 597 -36.82 32.04 -18.30
CA TYR A 597 -36.48 32.58 -17.01
C TYR A 597 -34.97 32.63 -16.87
N ASP A 598 -34.56 33.38 -15.87
CA ASP A 598 -33.18 33.42 -15.47
C ASP A 598 -33.01 32.50 -14.29
N GLN A 599 -31.87 31.82 -14.23
CA GLN A 599 -31.50 31.10 -13.03
C GLN A 599 -31.18 32.14 -11.97
N SER A 600 -31.74 31.96 -10.78
CA SER A 600 -31.59 32.97 -9.76
C SER A 600 -30.33 32.72 -8.94
N GLN A 601 -29.60 33.79 -8.67
CA GLN A 601 -28.52 33.79 -7.69
C GLN A 601 -29.02 34.66 -6.52
N THR A 602 -29.40 34.00 -5.44
CA THR A 602 -30.07 34.65 -4.33
C THR A 602 -29.43 34.21 -3.02
N LYS A 603 -30.00 34.73 -1.92
CA LYS A 603 -29.50 34.38 -0.59
C LYS A 603 -29.65 32.89 -0.33
N SER A 604 -30.79 32.28 -0.69
CA SER A 604 -30.96 30.85 -0.43
C SER A 604 -30.08 29.99 -1.34
N THR A 605 -30.02 30.28 -2.65
CA THR A 605 -29.12 29.53 -3.52
C THR A 605 -27.69 29.63 -3.02
N LEU A 606 -27.27 30.85 -2.68
CA LEU A 606 -25.92 31.03 -2.16
C LEU A 606 -25.72 30.16 -0.93
N LEU A 607 -26.71 30.14 -0.06
CA LEU A 607 -26.62 29.36 1.15
C LEU A 607 -26.42 27.89 0.82
N VAL A 608 -27.35 27.33 0.06
CA VAL A 608 -27.31 25.90 -0.23
C VAL A 608 -26.03 25.57 -0.96
N SER A 609 -25.72 26.32 -2.00
CA SER A 609 -24.60 25.96 -2.85
C SER A 609 -23.31 25.91 -2.04
N GLU A 610 -23.08 26.92 -1.20
CA GLU A 610 -21.80 26.98 -0.51
C GLU A 610 -21.55 25.75 0.33
N PHE A 611 -22.61 25.18 0.86
CA PHE A 611 -22.45 24.06 1.74
C PHE A 611 -22.20 22.76 0.99
N ILE A 613 -20.86 22.40 -2.06
CA ILE A 613 -19.46 22.58 -2.42
C ILE A 613 -18.55 22.13 -1.29
N LEU A 614 -18.84 22.60 -0.09
CA LEU A 614 -17.94 22.31 1.00
C LEU A 614 -18.00 20.84 1.36
N THR A 615 -19.21 20.30 1.49
CA THR A 615 -19.39 18.88 1.75
C THR A 615 -18.64 18.03 0.76
N ASN A 616 -18.74 18.38 -0.52
CA ASN A 616 -18.11 17.59 -1.54
C ASN A 616 -16.60 17.73 -1.47
N LYS A 617 -16.11 18.94 -1.13
CA LYS A 617 -14.67 19.11 -0.95
C LYS A 617 -14.17 18.23 0.17
N LEU A 618 -14.91 18.12 1.26
CA LEU A 618 -14.40 17.39 2.42
C LEU A 618 -14.37 15.90 2.18
N CYS A 619 -15.36 15.33 1.48
CA CYS A 619 -15.29 13.90 1.21
C CYS A 619 -14.12 13.56 0.32
N ALA A 620 -13.69 14.51 -0.49
CA ALA A 620 -12.43 14.33 -1.20
C ALA A 620 -11.33 14.00 -0.20
N ALA A 621 -11.17 14.87 0.80
CA ALA A 621 -10.14 14.65 1.82
C ALA A 621 -10.33 13.31 2.48
N PHE A 622 -11.57 12.98 2.81
CA PHE A 622 -11.86 11.77 3.56
C PHE A 622 -11.50 10.53 2.76
N PHE A 623 -11.91 10.48 1.49
CA PHE A 623 -11.64 9.31 0.68
C PHE A 623 -10.14 9.10 0.49
N GLN A 624 -9.40 10.20 0.34
CA GLN A 624 -7.98 10.10 0.12
C GLN A 624 -7.26 9.63 1.38
N GLU A 625 -7.55 10.26 2.54
CA GLU A 625 -6.88 9.92 3.78
C GLU A 625 -7.12 8.48 4.13
N ASN A 626 -8.34 8.00 3.94
CA ASN A 626 -8.68 6.61 4.20
C ASN A 626 -8.43 5.68 3.03
N LYS A 627 -7.78 6.16 1.95
CA LYS A 627 -7.42 5.34 0.80
C LYS A 627 -8.66 4.61 0.26
N ILE A 628 -9.69 5.38 -0.04
CA ILE A 628 -10.94 4.86 -0.57
C ILE A 628 -11.04 5.19 -2.06
N PRO A 629 -11.38 4.23 -2.91
CA PRO A 629 -11.67 4.52 -4.31
C PRO A 629 -12.96 5.30 -4.44
N GLY A 630 -12.87 6.45 -5.13
CA GLY A 630 -14.03 7.29 -5.34
C GLY A 630 -14.00 7.91 -6.72
N VAL A 631 -15.17 8.40 -7.13
CA VAL A 631 -15.35 9.10 -8.39
C VAL A 631 -15.26 10.59 -8.13
N TYR A 632 -14.20 11.21 -8.60
CA TYR A 632 -13.99 12.62 -8.37
C TYR A 632 -14.50 13.40 -9.57
N ARG A 633 -14.61 14.71 -9.41
CA ARG A 633 -14.97 15.60 -10.49
C ARG A 633 -13.85 16.62 -10.56
N CYS A 634 -13.22 16.75 -11.73
CA CYS A 634 -11.96 17.48 -11.87
C CYS A 634 -12.12 18.52 -12.95
N TYR A 635 -11.16 19.44 -12.97
CA TYR A 635 -11.15 20.48 -13.99
C TYR A 635 -9.70 20.89 -14.15
N ASN A 636 -9.18 20.79 -15.38
CA ASN A 636 -7.77 21.05 -15.65
C ASN A 636 -7.54 22.46 -16.14
N GLY A 637 -8.38 22.94 -17.02
CA GLY A 637 -8.09 24.18 -17.66
C GLY A 637 -7.34 23.87 -18.93
N LEU A 638 -6.86 24.93 -19.56
CA LEU A 638 -6.19 24.82 -20.85
C LEU A 638 -4.73 25.23 -20.77
N ASN A 639 -3.95 24.66 -21.69
CA ASN A 639 -2.61 25.16 -21.94
C ASN A 639 -2.75 26.38 -22.83
N LEU A 640 -2.32 27.56 -22.35
CA LEU A 640 -2.59 28.81 -23.04
C LEU A 640 -1.32 29.60 -23.36
N GLY A 641 -1.39 30.41 -24.43
CA GLY A 641 -0.28 31.26 -24.78
C GLY A 641 -0.05 32.33 -23.74
N ASN A 642 1.16 32.86 -23.74
CA ASN A 642 1.55 33.77 -22.66
C ASN A 642 0.71 35.03 -22.68
N GLN A 643 0.45 35.57 -23.87
CA GLN A 643 -0.36 36.77 -23.96
C GLN A 643 -1.80 36.46 -23.58
N ALA A 644 -2.31 35.29 -23.97
CA ALA A 644 -3.66 34.93 -23.55
C ALA A 644 -3.70 34.65 -22.06
N LYS A 645 -2.67 34.01 -21.51
CA LYS A 645 -2.73 33.68 -20.08
C LYS A 645 -2.82 34.94 -19.24
N ALA A 646 -2.34 36.07 -19.77
CA ALA A 646 -2.45 37.35 -19.09
C ALA A 646 -3.86 37.94 -19.24
N GLN A 647 -4.48 37.79 -20.41
CA GLN A 647 -5.86 38.23 -20.54
C GLN A 647 -6.74 37.48 -19.58
N PHE A 648 -6.44 36.20 -19.38
CA PHE A 648 -7.18 35.38 -18.44
C PHE A 648 -6.87 35.76 -17.00
N GLU A 649 -5.59 35.87 -16.67
CA GLU A 649 -5.20 36.19 -15.31
C GLU A 649 -5.68 37.56 -14.91
N LEU A 650 -5.75 38.49 -15.86
CA LEU A 650 -6.24 39.81 -15.51
C LEU A 650 -7.67 39.74 -15.01
N LEU A 651 -8.44 38.81 -15.52
CA LEU A 651 -9.80 38.70 -15.02
C LEU A 651 -9.85 38.02 -13.66
N LYS A 652 -8.89 37.13 -13.35
CA LYS A 652 -8.93 36.35 -12.12
C LYS A 652 -8.62 37.20 -10.89
N GLU A 653 -7.85 38.28 -11.06
CA GLU A 653 -7.66 39.21 -9.96
C GLU A 653 -8.88 40.08 -9.76
N ASN A 654 -9.66 40.33 -10.83
CA ASN A 654 -10.87 41.12 -10.67
C ASN A 654 -11.87 40.47 -9.73
N ILE A 655 -11.81 39.15 -9.56
CA ILE A 655 -12.82 38.54 -8.71
C ILE A 655 -12.45 38.72 -7.25
N LYS A 656 -11.14 38.68 -6.93
CA LYS A 656 -10.66 39.03 -5.59
C LYS A 656 -11.06 40.46 -5.22
N LEU A 657 -10.95 41.38 -6.17
CA LEU A 657 -11.12 42.81 -5.95
C LEU A 657 -12.58 43.21 -5.82
N GLY A 658 -13.51 42.43 -6.35
CA GLY A 658 -14.88 42.76 -6.10
C GLY A 658 -15.72 42.74 -7.35
N LYS A 659 -15.14 43.04 -8.51
CA LYS A 659 -15.92 42.96 -9.73
C LYS A 659 -15.90 41.51 -10.22
N LEU A 660 -17.08 40.95 -10.44
CA LEU A 660 -17.08 39.62 -11.05
C LEU A 660 -17.40 39.75 -12.53
N PRO A 661 -17.01 38.77 -13.34
CA PRO A 661 -17.07 38.97 -14.80
C PRO A 661 -18.50 39.11 -15.34
N SER A 662 -18.66 39.96 -16.36
CA SER A 662 -19.88 40.03 -17.14
C SER A 662 -19.84 38.97 -18.24
N LEU A 663 -21.01 38.61 -18.79
CA LEU A 663 -20.97 37.61 -19.84
C LEU A 663 -20.32 38.17 -21.11
N LYS A 664 -20.45 39.48 -21.37
CA LYS A 664 -19.64 40.10 -22.40
C LYS A 664 -18.16 39.85 -22.11
N ASP A 665 -17.77 40.05 -20.85
CA ASP A 665 -16.41 39.78 -20.40
C ASP A 665 -16.09 38.29 -20.47
N ILE A 666 -17.08 37.44 -20.15
CA ILE A 666 -16.90 36.00 -20.19
C ILE A 666 -16.79 35.50 -21.62
N THR A 667 -17.49 36.14 -22.56
CA THR A 667 -17.42 35.69 -23.94
C THR A 667 -15.98 35.71 -24.39
N LYS A 668 -15.32 36.83 -24.13
CA LYS A 668 -13.92 36.94 -24.43
C LYS A 668 -13.13 35.90 -23.64
N ILE A 669 -13.52 35.65 -22.40
CA ILE A 669 -12.81 34.65 -21.61
C ILE A 669 -13.23 33.24 -22.02
N SER A 670 -14.48 33.06 -22.50
CA SER A 670 -15.02 31.73 -22.80
C SER A 670 -14.15 30.98 -23.78
N SER A 671 -13.39 31.70 -24.60
CA SER A 671 -12.50 31.09 -25.56
C SER A 671 -11.28 30.47 -24.89
N GLN A 672 -11.17 30.58 -23.55
CA GLN A 672 -10.05 30.04 -22.77
C GLN A 672 -10.48 29.10 -21.65
N LEU A 673 -11.67 28.54 -21.69
CA LEU A 673 -12.11 27.64 -20.64
C LEU A 673 -12.27 26.22 -21.12
N SER A 674 -12.07 25.29 -20.18
CA SER A 674 -12.26 23.86 -20.35
C SER A 674 -13.65 23.47 -19.82
N SER A 675 -13.87 22.18 -19.59
CA SER A 675 -15.06 21.68 -18.93
C SER A 675 -14.61 20.68 -17.88
N SER A 676 -15.53 20.36 -16.98
CA SER A 676 -15.22 19.48 -15.88
C SER A 676 -15.51 18.04 -16.29
N PHE A 677 -14.78 17.12 -15.66
CA PHE A 677 -14.87 15.73 -16.03
C PHE A 677 -14.70 14.87 -14.79
N TYR A 678 -15.32 13.69 -14.83
CA TYR A 678 -15.18 12.70 -13.78
C TYR A 678 -13.88 11.92 -13.93
N SER A 679 -13.34 11.51 -12.80
CA SER A 679 -12.04 10.87 -12.71
C SER A 679 -12.06 9.82 -11.63
N PRO A 680 -11.33 8.73 -11.81
CA PRO A 680 -11.25 7.71 -10.76
C PRO A 680 -10.19 7.99 -9.71
N PHE A 681 -9.48 9.10 -9.81
CA PHE A 681 -8.51 9.45 -8.80
C PHE A 681 -8.49 10.95 -8.63
N PRO A 682 -8.07 11.45 -7.47
CA PRO A 682 -8.16 12.88 -7.17
C PRO A 682 -7.33 13.72 -8.13
N LEU A 683 -7.95 14.79 -8.61
CA LEU A 683 -7.30 15.82 -9.39
C LEU A 683 -7.97 17.11 -9.00
N PRO A 684 -7.24 18.22 -8.99
CA PRO A 684 -7.87 19.48 -8.59
C PRO A 684 -9.04 19.83 -9.52
N HIS A 685 -10.13 20.27 -8.90
CA HIS A 685 -11.20 20.96 -9.62
C HIS A 685 -10.83 22.42 -9.46
N LYS A 686 -10.06 22.92 -10.42
CA LYS A 686 -9.37 24.20 -10.31
C LYS A 686 -10.29 25.40 -10.36
N ILE A 688 -13.48 25.42 -8.41
CA ILE A 688 -14.02 25.44 -7.06
C ILE A 688 -12.94 25.86 -6.08
N GLY A 689 -11.70 25.53 -6.38
CA GLY A 689 -10.61 25.89 -5.52
C GLY A 689 -9.32 25.34 -6.06
N ASN A 690 -8.50 24.80 -5.18
CA ASN A 690 -7.22 24.24 -5.59
C ASN A 690 -7.13 22.82 -5.09
N THR A 691 -8.27 22.17 -4.92
CA THR A 691 -8.26 20.89 -4.26
C THR A 691 -9.22 19.92 -4.94
N ALA A 692 -9.06 18.65 -4.62
CA ALA A 692 -9.94 17.60 -5.11
C ALA A 692 -11.40 17.88 -4.73
N TYR A 693 -12.32 17.22 -5.45
CA TYR A 693 -13.76 17.45 -5.30
C TYR A 693 -14.48 16.14 -5.60
N LEU A 694 -15.26 15.64 -4.65
CA LEU A 694 -15.90 14.34 -4.79
C LEU A 694 -17.36 14.49 -4.41
N THR A 695 -18.26 14.26 -5.37
CA THR A 695 -19.65 14.64 -5.21
C THR A 695 -20.42 13.52 -4.52
N VAL A 696 -21.08 13.87 -3.41
CA VAL A 696 -21.81 12.91 -2.58
C VAL A 696 -23.21 13.45 -2.26
N THR A 697 -23.45 14.71 -2.57
CA THR A 697 -24.67 15.38 -2.17
C THR A 697 -25.90 14.96 -2.95
N SER A 698 -25.75 14.26 -4.07
CA SER A 698 -26.89 13.92 -4.92
C SER A 698 -26.85 12.46 -5.36
N PRO A 699 -26.93 11.53 -4.42
CA PRO A 699 -26.84 10.12 -4.79
C PRO A 699 -28.04 9.57 -5.55
N ARG A 701 -29.52 11.02 -8.24
CA ARG A 701 -29.60 11.63 -9.54
C ARG A 701 -28.24 11.76 -10.19
N ARG A 702 -27.17 11.34 -9.52
CA ARG A 702 -25.83 11.24 -10.07
C ARG A 702 -25.22 9.92 -9.65
N GLY A 703 -24.85 9.09 -10.62
CA GLY A 703 -24.16 7.84 -10.40
C GLY A 703 -22.83 7.95 -9.67
N PRO A 704 -22.00 8.95 -9.98
CA PRO A 704 -20.79 9.14 -9.15
C PRO A 704 -21.11 9.26 -7.66
N ASP A 705 -22.09 10.11 -7.31
CA ASP A 705 -22.44 10.21 -5.89
C ASP A 705 -22.94 8.88 -5.39
N LEU A 706 -23.79 8.23 -6.16
CA LEU A 706 -24.37 6.96 -5.72
C LEU A 706 -23.31 5.93 -5.43
N ILE A 707 -22.23 5.92 -6.20
CA ILE A 707 -21.16 4.94 -5.97
C ILE A 707 -20.32 5.32 -4.77
N ASN A 708 -20.02 6.60 -4.61
CA ASN A 708 -19.34 7.09 -3.42
C ASN A 708 -20.09 6.67 -2.14
N HIS A 709 -21.42 6.57 -2.20
CA HIS A 709 -22.21 6.17 -1.03
C HIS A 709 -22.01 4.70 -0.69
N LEU A 710 -22.03 3.81 -1.70
CA LEU A 710 -21.83 2.39 -1.42
C LEU A 710 -20.46 2.16 -0.84
N GLN A 711 -19.48 2.94 -1.26
CA GLN A 711 -18.18 2.81 -0.63
C GLN A 711 -18.25 3.22 0.82
N LEU A 712 -19.09 4.19 1.13
CA LEU A 712 -19.23 4.64 2.50
C LEU A 712 -19.91 3.57 3.34
N HIS A 713 -21.04 3.05 2.87
CA HIS A 713 -21.70 1.99 3.62
C HIS A 713 -20.72 0.88 3.98
N ARG A 714 -19.92 0.46 3.01
CA ARG A 714 -18.98 -0.61 3.29
C ARG A 714 -17.99 -0.18 4.36
N PHE A 715 -17.46 1.01 4.20
CA PHE A 715 -16.38 1.46 5.07
C PHE A 715 -16.86 1.69 6.48
N LEU A 716 -17.96 2.41 6.62
CA LEU A 716 -18.45 2.73 7.94
C LEU A 716 -18.81 1.47 8.73
N LYS A 717 -19.32 0.43 8.06
CA LYS A 717 -19.51 -0.86 8.71
C LYS A 717 -18.29 -1.76 8.58
N LYS A 718 -17.11 -1.15 8.34
CA LYS A 718 -15.82 -1.84 8.28
C LYS A 718 -15.90 -3.14 7.48
N LEU A 719 -16.66 -3.12 6.42
CA LEU A 719 -16.75 -4.27 5.54
C LEU A 719 -15.71 -4.18 4.46
N PRO A 720 -15.51 -5.25 3.71
CA PRO A 720 -14.75 -5.14 2.48
C PRO A 720 -15.45 -4.14 1.58
N LEU A 721 -14.68 -3.27 0.95
CA LEU A 721 -15.26 -2.24 0.11
C LEU A 721 -15.95 -2.84 -1.10
N CYS A 722 -16.91 -2.08 -1.63
CA CYS A 722 -17.72 -2.57 -2.74
C CYS A 722 -16.94 -2.63 -4.04
N PHE A 723 -16.12 -1.62 -4.30
CA PHE A 723 -15.42 -1.48 -5.56
C PHE A 723 -13.94 -1.42 -5.30
N LYS A 724 -13.19 -2.30 -5.96
CA LYS A 724 -11.76 -2.08 -6.11
C LYS A 724 -11.55 -0.94 -7.12
N GLN A 725 -10.34 -0.37 -7.14
CA GLN A 725 -10.06 0.78 -7.99
C GLN A 725 -10.25 0.48 -9.47
N GLU A 726 -10.02 -0.76 -9.88
CA GLU A 726 -10.13 -1.15 -11.28
C GLU A 726 -11.55 -1.09 -11.78
N TYR A 727 -12.48 -1.70 -11.05
CA TYR A 727 -13.87 -1.59 -11.45
C TYR A 727 -14.29 -0.13 -11.62
N LEU A 728 -13.54 0.79 -11.01
CA LEU A 728 -13.92 2.20 -11.05
C LEU A 728 -13.71 2.80 -12.43
N ASP A 729 -12.54 2.58 -13.03
CA ASP A 729 -12.24 3.22 -14.32
C ASP A 729 -13.30 2.88 -15.35
N GLN A 730 -13.79 1.64 -15.32
CA GLN A 730 -14.84 1.22 -16.25
C GLN A 730 -16.11 2.04 -16.06
N TYR A 731 -16.49 2.30 -14.81
CA TYR A 731 -17.72 3.04 -14.57
C TYR A 731 -17.57 4.51 -14.88
N VAL A 732 -16.43 5.09 -14.51
CA VAL A 732 -16.21 6.50 -14.80
C VAL A 732 -16.32 6.75 -16.29
N TRP A 733 -15.82 5.80 -17.08
CA TRP A 733 -16.03 5.94 -18.51
C TRP A 733 -17.50 5.86 -18.85
N SER A 734 -18.22 4.92 -18.24
CA SER A 734 -19.64 4.80 -18.53
C SER A 734 -20.36 6.09 -18.16
N PHE A 735 -19.98 6.69 -17.03
CA PHE A 735 -20.63 7.89 -16.54
C PHE A 735 -20.32 9.09 -17.40
N GLN A 736 -19.04 9.29 -17.69
CA GLN A 736 -18.68 10.45 -18.50
C GLN A 736 -19.37 10.39 -19.84
N ALA A 737 -19.45 9.20 -20.44
CA ALA A 737 -20.23 9.03 -21.66
C ALA A 737 -21.63 9.58 -21.49
N ARG A 738 -22.36 9.05 -20.51
CA ARG A 738 -23.75 9.46 -20.34
C ARG A 738 -23.84 10.91 -19.93
N ALA A 739 -22.81 11.41 -19.26
CA ALA A 739 -22.83 12.82 -18.91
C ALA A 739 -22.78 13.66 -20.17
N ASP A 740 -21.94 13.28 -21.11
CA ASP A 740 -21.78 14.07 -22.32
C ASP A 740 -23.04 14.10 -23.15
N ILE A 741 -23.57 12.91 -23.45
CA ILE A 741 -24.84 12.80 -24.16
C ILE A 741 -25.89 13.73 -23.57
N LEU A 742 -25.99 13.78 -22.22
CA LEU A 742 -27.04 14.57 -21.59
C LEU A 742 -26.80 16.07 -21.76
N LYS A 743 -25.55 16.54 -21.59
CA LYS A 743 -25.27 17.95 -21.86
C LYS A 743 -25.77 18.32 -23.26
N ILE A 744 -25.48 17.46 -24.22
CA ILE A 744 -25.81 17.69 -25.62
C ILE A 744 -27.33 17.79 -25.79
N PHE A 745 -28.02 16.75 -25.37
CA PHE A 745 -29.45 16.74 -25.61
C PHE A 745 -30.18 17.75 -24.72
N GLN A 746 -29.62 18.10 -23.56
CA GLN A 746 -30.19 19.23 -22.86
C GLN A 746 -30.11 20.47 -23.73
N ARG A 747 -28.92 20.79 -24.25
CA ARG A 747 -28.77 21.95 -25.13
C ARG A 747 -29.66 21.81 -26.35
N HIS A 748 -29.76 20.60 -26.89
CA HIS A 748 -30.46 20.52 -28.17
C HIS A 748 -31.95 20.79 -27.99
N SER A 749 -32.58 20.18 -26.98
CA SER A 749 -34.00 20.39 -26.76
C SER A 749 -34.33 21.82 -26.38
N SER A 750 -33.56 22.40 -25.46
CA SER A 750 -33.85 23.75 -25.04
C SER A 750 -33.69 24.71 -26.19
N THR A 751 -32.63 24.54 -26.97
CA THR A 751 -32.50 25.26 -28.24
C THR A 751 -33.74 25.10 -29.10
N TYR A 752 -34.21 23.87 -29.28
CA TYR A 752 -35.39 23.66 -30.10
C TYR A 752 -36.50 24.56 -29.64
N TRP A 753 -36.67 24.66 -28.31
CA TRP A 753 -37.77 25.45 -27.75
C TRP A 753 -37.47 26.94 -27.75
N THR A 754 -36.23 27.35 -27.44
CA THR A 754 -35.88 28.75 -27.64
C THR A 754 -36.28 29.21 -29.02
N LEU A 755 -35.87 28.44 -30.05
CA LEU A 755 -36.11 28.84 -31.43
C LEU A 755 -37.59 28.77 -31.81
N LYS A 756 -38.28 27.69 -31.39
CA LYS A 756 -39.69 27.56 -31.72
C LYS A 756 -40.48 28.74 -31.19
N HIS A 757 -40.01 29.34 -30.11
CA HIS A 757 -40.63 30.55 -29.59
C HIS A 757 -40.30 31.76 -30.44
N LEU A 758 -39.02 31.90 -30.80
CA LEU A 758 -38.62 33.01 -31.66
C LEU A 758 -39.38 32.98 -32.97
N GLU A 759 -39.76 31.77 -33.39
CA GLU A 759 -40.62 31.63 -34.56
C GLU A 759 -42.02 32.13 -34.26
N GLN A 760 -42.63 31.67 -33.17
CA GLN A 760 -43.97 32.10 -32.86
C GLN A 760 -44.02 33.61 -32.60
N SER A 761 -42.96 34.19 -32.06
CA SER A 761 -42.99 35.61 -31.68
C SER A 761 -42.76 36.55 -32.85
N GLY A 762 -42.27 36.06 -33.99
CA GLY A 762 -42.04 36.90 -35.14
C GLY A 762 -40.95 37.93 -34.96
N LYS A 764 -37.75 39.64 -36.19
CA LYS A 764 -36.94 40.15 -37.30
C LYS A 764 -35.70 40.95 -36.84
N THR A 765 -35.77 41.59 -35.66
CA THR A 765 -34.65 42.36 -35.11
C THR A 765 -34.36 42.01 -33.65
N HIS A 766 -33.06 41.92 -33.32
CA HIS A 766 -32.60 41.61 -31.98
C HIS A 766 -31.12 41.95 -31.88
N ASP A 767 -30.66 42.24 -30.66
CA ASP A 767 -29.26 42.55 -30.40
C ASP A 767 -28.48 41.29 -30.05
N VAL A 768 -27.21 41.22 -30.49
CA VAL A 768 -26.39 40.02 -30.36
C VAL A 768 -24.95 40.34 -29.96
N ILE A 769 -24.25 39.32 -29.48
CA ILE A 769 -22.85 39.43 -29.10
C ILE A 769 -22.02 38.43 -29.90
N VAL A 770 -20.94 38.91 -30.49
CA VAL A 770 -20.09 38.10 -31.36
C VAL A 770 -19.27 37.14 -30.52
N THR A 771 -19.19 35.89 -30.96
CA THR A 771 -18.54 34.84 -30.21
C THR A 771 -17.50 34.05 -30.98
N SER A 772 -17.19 34.41 -32.22
CA SER A 772 -16.20 33.67 -32.99
C SER A 772 -15.52 34.59 -33.98
N VAL A 773 -14.39 34.12 -34.48
CA VAL A 773 -13.67 34.76 -35.58
C VAL A 773 -14.40 34.47 -36.89
N PRO A 774 -14.32 35.35 -37.87
CA PRO A 774 -15.01 35.06 -39.15
C PRO A 774 -14.37 33.87 -39.84
N GLN A 775 -15.20 32.91 -40.20
CA GLN A 775 -14.78 31.78 -41.02
C GLN A 775 -15.74 31.79 -42.20
N ASN A 776 -15.21 32.11 -43.38
CA ASN A 776 -16.00 32.38 -44.60
C ASN A 776 -16.84 33.64 -44.46
N GLY A 777 -16.28 34.68 -43.86
CA GLY A 777 -16.99 35.93 -43.77
C GLY A 777 -18.14 35.92 -42.81
N THR A 778 -18.20 34.92 -41.93
CA THR A 778 -19.31 34.72 -41.01
C THR A 778 -18.82 34.42 -39.61
N VAL A 779 -19.52 35.01 -38.64
CA VAL A 779 -19.20 34.87 -37.23
C VAL A 779 -20.30 34.08 -36.55
N ASN A 780 -19.94 33.51 -35.41
CA ASN A 780 -20.93 32.98 -34.50
C ASN A 780 -21.35 34.05 -33.51
N CYS A 781 -22.59 33.95 -33.04
CA CYS A 781 -23.11 34.93 -32.11
C CYS A 781 -24.10 34.27 -31.15
N LEU A 782 -24.52 35.03 -30.14
CA LEU A 782 -25.54 34.57 -29.21
C LEU A 782 -26.45 35.71 -28.82
N PHE A 783 -27.60 35.34 -28.27
CA PHE A 783 -28.50 36.35 -27.72
C PHE A 783 -28.23 36.56 -26.25
N PRO A 784 -28.02 37.79 -25.82
CA PRO A 784 -27.94 38.03 -24.39
C PRO A 784 -29.23 37.63 -23.71
N GLU A 785 -30.37 37.90 -24.35
CA GLU A 785 -31.62 37.59 -23.68
C GLU A 785 -31.85 36.09 -23.56
N TYR A 786 -31.22 35.27 -24.40
CA TYR A 786 -31.46 33.84 -24.41
C TYR A 786 -30.17 33.07 -24.45
N SER A 787 -30.07 32.05 -23.60
CA SER A 787 -28.84 31.27 -23.56
C SER A 787 -28.73 30.28 -24.72
N TYR A 788 -29.85 29.72 -25.19
CA TYR A 788 -29.84 28.66 -26.18
C TYR A 788 -30.24 29.12 -27.55
N ALA A 789 -30.25 30.42 -27.77
CA ALA A 789 -30.42 30.99 -29.08
C ALA A 789 -29.01 31.37 -29.53
N ARG A 790 -28.30 30.42 -30.10
CA ARG A 790 -27.00 30.65 -30.72
C ARG A 790 -27.13 30.51 -32.24
N GLY A 791 -26.59 31.48 -32.97
CA GLY A 791 -26.68 31.45 -34.41
C GLY A 791 -25.41 31.84 -35.15
N THR A 792 -25.57 32.21 -36.43
CA THR A 792 -24.48 32.71 -37.27
C THR A 792 -24.93 33.96 -38.01
N LEU A 793 -24.01 34.92 -38.19
CA LEU A 793 -24.29 36.19 -38.87
C LEU A 793 -23.39 36.36 -40.08
N LYS A 794 -23.98 36.77 -41.21
CA LYS A 794 -23.20 37.05 -42.43
C LYS A 794 -22.69 38.47 -42.34
N LEU A 795 -21.38 38.61 -42.21
CA LEU A 795 -20.78 39.92 -42.05
C LEU A 795 -20.97 40.76 -43.31
N ASP A 796 -21.25 42.05 -43.10
CA ASP A 796 -21.34 43.02 -44.20
C ASP A 796 -19.95 43.23 -44.80
N PRO A 797 -19.73 42.91 -46.09
CA PRO A 797 -18.38 43.08 -46.68
C PRO A 797 -17.91 44.52 -46.78
N ALA A 798 -18.83 45.49 -46.66
CA ALA A 798 -18.49 46.91 -46.76
C ALA A 798 -17.44 47.32 -45.73
N ILE A 802 -14.09 44.38 -39.54
CA ILE A 802 -14.35 43.10 -38.88
C ILE A 802 -14.43 43.25 -37.35
N PRO A 803 -15.42 42.62 -36.71
CA PRO A 803 -15.63 42.79 -35.27
C PRO A 803 -14.98 41.70 -34.43
N ARG A 804 -14.52 42.10 -33.24
CA ARG A 804 -13.89 41.19 -32.30
C ARG A 804 -14.93 40.40 -31.50
N ILE A 805 -14.44 39.37 -30.81
CA ILE A 805 -15.29 38.57 -29.94
C ILE A 805 -15.75 39.40 -28.75
N GLY A 806 -16.97 39.14 -28.29
CA GLY A 806 -17.51 39.90 -27.19
C GLY A 806 -18.10 41.21 -27.62
N ASP A 807 -18.05 41.52 -28.91
CA ASP A 807 -18.63 42.75 -29.42
C ASP A 807 -20.14 42.59 -29.55
N THR A 808 -20.85 43.69 -29.37
CA THR A 808 -22.29 43.69 -29.44
C THR A 808 -22.73 44.26 -30.77
N ILE A 809 -23.77 43.66 -31.35
CA ILE A 809 -24.38 44.18 -32.56
C ILE A 809 -25.89 44.28 -32.36
N ARG A 810 -26.42 45.51 -32.40
CA ARG A 810 -27.72 45.80 -31.80
C ARG A 810 -28.91 45.59 -32.76
N HIS A 811 -28.76 45.87 -34.05
CA HIS A 811 -29.87 45.76 -35.01
C HIS A 811 -29.48 44.73 -36.08
N CYS A 812 -30.18 43.59 -36.06
CA CYS A 812 -29.81 42.45 -36.89
C CYS A 812 -31.03 41.82 -37.55
N LYS A 813 -30.87 41.41 -38.82
CA LYS A 813 -31.96 40.85 -39.63
C LYS A 813 -31.95 39.33 -39.62
N VAL A 814 -33.13 38.74 -39.39
CA VAL A 814 -33.30 37.29 -39.31
C VAL A 814 -33.44 36.67 -40.69
N GLU A 815 -32.51 35.81 -41.06
CA GLU A 815 -32.70 35.15 -42.35
C GLU A 815 -33.59 33.91 -42.19
N SER A 816 -33.09 32.91 -41.48
CA SER A 816 -33.72 31.60 -41.42
C SER A 816 -33.67 31.04 -40.01
N ILE A 817 -34.61 30.16 -39.71
CA ILE A 817 -34.68 29.49 -38.42
C ILE A 817 -35.03 28.03 -38.61
N HIS A 818 -34.16 27.13 -38.17
CA HIS A 818 -34.48 25.71 -38.21
C HIS A 818 -34.30 25.09 -36.84
N PRO A 819 -35.40 24.99 -36.08
CA PRO A 819 -35.31 24.58 -34.67
C PRO A 819 -34.80 23.17 -34.46
N LEU A 820 -35.37 22.18 -35.13
CA LEU A 820 -34.92 20.81 -34.94
C LEU A 820 -33.46 20.64 -35.31
N ASP A 821 -32.91 21.59 -36.07
CA ASP A 821 -31.53 21.53 -36.52
C ASP A 821 -30.61 22.41 -35.69
N GLY A 822 -31.16 23.38 -34.96
CA GLY A 822 -30.34 24.29 -34.19
C GLY A 822 -29.74 25.38 -35.03
N ILE A 823 -30.38 25.75 -36.13
CA ILE A 823 -29.81 26.67 -37.08
C ILE A 823 -30.50 28.00 -36.90
N LEU A 824 -29.69 29.04 -36.87
CA LEU A 824 -30.21 30.39 -36.74
C LEU A 824 -29.26 31.29 -37.52
N THR A 825 -29.80 32.02 -38.49
CA THR A 825 -28.98 32.76 -39.44
C THR A 825 -29.48 34.21 -39.51
N LEU A 826 -28.54 35.13 -39.76
CA LEU A 826 -28.86 36.55 -39.67
C LEU A 826 -28.04 37.36 -40.66
N THR A 827 -28.45 38.63 -40.87
CA THR A 827 -27.72 39.53 -41.76
C THR A 827 -27.47 40.91 -41.13
N HIS A 828 -26.34 41.52 -41.54
CA HIS A 828 -25.96 42.89 -41.17
C HIS A 828 -25.65 43.70 -42.41
N HIS B 9 -12.92 16.40 17.62
CA HIS B 9 -12.78 15.38 18.64
C HIS B 9 -12.29 14.03 18.10
N ARG B 10 -11.72 14.01 16.89
CA ARG B 10 -11.15 12.76 16.37
C ARG B 10 -9.88 12.38 17.13
N GLY B 11 -9.18 13.36 17.70
CA GLY B 11 -8.05 13.04 18.56
C GLY B 11 -8.45 12.36 19.84
N ASN B 12 -9.53 12.84 20.48
CA ASN B 12 -10.00 12.22 21.73
C ASN B 12 -10.59 10.83 21.49
N GLU B 14 -9.63 8.73 19.15
CA GLU B 14 -8.47 7.87 18.89
C GLU B 14 -7.62 7.66 20.14
N GLN B 15 -7.45 8.70 20.98
CA GLN B 15 -6.74 8.55 22.24
C GLN B 15 -7.48 7.62 23.19
N TYR B 16 -8.83 7.63 23.13
CA TYR B 16 -9.64 6.70 23.93
C TYR B 16 -9.61 5.30 23.32
N GLN B 17 -9.51 5.19 21.99
CA GLN B 17 -9.36 3.87 21.37
C GLN B 17 -7.97 3.29 21.65
N LYS B 18 -6.93 4.12 21.62
CA LYS B 18 -5.65 3.69 22.15
C LYS B 18 -5.60 3.71 23.68
N ALA B 19 -6.67 4.18 24.34
CA ALA B 19 -6.69 4.14 25.79
C ALA B 19 -6.91 2.72 26.30
N GLN B 20 -7.75 1.93 25.62
CA GLN B 20 -7.83 0.51 25.94
C GLN B 20 -6.65 -0.28 25.35
N LYS B 21 -5.73 0.43 24.71
CA LYS B 21 -4.45 -0.17 24.34
C LYS B 21 -3.48 0.01 25.50
N LEU B 22 -3.69 -0.81 26.54
CA LEU B 22 -2.53 -1.02 27.39
C LEU B 22 -1.77 -2.22 26.93
N SER B 23 -2.43 -3.14 26.23
CA SER B 23 -1.67 -4.15 25.54
C SER B 23 -0.88 -3.45 24.45
N PHE B 24 0.21 -4.06 24.01
CA PHE B 24 1.02 -3.52 22.93
C PHE B 24 1.51 -4.63 22.02
N ASP B 25 2.04 -4.22 20.86
CA ASP B 25 2.40 -5.22 19.86
C ASP B 25 3.89 -5.46 19.89
N PRO B 26 4.30 -6.73 19.96
CA PRO B 26 5.74 -7.07 19.90
C PRO B 26 6.49 -6.40 18.76
N ALA B 27 5.81 -6.04 17.68
CA ALA B 27 6.47 -5.38 16.57
C ALA B 27 7.05 -4.03 16.96
N GLU B 28 6.43 -3.33 17.90
CA GLU B 28 7.03 -2.04 18.19
C GLU B 28 8.37 -2.19 18.89
N LEU B 29 8.69 -3.40 19.37
CA LEU B 29 10.01 -3.65 19.92
C LEU B 29 11.07 -3.63 18.83
N LEU B 30 10.81 -4.35 17.74
CA LEU B 30 11.74 -4.39 16.62
C LEU B 30 11.87 -3.03 15.96
N ARG B 31 10.79 -2.26 15.87
CA ARG B 31 10.86 -0.99 15.18
C ARG B 31 11.59 0.08 15.99
N THR B 32 11.77 -0.09 17.30
CA THR B 32 12.41 0.94 18.08
C THR B 32 13.56 0.37 18.85
N SER B 33 14.49 1.23 19.18
CA SER B 33 15.53 0.86 20.12
C SER B 33 15.20 1.55 21.45
N LEU B 34 15.97 1.20 22.50
CA LEU B 34 15.73 1.75 23.82
C LEU B 34 15.81 3.28 23.80
N ASN B 35 14.87 3.93 24.47
CA ASN B 35 14.68 5.36 24.32
C ASN B 35 14.01 5.91 25.59
N VAL B 36 14.07 7.23 25.76
CA VAL B 36 13.43 7.85 26.92
C VAL B 36 11.93 7.64 26.87
N GLY B 37 11.35 7.29 28.01
CA GLY B 37 9.96 6.90 28.10
C GLY B 37 9.76 5.40 28.14
N ASP B 38 10.73 4.62 27.67
CA ASP B 38 10.61 3.18 27.74
C ASP B 38 10.56 2.79 29.20
N ILE B 39 9.67 1.87 29.52
CA ILE B 39 9.51 1.34 30.85
C ILE B 39 10.13 -0.04 30.88
N VAL B 40 11.13 -0.22 31.72
CA VAL B 40 11.94 -1.42 31.69
C VAL B 40 12.00 -1.98 33.09
N LEU B 41 12.31 -3.26 33.17
CA LEU B 41 12.70 -3.89 34.41
C LEU B 41 14.20 -4.16 34.34
N LEU B 42 14.91 -3.75 35.38
CA LEU B 42 16.37 -3.87 35.40
C LEU B 42 16.83 -5.02 36.29
N LYS B 43 18.02 -5.52 35.99
CA LYS B 43 18.60 -6.58 36.80
C LYS B 43 18.92 -6.09 38.21
N GLN B 44 19.27 -4.81 38.36
CA GLN B 44 19.45 -4.23 39.67
C GLN B 44 18.13 -4.15 40.38
N CYS B 45 17.17 -3.59 39.69
CA CYS B 45 15.93 -3.19 40.29
C CYS B 45 14.82 -4.14 39.85
N THR B 46 14.90 -5.40 40.27
CA THR B 46 13.95 -6.40 39.77
C THR B 46 12.56 -6.32 40.36
N SER B 47 12.34 -5.65 41.48
CA SER B 47 11.02 -5.73 42.07
C SER B 47 10.15 -4.50 41.83
N GLU B 48 10.64 -3.52 41.09
CA GLU B 48 9.81 -2.41 40.62
C GLU B 48 10.21 -2.01 39.20
N LEU B 49 9.23 -1.57 38.44
CA LEU B 49 9.49 -0.99 37.14
C LEU B 49 10.20 0.36 37.27
N THR B 50 10.95 0.70 36.23
CA THR B 50 11.67 1.95 36.16
C THR B 50 11.51 2.49 34.76
N CYS B 52 13.24 4.59 31.38
CA CYS B 52 14.39 5.19 30.74
C CYS B 52 14.21 6.69 30.71
N VAL B 53 15.17 7.38 31.29
CA VAL B 53 15.06 8.82 31.45
C VAL B 53 16.12 9.55 30.67
N ASN B 54 17.21 8.90 30.31
CA ASN B 54 18.23 9.59 29.57
C ASN B 54 19.07 8.57 28.83
N LEU B 55 19.63 9.01 27.74
CA LEU B 55 20.45 8.15 26.92
C LEU B 55 21.89 8.30 27.32
N PRO B 56 22.76 7.41 26.86
CA PRO B 56 24.18 7.52 27.21
C PRO B 56 24.74 8.78 26.60
N GLN B 57 25.50 9.51 27.39
CA GLN B 57 25.88 10.86 27.00
C GLN B 57 27.25 10.95 26.35
N SER B 58 28.20 10.10 26.72
CA SER B 58 29.54 10.12 26.16
C SER B 58 29.99 8.69 25.89
N THR B 59 31.19 8.58 25.32
CA THR B 59 31.91 7.32 25.37
C THR B 59 32.60 7.12 26.69
N THR B 60 32.88 8.22 27.39
CA THR B 60 33.44 8.13 28.73
C THR B 60 32.47 7.43 29.69
N ASP B 61 31.20 7.77 29.63
CA ASP B 61 30.15 7.05 30.35
C ASP B 61 29.07 6.69 29.34
N PRO B 62 28.86 5.39 29.07
CA PRO B 62 27.94 4.99 28.01
C PRO B 62 26.63 4.38 28.51
N ARG B 63 26.23 4.70 29.72
CA ARG B 63 25.02 4.09 30.24
C ARG B 63 23.79 4.96 30.06
N TYR B 64 22.67 4.27 30.07
CA TYR B 64 21.38 4.88 30.08
C TYR B 64 21.00 5.27 31.50
N THR B 65 20.13 6.25 31.62
CA THR B 65 19.63 6.67 32.92
C THR B 65 18.17 6.30 33.05
N PHE B 66 17.84 5.59 34.11
CA PHE B 66 16.48 5.19 34.40
C PHE B 66 16.06 5.76 35.72
N ALA B 67 14.76 5.96 35.89
CA ALA B 67 14.19 6.49 37.12
C ALA B 67 13.25 5.50 37.79
N LYS B 68 13.37 5.39 39.11
CA LYS B 68 12.48 4.63 39.99
C LYS B 68 11.22 5.45 40.29
N LYS B 69 10.19 4.79 40.81
CA LYS B 69 8.95 5.52 41.08
C LYS B 69 9.19 6.68 42.05
N ASP B 70 10.12 6.54 42.99
CA ASP B 70 10.37 7.64 43.91
C ASP B 70 11.17 8.77 43.28
N GLY B 71 11.54 8.66 42.02
CA GLY B 71 12.30 9.70 41.35
C GLY B 71 13.81 9.58 41.42
N THR B 72 14.35 8.64 42.17
CA THR B 72 15.79 8.39 42.17
C THR B 72 16.25 7.67 40.90
N LEU B 73 17.46 8.02 40.45
CA LEU B 73 18.06 7.49 39.24
C LEU B 73 18.78 6.16 39.43
N VAL B 74 18.85 5.42 38.34
CA VAL B 74 19.60 4.18 38.25
C VAL B 74 20.34 4.23 36.93
N TYR B 75 21.65 4.04 36.97
CA TYR B 75 22.48 4.09 35.79
C TYR B 75 22.86 2.68 35.39
N ALA B 76 22.57 2.29 34.15
CA ALA B 76 22.81 0.91 33.75
C ALA B 76 23.07 0.78 32.26
N LYS B 78 22.58 -0.90 28.72
CA LYS B 78 21.44 -1.42 27.97
C LYS B 78 21.19 -2.90 28.27
N ASN B 79 22.24 -3.72 28.42
CA ASN B 79 22.00 -5.15 28.55
C ASN B 79 21.48 -5.54 29.90
N SER B 80 21.42 -4.59 30.83
CA SER B 80 20.77 -4.85 32.10
C SER B 80 19.26 -4.85 32.01
N VAL B 81 18.72 -4.51 30.85
CA VAL B 81 17.27 -4.52 30.66
C VAL B 81 16.80 -5.94 30.49
N ILE B 82 15.91 -6.37 31.36
CA ILE B 82 15.37 -7.71 31.24
C ILE B 82 14.16 -7.73 30.34
N LEU B 83 13.34 -6.70 30.42
CA LEU B 83 12.23 -6.55 29.50
C LEU B 83 11.93 -5.08 29.35
N ARG B 84 11.27 -4.77 28.24
CA ARG B 84 11.11 -3.40 27.84
C ARG B 84 9.70 -3.24 27.34
N ILE B 85 9.11 -2.09 27.66
CA ILE B 85 7.78 -1.72 27.22
C ILE B 85 7.85 -0.35 26.55
N PRO B 86 7.42 -0.20 25.31
CA PRO B 86 7.74 1.03 24.57
C PRO B 86 7.07 2.30 25.10
N LYS B 87 7.77 3.42 24.88
CA LYS B 87 7.36 4.79 25.23
C LYS B 87 5.91 5.09 24.85
N ASP B 88 5.26 5.97 25.59
CA ASP B 88 4.00 6.60 25.15
C ASP B 88 4.02 8.05 25.64
N LEU B 89 5.05 8.79 25.23
CA LEU B 89 5.38 10.06 25.88
C LEU B 89 5.37 11.22 24.90
N PRO B 90 4.59 12.26 25.18
CA PRO B 90 4.66 13.47 24.35
C PRO B 90 6.04 14.10 24.45
N GLU B 91 6.52 14.61 23.30
CA GLU B 91 7.94 14.86 23.17
C GLU B 91 8.46 15.92 24.13
N GLU B 92 7.62 16.92 24.45
CA GLU B 92 8.01 17.93 25.43
C GLU B 92 8.28 17.30 26.79
N VAL B 93 7.60 16.18 27.07
CA VAL B 93 7.86 15.45 28.31
C VAL B 93 9.20 14.76 28.26
N ASN B 94 9.56 14.18 27.11
CA ASN B 94 10.91 13.65 26.93
C ASN B 94 11.92 14.76 27.09
N GLN B 95 11.80 15.81 26.27
CA GLN B 95 12.68 16.96 26.31
C GLN B 95 12.91 17.34 27.76
N LEU B 96 11.86 17.32 28.57
CA LEU B 96 11.98 17.68 29.98
C LEU B 96 12.73 16.62 30.80
N LEU B 97 12.31 15.36 30.70
CA LEU B 97 12.94 14.26 31.44
C LEU B 97 14.45 14.19 31.22
N LYS B 98 14.88 14.41 29.99
CA LYS B 98 16.31 14.45 29.70
C LYS B 98 16.98 15.59 30.49
N ARG B 99 16.42 16.79 30.38
CA ARG B 99 17.00 17.98 31.01
C ARG B 99 17.21 17.78 32.51
N GLU B 100 16.36 16.99 33.15
CA GLU B 100 16.36 16.79 34.59
C GLU B 100 17.06 15.50 35.01
N SER B 101 17.94 14.94 34.17
CA SER B 101 18.85 13.90 34.63
C SER B 101 20.27 14.16 34.17
N ASN B 102 20.56 15.37 33.71
CA ASN B 102 21.89 15.74 33.30
C ASN B 102 22.58 16.41 34.48
N LEU B 121 15.38 19.28 44.34
CA LEU B 121 14.22 19.74 43.55
C LEU B 121 13.97 18.99 42.22
N PRO B 122 15.02 18.71 41.43
CA PRO B 122 14.82 17.86 40.24
C PRO B 122 14.29 16.49 40.58
N VAL B 123 14.75 15.90 41.68
CA VAL B 123 14.31 14.55 42.02
C VAL B 123 12.80 14.51 42.05
N LEU B 124 12.18 15.57 42.57
CA LEU B 124 10.72 15.59 42.67
C LEU B 124 10.08 15.74 41.30
N THR B 125 10.66 16.56 40.44
CA THR B 125 10.11 16.68 39.10
C THR B 125 10.01 15.31 38.46
N ARG B 126 11.09 14.53 38.58
CA ARG B 126 11.08 13.19 38.04
C ARG B 126 9.99 12.39 38.70
N GLN B 127 9.93 12.45 40.03
CA GLN B 127 8.88 11.74 40.75
C GLN B 127 7.51 12.15 40.25
N LEU B 128 7.29 13.43 40.01
CA LEU B 128 5.97 13.84 39.58
C LEU B 128 5.54 13.16 38.29
N ILE B 129 6.44 13.00 37.36
CA ILE B 129 6.04 12.46 36.07
C ILE B 129 6.02 10.93 36.06
N VAL B 130 7.10 10.32 36.47
CA VAL B 130 7.22 8.88 36.35
C VAL B 130 6.31 8.14 37.32
N SER B 131 6.11 8.67 38.52
CA SER B 131 5.71 7.82 39.64
C SER B 131 4.36 7.17 39.43
N PHE B 132 3.36 7.94 39.02
CA PHE B 132 2.02 7.36 38.93
C PHE B 132 2.01 6.19 37.98
N THR B 133 2.61 6.37 36.83
CA THR B 133 2.71 5.29 35.87
C THR B 133 3.45 4.09 36.45
N LEU B 134 4.72 4.28 36.86
CA LEU B 134 5.49 3.12 37.29
C LEU B 134 4.84 2.42 38.45
N ALA B 135 4.34 3.17 39.43
CA ALA B 135 3.72 2.54 40.58
C ALA B 135 2.49 1.75 40.18
N THR B 136 1.71 2.26 39.25
CA THR B 136 0.47 1.59 38.88
C THR B 136 0.75 0.23 38.28
N PHE B 137 1.61 0.21 37.25
CA PHE B 137 1.91 -1.02 36.54
C PHE B 137 2.58 -2.05 37.43
N THR B 138 3.49 -1.61 38.29
CA THR B 138 4.08 -2.53 39.26
C THR B 138 2.98 -3.13 40.12
N LYS B 139 2.02 -2.30 40.53
CA LYS B 139 0.96 -2.76 41.44
C LYS B 139 0.10 -3.82 40.80
N PHE B 140 -0.40 -3.55 39.58
CA PHE B 140 -1.26 -4.52 38.92
C PHE B 140 -0.54 -5.83 38.70
N ALA B 141 0.75 -5.76 38.39
CA ALA B 141 1.50 -6.98 38.23
C ALA B 141 1.62 -7.67 39.57
N TRP B 142 1.92 -6.93 40.62
CA TRP B 142 2.07 -7.54 41.92
C TRP B 142 0.78 -8.24 42.34
N THR B 143 -0.36 -7.54 42.26
CA THR B 143 -1.59 -8.17 42.68
C THR B 143 -1.90 -9.39 41.83
N GLN B 144 -1.51 -9.34 40.56
CA GLN B 144 -1.77 -10.47 39.68
C GLN B 144 -0.92 -11.68 40.03
N LEU B 145 0.19 -11.48 40.72
CA LEU B 145 1.21 -12.53 40.78
C LEU B 145 0.72 -13.84 41.42
N PRO B 146 0.04 -13.84 42.55
CA PRO B 146 -0.35 -15.15 43.13
C PRO B 146 -1.19 -16.00 42.19
N ILE B 147 -1.99 -15.37 41.33
CA ILE B 147 -2.84 -16.12 40.40
C ILE B 147 -2.03 -16.71 39.25
N VAL B 148 -1.09 -15.95 38.70
CA VAL B 148 -0.30 -16.51 37.61
C VAL B 148 0.55 -17.68 38.11
N LEU B 149 0.99 -17.64 39.37
CA LEU B 149 1.71 -18.78 39.92
C LEU B 149 0.87 -20.05 39.82
N LYS B 150 -0.43 -19.94 40.07
CA LYS B 150 -1.28 -21.11 39.94
C LYS B 150 -1.39 -21.53 38.47
N LYS B 151 -1.56 -20.55 37.57
CA LYS B 151 -1.66 -20.87 36.16
C LYS B 151 -0.38 -21.45 35.63
N LEU B 152 0.74 -20.82 35.96
CA LEU B 152 2.05 -21.35 35.57
C LEU B 152 2.21 -22.79 36.02
N GLU B 153 1.86 -23.07 37.26
CA GLU B 153 1.92 -24.44 37.75
C GLU B 153 1.05 -25.37 36.91
N LEU B 154 -0.08 -24.86 36.44
CA LEU B 154 -1.02 -25.72 35.74
C LEU B 154 -0.50 -26.08 34.37
N ILE B 155 -0.31 -25.08 33.51
CA ILE B 155 0.07 -25.36 32.15
C ILE B 155 1.45 -25.98 32.04
N HIS B 156 2.31 -25.85 33.05
CA HIS B 156 3.50 -26.66 33.00
C HIS B 156 3.13 -28.12 32.86
N ARG B 157 1.97 -28.53 33.40
CA ARG B 157 1.54 -29.91 33.18
C ARG B 157 1.34 -30.17 31.70
N TYR B 158 1.01 -29.14 30.93
CA TYR B 158 0.70 -29.29 29.51
C TYR B 158 1.90 -29.05 28.61
N LEU B 159 2.77 -28.10 28.93
CA LEU B 159 3.86 -27.75 28.04
C LEU B 159 5.02 -28.73 28.15
N GLN B 160 5.29 -29.19 29.35
CA GLN B 160 6.45 -30.03 29.57
C GLN B 160 6.41 -31.23 28.64
N ASP B 161 7.59 -31.70 28.28
CA ASP B 161 7.71 -33.01 27.68
C ASP B 161 8.41 -33.91 28.67
N SER B 162 7.84 -35.09 28.85
CA SER B 162 8.35 -36.05 29.80
C SER B 162 9.81 -36.39 29.57
N ARG B 163 10.34 -36.17 28.37
CA ARG B 163 11.66 -36.70 28.07
C ARG B 163 12.79 -35.70 28.27
N GLY B 164 12.52 -34.40 28.26
CA GLY B 164 13.63 -33.49 28.48
C GLY B 164 13.23 -32.03 28.35
N SER B 165 14.24 -31.19 28.50
CA SER B 165 14.04 -29.75 28.43
C SER B 165 13.42 -29.38 27.09
N LYS B 166 12.45 -28.47 27.13
CA LYS B 166 11.78 -28.05 25.91
C LYS B 166 11.42 -26.58 26.01
N HIS B 167 11.92 -25.79 25.08
CA HIS B 167 11.77 -24.36 25.18
C HIS B 167 10.42 -23.91 24.66
N VAL B 168 10.06 -22.70 25.05
CA VAL B 168 8.81 -22.09 24.63
C VAL B 168 9.06 -20.62 24.36
N ASN B 169 8.40 -20.07 23.33
CA ASN B 169 8.41 -18.63 23.13
C ASN B 169 7.93 -18.00 24.41
N PHE B 170 8.69 -17.08 24.94
CA PHE B 170 8.22 -16.46 26.16
C PHE B 170 6.98 -15.63 25.92
N SER B 172 4.63 -16.11 23.74
CA SER B 172 3.49 -17.01 23.62
C SER B 172 2.95 -17.36 24.99
N LEU B 173 3.85 -17.52 25.96
CA LEU B 173 3.47 -17.89 27.31
C LEU B 173 2.69 -16.79 28.02
N VAL B 174 3.18 -15.55 27.93
CA VAL B 174 2.40 -14.43 28.45
C VAL B 174 0.99 -14.45 27.88
N ARG B 175 0.85 -14.73 26.57
CA ARG B 175 -0.48 -14.70 25.95
C ARG B 175 -1.41 -15.69 26.61
N ILE B 176 -0.94 -16.91 26.84
CA ILE B 176 -1.76 -17.93 27.47
C ILE B 176 -2.13 -17.54 28.89
N ILE B 177 -1.16 -17.05 29.66
CA ILE B 177 -1.43 -16.59 31.01
C ILE B 177 -2.52 -15.55 30.98
N LYS B 178 -2.51 -14.68 29.97
CA LYS B 178 -3.57 -13.70 29.87
C LYS B 178 -4.91 -14.36 29.58
N ASN B 179 -4.92 -15.34 28.65
CA ASN B 179 -6.14 -15.85 28.05
C ASN B 179 -6.74 -17.01 28.80
N LEU B 180 -6.42 -17.19 30.07
CA LEU B 180 -6.80 -18.42 30.76
C LEU B 180 -7.62 -18.11 32.01
N ASN B 181 -8.75 -18.79 32.18
CA ASN B 181 -9.54 -18.72 33.41
C ASN B 181 -9.41 -20.06 34.17
N ILE B 182 -8.92 -19.98 35.41
CA ILE B 182 -8.59 -21.17 36.19
C ILE B 182 -9.83 -22.03 36.47
N LYS B 183 -10.95 -21.38 36.80
CA LYS B 183 -12.16 -22.12 37.14
C LYS B 183 -12.61 -22.97 35.97
N GLU B 184 -12.54 -22.40 34.77
CA GLU B 184 -12.93 -23.16 33.60
C GLU B 184 -11.91 -24.26 33.27
N ALA B 185 -10.65 -24.07 33.64
CA ALA B 185 -9.66 -25.08 33.29
C ALA B 185 -9.88 -26.37 34.05
N THR B 186 -10.49 -26.29 35.23
CA THR B 186 -10.70 -27.45 36.08
C THR B 186 -12.08 -28.10 35.84
N ASP B 192 -10.41 -29.32 30.75
CA ASP B 192 -9.18 -29.92 30.27
C ASP B 192 -8.99 -29.60 28.79
N ALA B 193 -9.98 -29.96 27.98
CA ALA B 193 -9.90 -29.61 26.56
C ALA B 193 -9.88 -28.10 26.40
N TYR B 194 -10.50 -27.41 27.35
CA TYR B 194 -10.43 -25.96 27.41
C TYR B 194 -9.00 -25.48 27.30
N VAL B 195 -8.08 -26.17 27.98
CA VAL B 195 -6.69 -25.77 28.00
C VAL B 195 -6.11 -25.76 26.59
N ARG B 196 -6.29 -26.86 25.86
CA ARG B 196 -5.73 -26.93 24.52
C ARG B 196 -6.33 -25.88 23.59
N LYS B 197 -7.58 -25.46 23.84
CA LYS B 197 -8.18 -24.39 23.05
C LYS B 197 -7.47 -23.05 23.26
N VAL B 198 -7.24 -22.68 24.53
CA VAL B 198 -6.61 -21.39 24.87
C VAL B 198 -5.19 -21.31 24.38
N ILE B 199 -4.59 -22.45 24.06
CA ILE B 199 -3.24 -22.50 23.51
C ILE B 199 -3.26 -22.29 22.01
N ASP B 200 -4.07 -23.07 21.30
CA ASP B 200 -4.23 -22.83 19.88
C ASP B 200 -4.72 -21.42 19.62
N GLU B 201 -5.62 -20.92 20.47
CA GLU B 201 -6.09 -19.55 20.35
C GLU B 201 -4.98 -18.54 20.67
N SER B 202 -3.89 -18.99 21.31
CA SER B 202 -2.78 -18.10 21.62
C SER B 202 -2.13 -17.54 20.35
N SER B 204 -3.43 -18.01 16.93
CA SER B 204 -4.42 -17.47 16.02
C SER B 204 -4.64 -15.98 16.25
N VAL B 205 -4.44 -15.51 17.48
CA VAL B 205 -4.69 -14.12 17.87
C VAL B 205 -4.17 -13.20 16.78
N VAL B 206 -5.09 -12.49 16.13
CA VAL B 206 -4.69 -11.50 15.14
C VAL B 206 -3.95 -10.36 15.81
N ASN B 207 -4.50 -9.84 16.91
CA ASN B 207 -3.83 -8.75 17.63
C ASN B 207 -2.43 -9.18 18.08
N LYS B 208 -2.29 -10.40 18.60
CA LYS B 208 -1.01 -10.90 19.06
C LYS B 208 -0.37 -9.92 20.04
N SER B 209 -1.15 -8.92 20.47
CA SER B 209 -0.68 -7.86 21.32
C SER B 209 -0.50 -8.38 22.73
N ILE B 210 0.25 -7.65 23.53
CA ILE B 210 0.74 -8.15 24.80
C ILE B 210 0.41 -7.18 25.91
N ASP B 211 0.00 -7.70 27.05
CA ASP B 211 -0.32 -6.86 28.19
C ASP B 211 0.90 -6.66 29.08
N PRO B 212 1.32 -5.42 29.33
CA PRO B 212 2.50 -5.18 30.17
C PRO B 212 2.45 -5.85 31.52
N THR B 213 1.27 -5.85 32.13
CA THR B 213 1.12 -6.37 33.48
C THR B 213 1.30 -7.88 33.52
N THR B 214 0.56 -8.61 32.70
CA THR B 214 0.81 -10.05 32.60
C THR B 214 2.27 -10.33 32.28
N LEU B 215 2.86 -9.51 31.44
CA LEU B 215 4.25 -9.74 31.08
C LEU B 215 5.12 -9.72 32.32
N LEU B 216 5.07 -8.63 33.09
CA LEU B 216 5.84 -8.53 34.32
C LEU B 216 5.54 -9.69 35.25
N ALA B 217 4.27 -9.93 35.52
CA ALA B 217 3.87 -11.00 36.43
C ALA B 217 4.37 -12.35 35.96
N THR B 218 4.36 -12.60 34.65
CA THR B 218 4.85 -13.88 34.17
C THR B 218 6.33 -14.05 34.43
N TYR B 219 7.09 -12.98 34.23
CA TYR B 219 8.52 -13.05 34.49
C TYR B 219 8.79 -13.43 35.94
N TRP B 220 8.23 -12.66 36.88
CA TRP B 220 8.37 -12.93 38.30
C TRP B 220 7.92 -14.34 38.63
N GLY B 221 6.79 -14.77 38.08
CA GLY B 221 6.32 -16.11 38.36
C GLY B 221 7.33 -17.14 37.91
N VAL B 222 7.93 -16.92 36.74
CA VAL B 222 8.85 -17.91 36.22
C VAL B 222 10.10 -17.97 37.08
N ARG B 223 10.65 -16.81 37.49
CA ARG B 223 11.86 -16.85 38.28
C ARG B 223 11.64 -17.57 39.59
N GLU B 224 10.45 -17.43 40.16
CA GLU B 224 10.15 -18.14 41.39
C GLU B 224 10.11 -19.65 41.15
N GLN B 225 9.38 -20.09 40.13
CA GLN B 225 9.33 -21.51 39.83
C GLN B 225 10.60 -22.03 39.23
N GLN B 226 11.49 -21.16 38.76
CA GLN B 226 12.82 -21.63 38.39
C GLN B 226 13.45 -22.30 39.57
N GLN B 227 13.19 -21.78 40.76
CA GLN B 227 13.82 -22.34 41.95
C GLN B 227 13.35 -23.77 42.26
N ASN B 228 12.26 -24.23 41.64
CA ASN B 228 11.82 -25.60 41.83
C ASN B 228 12.14 -26.50 40.65
N ASN B 229 13.01 -26.04 39.74
CA ASN B 229 13.44 -26.80 38.58
C ASN B 229 12.27 -27.07 37.65
N LEU B 230 11.41 -26.07 37.48
CA LEU B 230 10.28 -26.20 36.56
C LEU B 230 10.51 -25.46 35.26
N TRP B 231 11.34 -24.43 35.29
CA TRP B 231 11.66 -23.67 34.12
C TRP B 231 13.14 -23.40 34.12
N GLY B 232 13.68 -23.15 32.93
CA GLY B 232 15.05 -22.76 32.79
C GLY B 232 15.21 -21.26 32.81
N SER B 233 16.41 -20.82 32.43
CA SER B 233 16.69 -19.40 32.37
C SER B 233 15.79 -18.77 31.35
N VAL B 234 15.43 -17.55 31.62
CA VAL B 234 14.72 -16.73 30.67
C VAL B 234 15.76 -15.97 29.87
N TYR B 235 15.69 -16.07 28.56
CA TYR B 235 16.63 -15.39 27.70
C TYR B 235 16.02 -14.10 27.15
N THR B 236 16.78 -13.02 27.20
CA THR B 236 16.38 -11.70 26.75
C THR B 236 17.23 -11.32 25.54
N ASN B 237 16.60 -11.02 24.41
CA ASN B 237 17.38 -10.68 23.24
C ASN B 237 18.03 -9.31 23.40
N THR B 238 19.31 -9.22 23.06
CA THR B 238 20.14 -8.04 23.27
C THR B 238 19.69 -6.81 22.48
N ALA B 239 19.05 -7.01 21.33
CA ALA B 239 18.74 -5.93 20.41
C ALA B 239 17.41 -5.29 20.75
N LEU B 240 16.41 -6.15 20.95
CA LEU B 240 15.05 -5.75 21.30
C LEU B 240 14.86 -5.50 22.78
N LEU B 241 15.76 -6.03 23.62
CA LEU B 241 15.72 -5.99 25.08
C LEU B 241 14.40 -6.52 25.63
N SER B 242 14.05 -7.73 25.21
CA SER B 242 12.81 -8.36 25.61
C SER B 242 13.03 -9.87 25.62
N PRO B 243 12.25 -10.60 26.41
CA PRO B 243 12.42 -12.05 26.46
C PRO B 243 11.94 -12.75 25.22
N THR B 244 12.70 -13.76 24.85
CA THR B 244 12.46 -14.63 23.72
C THR B 244 11.98 -16.00 24.15
N THR B 245 12.60 -16.60 25.15
CA THR B 245 12.36 -18.01 25.37
C THR B 245 12.68 -18.39 26.81
N VAL B 246 12.10 -19.52 27.22
CA VAL B 246 12.37 -20.18 28.48
C VAL B 246 12.16 -21.67 28.29
N ALA B 247 13.01 -22.48 28.91
CA ALA B 247 12.84 -23.92 28.82
C ALA B 247 11.70 -24.38 29.72
N VAL B 248 11.02 -25.44 29.32
CA VAL B 248 10.07 -26.09 30.20
C VAL B 248 10.68 -27.41 30.64
N LEU B 249 11.14 -27.46 31.85
CA LEU B 249 11.83 -28.61 32.41
C LEU B 249 10.84 -29.67 32.84
N PRO B 250 11.14 -30.94 32.60
CA PRO B 250 10.16 -31.98 32.90
C PRO B 250 9.92 -32.12 34.39
N LEU B 251 8.65 -32.31 34.73
CA LEU B 251 8.25 -32.45 36.12
C LEU B 251 9.01 -33.57 36.80
N LYS B 252 8.92 -34.78 36.24
CA LYS B 252 9.49 -35.93 36.93
C LYS B 252 11.01 -36.02 36.78
N LYS B 253 11.56 -35.64 35.64
CA LYS B 253 12.99 -35.89 35.48
C LYS B 253 13.85 -34.82 36.12
N ALA B 254 13.27 -33.70 36.52
CA ALA B 254 14.08 -32.61 37.02
C ALA B 254 13.55 -32.11 38.35
N HIS B 255 12.31 -31.64 38.32
CA HIS B 255 11.70 -31.17 39.54
C HIS B 255 11.65 -32.29 40.57
N LEU B 256 11.02 -33.40 40.22
CA LEU B 256 10.84 -34.44 41.23
C LEU B 256 12.16 -35.13 41.54
N PHE B 257 12.98 -35.37 40.52
CA PHE B 257 14.27 -35.99 40.77
C PHE B 257 15.06 -35.24 41.81
N TYR B 258 15.18 -33.93 41.66
CA TYR B 258 16.02 -33.20 42.60
C TYR B 258 15.36 -33.08 43.94
N GLN B 259 14.04 -33.20 44.01
CA GLN B 259 13.41 -33.22 45.31
C GLN B 259 13.87 -34.43 46.10
N GLU B 260 13.87 -35.60 45.47
CA GLU B 260 14.30 -36.81 46.16
C GLU B 260 15.74 -36.76 46.56
N VAL B 261 16.56 -36.12 45.74
CA VAL B 261 17.98 -35.99 46.03
C VAL B 261 18.20 -35.22 47.31
N ILE B 262 17.50 -34.09 47.45
CA ILE B 262 17.68 -33.22 48.61
C ILE B 262 17.35 -33.95 49.91
N THR B 263 16.16 -34.54 49.99
CA THR B 263 15.77 -35.24 51.21
C THR B 263 16.76 -36.36 51.51
N ARG B 264 17.20 -37.07 50.47
CA ARG B 264 18.08 -38.19 50.69
C ARG B 264 19.40 -37.74 51.25
N LEU B 265 19.82 -36.55 50.90
CA LEU B 265 21.10 -36.03 51.33
C LEU B 265 21.08 -35.36 52.68
N GLU B 266 19.91 -34.91 53.12
CA GLU B 266 19.76 -34.25 54.40
C GLU B 266 19.30 -35.20 55.47
N SER B 267 18.80 -36.36 55.08
CA SER B 267 18.27 -37.31 56.03
C SER B 267 19.34 -37.76 57.03
N ASN B 268 18.86 -38.06 58.24
CA ASN B 268 19.69 -38.53 59.35
C ASN B 268 20.86 -37.58 59.64
N ASP B 269 20.55 -36.30 59.74
CA ASP B 269 21.57 -35.26 59.91
C ASP B 269 22.71 -35.47 58.92
N TYR B 270 22.37 -35.36 57.64
CA TYR B 270 23.35 -35.31 56.56
C TYR B 270 24.20 -36.57 56.50
N GLN B 271 23.57 -37.71 56.76
CA GLN B 271 24.35 -38.94 56.80
C GLN B 271 24.97 -39.20 55.46
N GLU B 272 24.20 -38.96 54.41
CA GLU B 272 24.69 -39.28 53.08
C GLU B 272 25.79 -38.32 52.67
N ILE B 273 25.66 -37.05 53.01
CA ILE B 273 26.75 -36.11 52.78
C ILE B 273 27.99 -36.58 53.50
N LYS B 274 27.83 -36.96 54.76
CA LYS B 274 29.00 -37.27 55.56
C LYS B 274 29.67 -38.53 55.06
N ALA B 275 28.87 -39.55 54.75
CA ALA B 275 29.41 -40.80 54.25
C ALA B 275 30.18 -40.56 52.96
N PHE B 276 29.62 -39.76 52.06
CA PHE B 276 30.27 -39.45 50.79
C PHE B 276 31.56 -38.68 51.00
N ALA B 277 31.46 -37.52 51.65
CA ALA B 277 32.64 -36.68 51.78
C ALA B 277 33.78 -37.41 52.45
N LYS B 278 33.48 -38.47 53.20
CA LYS B 278 34.54 -39.26 53.81
C LYS B 278 35.39 -39.93 52.74
N LEU B 279 34.72 -40.61 51.79
CA LEU B 279 35.37 -41.32 50.70
C LEU B 279 36.29 -40.42 49.91
N VAL B 280 35.87 -39.18 49.70
CA VAL B 280 36.71 -38.21 49.02
C VAL B 280 37.97 -37.91 49.83
N ASN B 281 37.83 -37.82 51.15
CA ASN B 281 39.01 -37.59 51.96
C ASN B 281 39.86 -38.83 52.06
N ASP B 282 39.22 -39.99 52.08
CA ASP B 282 39.91 -41.28 52.04
C ASP B 282 40.29 -41.71 50.62
N LYS B 283 39.96 -40.93 49.60
CA LYS B 283 40.36 -41.20 48.23
C LYS B 283 39.96 -42.58 47.78
N ASP B 284 38.95 -43.18 48.40
CA ASP B 284 38.53 -44.50 47.95
C ASP B 284 37.41 -44.23 46.96
N TYR B 285 37.81 -43.93 45.74
CA TYR B 285 36.89 -43.50 44.70
C TYR B 285 36.08 -44.66 44.13
N HIS B 286 36.48 -45.89 44.39
CA HIS B 286 35.74 -47.04 43.86
C HIS B 286 34.32 -47.06 44.38
N SER B 287 34.19 -46.90 45.70
CA SER B 287 32.90 -47.03 46.37
C SER B 287 31.92 -45.97 45.90
N ILE B 288 32.43 -44.76 45.63
CA ILE B 288 31.60 -43.68 45.12
C ILE B 288 30.76 -44.15 43.95
N ALA B 289 31.38 -44.93 43.06
CA ALA B 289 30.76 -45.25 41.80
C ALA B 289 29.39 -45.89 41.94
N LYS B 290 29.33 -47.13 42.42
CA LYS B 290 28.06 -47.84 42.38
C LYS B 290 27.01 -47.11 43.22
N ARG B 291 27.42 -46.53 44.34
CA ARG B 291 26.45 -46.10 45.33
C ARG B 291 26.03 -44.63 45.19
N TYR B 292 26.96 -43.71 44.95
CA TYR B 292 26.57 -42.30 45.03
C TYR B 292 26.64 -41.66 43.66
N ASP B 293 26.05 -42.30 42.65
CA ASP B 293 26.10 -41.66 41.35
C ASP B 293 25.16 -40.47 41.29
N TYR B 294 24.09 -40.51 42.08
CA TYR B 294 23.20 -39.36 42.11
C TYR B 294 23.95 -38.09 42.52
N ILE B 295 25.09 -38.22 43.18
CA ILE B 295 25.83 -37.03 43.51
C ILE B 295 26.72 -36.59 42.36
N ARG B 296 27.25 -37.54 41.63
CA ARG B 296 27.99 -37.19 40.43
C ARG B 296 27.08 -36.41 39.48
N THR B 297 25.87 -36.92 39.30
CA THR B 297 24.86 -36.20 38.52
C THR B 297 24.72 -34.76 38.96
N LEU B 298 24.56 -34.56 40.26
CA LEU B 298 24.26 -33.23 40.79
C LEU B 298 25.43 -32.31 40.51
N LEU B 299 26.64 -32.78 40.78
CA LEU B 299 27.82 -31.99 40.49
C LEU B 299 27.88 -31.65 39.02
N ASN B 300 27.47 -32.60 38.19
CA ASN B 300 27.51 -32.37 36.76
C ASN B 300 26.57 -31.26 36.37
N ASP B 301 25.29 -31.38 36.76
CA ASP B 301 24.30 -30.36 36.45
C ASP B 301 24.67 -29.01 37.00
N TYR B 302 25.44 -28.97 38.06
CA TYR B 302 25.89 -27.69 38.54
C TYR B 302 27.03 -27.16 37.69
N ALA B 303 28.02 -28.01 37.42
CA ALA B 303 29.14 -27.61 36.57
C ALA B 303 28.64 -27.19 35.20
N ALA B 304 27.67 -27.92 34.66
CA ALA B 304 27.12 -27.61 33.34
C ALA B 304 26.29 -26.34 33.33
N GLY B 305 25.94 -25.79 34.49
CA GLY B 305 25.11 -24.60 34.58
C GLY B 305 23.63 -24.86 34.54
N ASN B 306 23.20 -26.10 34.69
CA ASN B 306 21.79 -26.43 34.61
C ASN B 306 21.03 -26.03 35.86
N ILE B 307 21.69 -26.04 37.00
CA ILE B 307 21.02 -25.78 38.27
C ILE B 307 21.84 -24.71 38.97
N GLU B 308 22.74 -24.07 38.21
CA GLU B 308 23.64 -23.13 38.86
C GLU B 308 22.88 -22.03 39.60
N GLU B 309 21.58 -21.84 39.35
CA GLU B 309 20.80 -20.79 39.99
C GLU B 309 19.78 -21.28 41.01
N ASN B 310 19.74 -22.57 41.31
CA ASN B 310 18.82 -23.11 42.31
C ASN B 310 19.56 -23.20 43.63
N ALA B 311 19.07 -22.43 44.62
CA ALA B 311 19.83 -22.08 45.82
C ALA B 311 19.81 -23.13 46.94
N VAL B 312 18.75 -23.91 47.07
CA VAL B 312 18.81 -25.03 48.01
C VAL B 312 19.97 -25.92 47.65
N LEU B 313 20.05 -26.29 46.37
CA LEU B 313 21.13 -27.13 45.84
C LEU B 313 22.49 -26.48 46.00
N THR B 314 22.55 -25.15 45.96
CA THR B 314 23.81 -24.51 46.24
C THR B 314 24.23 -24.67 47.70
N THR B 315 23.30 -24.56 48.66
CA THR B 315 23.74 -24.77 50.03
C THR B 315 24.18 -26.22 50.21
N ILE B 316 23.38 -27.15 49.70
CA ILE B 316 23.77 -28.56 49.68
C ILE B 316 25.19 -28.74 49.20
N ILE B 317 25.52 -28.15 48.07
CA ILE B 317 26.85 -28.37 47.56
C ILE B 317 27.88 -27.68 48.43
N SER B 318 27.53 -26.53 48.99
CA SER B 318 28.42 -25.88 49.93
C SER B 318 28.73 -26.80 51.11
N LYS B 319 27.70 -27.48 51.62
CA LYS B 319 27.87 -28.40 52.73
C LYS B 319 28.79 -29.53 52.35
N ILE B 320 28.68 -30.04 51.14
CA ILE B 320 29.58 -31.10 50.72
C ILE B 320 31.02 -30.62 50.69
N PHE B 321 31.25 -29.44 50.13
CA PHE B 321 32.59 -28.87 50.12
C PHE B 321 33.08 -28.60 51.53
N ARG B 322 32.19 -28.13 52.40
CA ARG B 322 32.68 -27.85 53.74
C ARG B 322 33.12 -29.13 54.44
N HIS B 323 32.59 -30.27 54.02
CA HIS B 323 32.93 -31.58 54.57
C HIS B 323 34.13 -32.24 53.91
N ILE B 324 34.72 -31.64 52.87
CA ILE B 324 35.84 -32.22 52.17
C ILE B 324 37.03 -31.33 52.41
N ASP B 325 38.14 -31.93 52.84
CA ASP B 325 39.24 -31.19 53.42
C ASP B 325 39.85 -30.22 52.44
N TYR B 327 38.73 -29.06 49.50
CA TYR B 327 37.84 -28.06 48.96
C TYR B 327 37.20 -27.18 50.01
N ARG B 328 37.61 -27.33 51.27
CA ARG B 328 36.81 -26.76 52.34
C ARG B 328 36.92 -25.25 52.36
N ASP B 329 38.07 -24.72 51.99
CA ASP B 329 38.27 -23.30 52.24
C ASP B 329 37.79 -22.43 51.10
N GLN B 330 37.33 -23.02 49.99
CA GLN B 330 37.16 -22.36 48.71
C GLN B 330 35.69 -22.11 48.38
N ASP B 331 35.46 -21.06 47.58
CA ASP B 331 34.11 -20.67 47.17
C ASP B 331 33.46 -21.74 46.31
N VAL B 332 32.15 -21.87 46.48
CA VAL B 332 31.41 -22.92 45.79
C VAL B 332 31.14 -22.42 44.38
N THR B 333 31.84 -23.02 43.41
CA THR B 333 31.90 -22.55 42.05
C THR B 333 31.76 -23.73 41.09
N ARG B 334 31.30 -23.46 39.85
CA ARG B 334 31.19 -24.53 38.85
C ARG B 334 32.56 -25.16 38.60
N SER B 335 33.60 -24.34 38.46
CA SER B 335 34.96 -24.84 38.35
C SER B 335 35.28 -25.85 39.43
N LEU B 336 34.78 -25.61 40.63
CA LEU B 336 35.13 -26.50 41.72
C LEU B 336 34.39 -27.82 41.60
N CYS B 337 33.14 -27.78 41.13
CA CYS B 337 32.42 -29.01 40.85
C CYS B 337 33.11 -29.79 39.77
N GLY B 338 33.71 -29.09 38.81
CA GLY B 338 34.50 -29.76 37.80
C GLY B 338 35.74 -30.42 38.39
N LYS B 339 36.53 -29.65 39.15
CA LYS B 339 37.73 -30.20 39.78
C LYS B 339 37.36 -31.46 40.52
N LEU B 340 36.19 -31.42 41.17
CA LEU B 340 35.74 -32.57 41.93
C LEU B 340 35.34 -33.72 41.03
N LEU B 341 34.48 -33.46 40.05
CA LEU B 341 34.03 -34.55 39.20
C LEU B 341 35.20 -35.23 38.50
N VAL B 342 36.16 -34.46 38.00
CA VAL B 342 37.33 -35.10 37.40
C VAL B 342 38.04 -35.94 38.44
N GLU B 343 38.10 -35.46 39.68
CA GLU B 343 38.89 -36.15 40.69
C GLU B 343 38.29 -37.49 41.05
N ILE B 344 36.98 -37.64 40.94
CA ILE B 344 36.28 -38.86 41.33
C ILE B 344 35.79 -39.65 40.12
N SER B 345 36.40 -39.42 38.95
CA SER B 345 36.13 -40.16 37.72
C SER B 345 37.43 -40.42 36.95
N PRO B 346 37.52 -41.55 36.19
CA PRO B 346 38.82 -42.01 35.69
C PRO B 346 39.36 -41.30 34.46
N GLN B 347 39.27 -39.98 34.37
CA GLN B 347 39.59 -39.24 33.15
C GLN B 347 38.76 -39.73 31.96
N SER B 348 37.84 -40.65 32.19
CA SER B 348 36.88 -41.07 31.19
C SER B 348 35.71 -40.11 31.17
N ASN B 349 35.92 -38.91 31.70
CA ASN B 349 35.01 -37.80 31.63
C ASN B 349 35.42 -36.86 30.51
N SER B 350 34.44 -36.21 29.90
CA SER B 350 34.77 -35.13 28.99
C SER B 350 35.47 -34.02 29.76
N SER B 351 36.39 -33.34 29.10
CA SER B 351 37.01 -32.21 29.76
C SER B 351 36.03 -31.05 29.87
N ASN B 352 35.18 -30.87 28.86
CA ASN B 352 34.20 -29.78 28.89
C ASN B 352 32.81 -30.23 29.33
N PHE B 353 32.34 -29.63 30.41
CA PHE B 353 31.03 -29.87 31.00
C PHE B 353 29.96 -28.92 30.47
N ILE B 354 30.35 -27.78 29.91
CA ILE B 354 29.37 -26.91 29.25
C ILE B 354 28.51 -27.73 28.31
N LEU B 355 29.10 -28.77 27.75
CA LEU B 355 28.38 -29.61 26.81
C LEU B 355 27.23 -30.33 27.47
N GLY B 356 27.21 -30.40 28.80
CA GLY B 356 26.08 -30.97 29.50
C GLY B 356 24.85 -30.09 29.58
N ASN B 357 24.92 -28.85 29.07
CA ASN B 357 23.84 -27.92 29.30
C ASN B 357 22.58 -28.28 28.52
N TRP B 358 21.43 -28.11 29.19
CA TRP B 358 20.12 -28.50 28.65
C TRP B 358 19.63 -27.53 27.58
N ASP B 359 20.00 -26.26 27.69
CA ASP B 359 19.54 -25.26 26.73
C ASP B 359 20.34 -25.37 25.45
N LEU B 360 21.65 -25.59 25.58
CA LEU B 360 22.48 -25.93 24.44
C LEU B 360 21.96 -27.18 23.73
N ASN B 361 21.49 -28.15 24.50
CA ASN B 361 20.65 -29.22 23.97
C ASN B 361 21.37 -30.04 22.91
N ILE B 362 22.58 -30.48 23.19
CA ILE B 362 23.19 -31.43 22.27
C ILE B 362 22.63 -32.82 22.54
N PRO B 363 22.50 -33.69 21.54
CA PRO B 363 21.99 -35.05 21.80
C PRO B 363 23.09 -35.95 22.39
N LYS B 364 22.74 -36.66 23.46
CA LYS B 364 23.70 -37.54 24.12
C LYS B 364 23.12 -38.94 24.38
N GLY B 367 18.03 -35.91 25.72
CA GLY B 367 16.93 -36.81 26.02
C GLY B 367 15.83 -36.74 24.97
N ILE B 368 15.58 -35.53 24.48
CA ILE B 368 14.67 -35.33 23.36
C ILE B 368 15.44 -35.43 22.06
N SER B 369 16.62 -34.81 22.05
CA SER B 369 17.53 -34.85 20.94
C SER B 369 18.07 -36.24 20.68
N SER B 370 18.13 -37.11 21.69
CA SER B 370 18.58 -38.47 21.41
C SER B 370 17.53 -39.26 20.63
N VAL B 371 16.25 -38.91 20.75
CA VAL B 371 15.22 -39.54 19.93
C VAL B 371 15.38 -39.15 18.47
N GLU B 372 15.51 -37.84 18.24
CA GLU B 372 15.57 -37.30 16.90
C GLU B 372 16.84 -37.74 16.20
N GLN B 373 17.93 -37.82 16.94
CA GLN B 373 19.12 -38.27 16.29
C GLN B 373 19.03 -39.73 15.94
N LYS B 374 18.20 -40.50 16.64
CA LYS B 374 17.89 -41.82 16.13
C LYS B 374 17.18 -41.72 14.79
N LEU B 375 16.42 -40.63 14.58
CA LEU B 375 15.77 -40.41 13.30
C LEU B 375 16.74 -39.92 12.23
N TYR B 376 17.55 -38.91 12.57
CA TYR B 376 18.51 -38.35 11.64
C TYR B 376 19.48 -39.38 11.14
N ASP B 377 19.84 -40.34 11.99
CA ASP B 377 20.80 -41.36 11.61
C ASP B 377 20.28 -42.24 10.48
N THR B 378 18.97 -42.50 10.48
CA THR B 378 18.35 -43.38 9.51
C THR B 378 17.54 -42.63 8.48
N ALA B 379 17.64 -41.31 8.44
CA ALA B 379 16.84 -40.52 7.51
C ALA B 379 17.59 -40.37 6.20
N PRO B 381 17.20 -38.64 2.15
CA PRO B 381 16.48 -37.78 1.20
C PRO B 381 16.04 -38.56 -0.03
N THR B 382 15.41 -39.71 0.20
CA THR B 382 15.02 -40.54 -0.92
C THR B 382 13.94 -39.86 -1.76
N ILE B 383 13.45 -38.70 -1.32
CA ILE B 383 12.58 -37.84 -2.11
C ILE B 383 13.43 -37.19 -3.20
N VAL B 384 13.33 -37.69 -4.43
CA VAL B 384 14.10 -37.18 -5.58
C VAL B 384 13.25 -36.95 -6.86
N THR B 387 13.49 -31.43 -12.32
CA THR B 387 13.78 -31.84 -13.69
C THR B 387 13.61 -30.68 -14.65
N ASP B 388 13.45 -29.48 -14.08
CA ASP B 388 13.25 -28.24 -14.83
C ASP B 388 14.26 -27.20 -14.39
N ARG B 389 15.53 -27.58 -14.42
CA ARG B 389 16.60 -26.75 -13.89
C ARG B 389 17.53 -26.32 -15.02
N TYR B 390 17.87 -25.04 -15.05
CA TYR B 390 18.87 -24.57 -16.01
C TYR B 390 20.20 -25.28 -15.77
N ASP B 391 20.88 -25.69 -16.84
CA ASP B 391 22.19 -26.33 -16.69
C ASP B 391 23.28 -25.33 -17.04
N PHE B 392 24.17 -25.12 -16.10
CA PHE B 392 25.32 -24.25 -16.29
C PHE B 392 26.46 -24.98 -16.96
N GLY B 393 26.26 -26.26 -17.22
CA GLY B 393 27.22 -27.02 -17.95
C GLY B 393 28.49 -27.11 -17.16
N ASP B 394 29.56 -26.83 -17.87
CA ASP B 394 30.90 -27.03 -17.37
C ASP B 394 31.51 -25.73 -16.94
N PRO B 396 32.91 -23.34 -14.49
CA PRO B 396 33.53 -23.59 -13.18
C PRO B 396 32.87 -22.77 -12.08
N VAL B 397 32.69 -23.41 -10.94
CA VAL B 397 32.11 -22.78 -9.79
C VAL B 397 33.13 -22.92 -8.69
N PHE B 398 33.48 -21.81 -8.07
CA PHE B 398 34.47 -21.77 -7.01
C PHE B 398 33.80 -21.82 -5.63
N CYS B 399 34.15 -22.83 -4.84
CA CYS B 399 33.70 -22.94 -3.46
C CYS B 399 34.90 -22.63 -2.56
N ILE B 400 35.01 -21.37 -2.16
CA ILE B 400 36.19 -20.86 -1.42
C ILE B 400 35.90 -21.08 0.06
N ASP B 401 36.38 -22.18 0.61
CA ASP B 401 36.11 -22.45 2.00
C ASP B 401 37.43 -22.77 2.68
N SER B 402 37.41 -22.93 4.01
CA SER B 402 38.57 -23.43 4.73
C SER B 402 38.67 -24.95 4.63
N GLU B 403 39.85 -25.47 4.99
CA GLU B 403 40.07 -26.91 4.99
C GLU B 403 39.15 -27.62 5.98
N ASP B 404 38.97 -27.04 7.17
CA ASP B 404 38.18 -27.66 8.23
C ASP B 404 36.71 -27.27 8.18
N ALA B 405 36.10 -27.31 6.99
CA ALA B 405 34.73 -26.85 6.77
C ALA B 405 33.79 -28.03 6.68
N HIS B 406 32.52 -27.81 6.99
CA HIS B 406 31.57 -28.92 7.07
C HIS B 406 30.53 -28.94 5.94
N GLU B 407 29.74 -27.90 5.82
CA GLU B 407 28.69 -27.82 4.84
C GLU B 407 29.17 -26.82 3.83
N ILE B 408 29.10 -27.18 2.55
CA ILE B 408 29.49 -26.27 1.49
C ILE B 408 28.21 -25.74 0.88
N ASN B 409 27.91 -24.46 1.14
CA ASN B 409 26.64 -23.83 0.78
C ASN B 409 26.68 -22.97 -0.47
N ASP B 410 27.85 -22.57 -0.93
CA ASP B 410 27.92 -21.55 -1.94
C ASP B 410 29.08 -21.75 -2.89
N GLY B 411 28.85 -21.36 -4.15
CA GLY B 411 29.92 -21.21 -5.12
C GLY B 411 29.65 -19.99 -5.96
N ILE B 412 30.71 -19.46 -6.54
CA ILE B 412 30.64 -18.31 -7.43
C ILE B 412 31.21 -18.65 -8.81
N SER B 413 30.59 -18.08 -9.83
CA SER B 413 30.98 -18.19 -11.23
C SER B 413 30.84 -16.84 -11.90
N ILE B 414 31.79 -16.49 -12.75
CA ILE B 414 31.74 -15.24 -13.50
C ILE B 414 31.89 -15.53 -14.98
N GLU B 415 31.17 -14.76 -15.80
CA GLU B 415 31.29 -14.74 -17.25
C GLU B 415 31.65 -13.32 -17.66
N GLU B 416 32.82 -13.13 -18.24
CA GLU B 416 33.17 -11.80 -18.73
C GLU B 416 32.57 -11.61 -20.12
N LEU B 417 31.54 -10.76 -20.20
CA LEU B 417 30.93 -10.47 -21.48
C LEU B 417 31.80 -9.47 -22.23
N ASP B 418 32.17 -8.38 -21.57
CA ASP B 418 33.03 -7.36 -22.14
C ASP B 418 34.00 -6.95 -21.06
N GLY B 419 34.95 -6.11 -21.45
CA GLY B 419 35.71 -5.44 -20.42
C GLY B 419 34.81 -4.62 -19.53
N VAL B 420 33.74 -4.06 -20.09
CA VAL B 420 32.88 -3.20 -19.30
C VAL B 420 31.83 -3.97 -18.52
N ARG B 421 31.36 -5.08 -19.06
CA ARG B 421 30.22 -5.76 -18.48
C ARG B 421 30.61 -7.19 -18.17
N SER B 422 30.24 -7.63 -16.97
CA SER B 422 30.49 -8.97 -16.48
C SER B 422 29.20 -9.53 -15.92
N ARG B 423 29.02 -10.84 -16.04
CA ARG B 423 27.87 -11.51 -15.47
C ARG B 423 28.29 -12.45 -14.35
N ILE B 424 27.55 -12.41 -13.25
CA ILE B 424 27.88 -13.12 -12.03
C ILE B 424 26.77 -14.11 -11.69
N HIS B 425 27.19 -15.28 -11.23
CA HIS B 425 26.29 -16.34 -10.79
C HIS B 425 26.70 -16.80 -9.42
N ILE B 426 25.76 -16.79 -8.49
CA ILE B 426 25.98 -17.28 -7.15
C ILE B 426 25.11 -18.52 -6.99
N HIS B 427 25.76 -19.67 -6.85
CA HIS B 427 25.09 -20.95 -6.76
C HIS B 427 25.06 -21.37 -5.32
N ILE B 428 23.89 -21.48 -4.78
CA ILE B 428 23.70 -21.88 -3.40
C ILE B 428 23.22 -23.30 -3.43
N ALA B 429 23.74 -24.12 -2.54
CA ALA B 429 23.24 -25.48 -2.47
C ALA B 429 21.74 -25.43 -2.30
N ASP B 430 21.05 -26.49 -2.70
CA ASP B 430 19.59 -26.50 -2.69
C ASP B 430 19.14 -27.63 -1.79
N PRO B 431 19.28 -27.45 -0.48
CA PRO B 431 18.76 -28.46 0.44
C PRO B 431 17.25 -28.41 0.50
N ALA B 432 16.68 -27.23 0.27
CA ALA B 432 15.23 -27.10 0.29
C ALA B 432 14.55 -28.09 -0.66
N GLY B 433 15.23 -28.45 -1.74
CA GLY B 433 14.65 -29.38 -2.69
C GLY B 433 14.44 -30.77 -2.14
N LEU B 434 15.15 -31.16 -1.10
CA LEU B 434 15.12 -32.55 -0.64
C LEU B 434 13.84 -32.91 0.10
N PHE B 435 12.89 -31.98 0.23
CA PHE B 435 11.68 -32.14 1.02
C PHE B 435 10.42 -32.00 0.17
N PRO B 436 9.42 -32.85 0.42
CA PRO B 436 8.15 -32.71 -0.29
C PRO B 436 7.50 -31.34 -0.18
N GLU B 437 7.77 -30.60 0.91
CA GLU B 437 7.12 -29.30 1.09
C GLU B 437 7.54 -28.31 0.04
N SER B 438 8.67 -28.55 -0.62
CA SER B 438 9.12 -27.64 -1.66
C SER B 438 8.14 -27.59 -2.83
N PHE B 439 7.37 -28.66 -3.04
CA PHE B 439 6.45 -28.74 -4.17
C PHE B 439 5.01 -29.07 -3.82
N ASP B 440 4.71 -29.62 -2.63
CA ASP B 440 3.40 -30.20 -2.34
C ASP B 440 2.52 -29.20 -1.60
N TYR B 441 1.61 -28.56 -2.32
CA TYR B 441 0.64 -27.64 -1.76
C TYR B 441 -0.61 -28.37 -1.28
N THR B 442 -0.67 -29.70 -1.45
CA THR B 442 -1.83 -30.43 -0.99
C THR B 442 -1.95 -30.35 0.54
N LYS B 443 -0.82 -30.37 1.25
CA LYS B 443 -0.81 -30.32 2.72
C LYS B 443 -0.29 -28.96 3.19
N SER B 444 -1.10 -28.26 4.01
CA SER B 444 -0.72 -26.97 4.57
C SER B 444 0.21 -27.14 5.77
N GLY B 445 1.08 -26.15 5.97
CA GLY B 445 2.08 -26.24 7.02
C GLY B 445 3.23 -27.19 6.70
N ILE B 446 3.96 -27.55 7.77
CA ILE B 446 5.16 -28.38 7.67
C ILE B 446 4.77 -29.78 8.10
N SER B 447 4.85 -30.73 7.19
CA SER B 447 4.40 -32.07 7.54
C SER B 447 5.54 -33.04 7.80
N ASP B 448 6.75 -32.79 7.29
CA ASP B 448 7.78 -33.82 7.32
C ASP B 448 8.52 -33.77 8.65
N ASP B 449 8.82 -34.95 9.19
CA ASP B 449 9.48 -35.03 10.47
C ASP B 449 10.88 -34.44 10.40
N VAL B 450 11.70 -34.93 9.48
CA VAL B 450 13.09 -34.45 9.44
C VAL B 450 13.14 -32.94 9.31
N LEU B 451 12.19 -32.34 8.59
CA LEU B 451 12.24 -30.89 8.42
C LEU B 451 11.80 -30.17 9.68
N ARG B 452 10.74 -30.67 10.30
CA ARG B 452 10.26 -30.10 11.54
C ARG B 452 11.40 -30.00 12.54
N VAL B 453 12.18 -31.08 12.65
CA VAL B 453 13.30 -31.09 13.57
C VAL B 453 14.31 -30.02 13.21
N SER B 454 14.62 -29.89 11.91
CA SER B 454 15.68 -28.98 11.52
C SER B 454 15.33 -27.54 11.89
N LEU B 455 14.10 -27.12 11.63
CA LEU B 455 13.76 -25.77 12.00
C LEU B 455 13.77 -25.57 13.52
N LYS B 456 13.55 -26.62 14.29
CA LYS B 456 13.70 -26.49 15.74
C LYS B 456 15.16 -26.22 16.09
N ARG B 457 16.10 -26.98 15.52
CA ARG B 457 17.52 -26.65 15.59
C ARG B 457 17.77 -25.46 14.69
N ALA B 458 17.33 -24.27 15.06
CA ALA B 458 17.24 -23.20 14.08
C ALA B 458 18.53 -22.89 13.35
N PHE B 459 19.69 -23.38 13.79
CA PHE B 459 20.96 -23.20 13.11
C PHE B 459 21.81 -24.45 13.33
N THR B 460 22.91 -24.51 12.59
CA THR B 460 23.90 -25.50 12.95
C THR B 460 24.63 -24.96 14.16
N THR B 461 24.97 -25.85 15.09
CA THR B 461 25.68 -25.51 16.32
C THR B 461 27.18 -25.72 16.11
N TYR B 462 27.91 -24.62 16.02
CA TYR B 462 29.34 -24.62 15.73
C TYR B 462 30.08 -24.22 16.98
N LEU B 463 30.81 -25.15 17.58
CA LEU B 463 31.60 -24.90 18.79
C LEU B 463 33.02 -25.43 18.62
N PRO B 464 34.01 -24.77 19.26
CA PRO B 464 35.38 -25.27 19.16
C PRO B 464 35.45 -26.73 19.51
N ASP B 465 34.53 -27.17 20.37
CA ASP B 465 34.47 -28.55 20.81
C ASP B 465 33.85 -29.46 19.76
N LEU B 466 32.78 -29.02 19.09
CA LEU B 466 31.98 -29.95 18.32
C LEU B 466 31.10 -29.17 17.36
N VAL B 467 30.42 -29.92 16.48
CA VAL B 467 29.45 -29.38 15.54
C VAL B 467 28.20 -30.23 15.58
N VAL B 468 27.05 -29.58 15.62
CA VAL B 468 25.77 -30.25 15.54
C VAL B 468 25.01 -29.68 14.35
N PRO B 469 25.06 -30.36 13.21
CA PRO B 469 24.52 -29.77 11.99
C PRO B 469 23.01 -29.74 12.04
N LEU B 471 21.09 -30.24 9.79
CA LEU B 471 20.59 -31.26 8.86
C LEU B 471 21.26 -32.62 9.03
N PRO B 472 20.59 -33.70 8.60
CA PRO B 472 21.21 -35.04 8.72
C PRO B 472 22.43 -35.16 7.83
N LYS B 473 23.27 -36.16 8.12
CA LYS B 473 24.42 -36.38 7.27
C LYS B 473 23.99 -36.68 5.84
N SER B 474 22.97 -37.52 5.69
CA SER B 474 22.52 -37.91 4.36
C SER B 474 22.14 -36.69 3.52
N PHE B 475 21.34 -35.79 4.08
CA PHE B 475 20.97 -34.61 3.32
C PHE B 475 22.16 -33.68 3.09
N CYS B 476 23.16 -33.71 3.96
CA CYS B 476 24.30 -32.85 3.69
C CYS B 476 25.17 -33.44 2.58
N ASN B 477 25.36 -34.75 2.59
CA ASN B 477 26.14 -35.40 1.55
C ASN B 477 25.54 -35.14 0.17
N ARG B 478 24.22 -35.19 0.07
CA ARG B 478 23.58 -34.99 -1.22
C ARG B 478 23.69 -33.55 -1.69
N ALA B 479 23.37 -32.59 -0.82
CA ALA B 479 23.23 -31.18 -1.17
C ALA B 479 24.54 -30.38 -1.18
N ASP B 480 25.64 -30.92 -0.63
CA ASP B 480 26.87 -30.15 -0.56
C ASP B 480 27.37 -29.80 -1.95
N LEU B 481 27.82 -28.57 -2.12
CA LEU B 481 28.52 -28.18 -3.34
C LEU B 481 29.97 -28.67 -3.24
N GLY B 482 30.74 -28.40 -4.27
CA GLY B 482 32.16 -28.67 -4.21
C GLY B 482 32.55 -30.07 -4.59
N LYS B 483 31.62 -30.94 -4.99
CA LYS B 483 31.97 -32.30 -5.40
C LYS B 483 32.21 -32.31 -6.91
N HIS B 484 33.50 -32.30 -7.29
CA HIS B 484 33.91 -32.14 -8.68
C HIS B 484 33.31 -33.22 -9.55
N ASP B 485 32.79 -32.81 -10.69
CA ASP B 485 32.18 -33.74 -11.62
C ASP B 485 31.14 -34.60 -10.94
N ARG B 486 30.27 -33.95 -10.18
CA ARG B 486 29.02 -34.53 -9.74
C ARG B 486 27.96 -33.56 -10.21
N LYS B 487 26.97 -34.07 -10.88
CA LYS B 487 25.85 -33.19 -11.20
C LYS B 487 25.19 -32.85 -9.87
N THR B 488 25.18 -31.56 -9.52
CA THR B 488 24.80 -31.13 -8.16
C THR B 488 23.83 -29.96 -8.29
N GLU B 489 22.59 -30.17 -7.82
CA GLU B 489 21.50 -29.20 -7.93
C GLU B 489 21.74 -28.00 -7.04
N THR B 490 21.42 -26.82 -7.55
CA THR B 490 21.59 -25.59 -6.82
C THR B 490 20.36 -24.74 -6.99
N ILE B 491 20.37 -23.62 -6.28
CA ILE B 491 19.57 -22.45 -6.57
C ILE B 491 20.56 -21.38 -6.90
N SER B 492 20.43 -20.78 -8.07
CA SER B 492 21.47 -19.92 -8.58
C SER B 492 20.93 -18.54 -8.85
N PHE B 493 21.71 -17.56 -8.45
CA PHE B 493 21.33 -16.15 -8.53
C PHE B 493 22.24 -15.47 -9.50
N SER B 494 21.67 -14.88 -10.54
CA SER B 494 22.44 -14.37 -11.66
C SER B 494 22.11 -12.91 -11.89
N PHE B 495 23.13 -12.13 -12.23
CA PHE B 495 22.96 -10.72 -12.50
C PHE B 495 24.27 -10.21 -13.10
N GLU B 496 24.20 -9.03 -13.71
CA GLU B 496 25.32 -8.49 -14.46
C GLU B 496 25.77 -7.18 -13.87
N LEU B 497 27.07 -7.01 -13.85
CA LEU B 497 27.67 -5.79 -13.34
C LEU B 497 28.40 -5.12 -14.47
N VAL B 498 28.28 -3.81 -14.52
CA VAL B 498 28.89 -3.03 -15.58
C VAL B 498 29.93 -2.13 -14.93
N ASN B 499 31.14 -2.16 -15.46
CA ASN B 499 32.12 -1.18 -15.01
C ASN B 499 31.67 0.16 -15.56
N LYS B 500 31.62 1.17 -14.71
CA LYS B 500 31.20 2.47 -15.16
C LYS B 500 32.45 3.35 -15.32
N GLU B 501 32.30 4.41 -16.12
CA GLU B 501 33.43 5.30 -16.38
C GLU B 501 33.99 5.90 -15.09
N ASP B 502 33.11 6.33 -14.18
CA ASP B 502 33.46 6.94 -12.89
C ASP B 502 34.51 6.14 -12.11
N GLY B 503 34.88 4.96 -12.62
CA GLY B 503 35.62 3.99 -11.86
C GLY B 503 34.74 3.16 -10.95
N GLY B 504 33.53 3.64 -10.69
CA GLY B 504 32.55 2.92 -9.92
C GLY B 504 32.02 1.76 -10.73
N LEU B 505 31.05 1.10 -10.16
CA LEU B 505 30.47 -0.06 -10.78
C LEU B 505 28.97 0.09 -10.64
N HIS B 506 28.23 -0.44 -11.60
CA HIS B 506 26.80 -0.32 -11.47
C HIS B 506 26.16 -1.68 -11.67
N VAL B 507 25.10 -1.91 -10.91
CA VAL B 507 24.43 -3.20 -10.83
C VAL B 507 23.10 -3.07 -11.55
N ASP B 508 22.90 -3.95 -12.51
CA ASP B 508 21.74 -3.95 -13.38
C ASP B 508 20.65 -4.83 -12.76
N TYR B 509 19.70 -4.22 -12.02
CA TYR B 509 18.73 -5.05 -11.29
C TYR B 509 17.81 -5.82 -12.24
N ASP B 510 17.61 -5.34 -13.45
CA ASP B 510 16.74 -6.09 -14.34
C ASP B 510 17.36 -7.39 -14.84
N THR B 511 18.70 -7.52 -14.81
CA THR B 511 19.32 -8.82 -15.04
C THR B 511 19.01 -9.82 -13.92
N PHE B 512 18.69 -9.33 -12.73
CA PHE B 512 18.64 -10.25 -11.61
C PHE B 512 17.67 -11.37 -11.87
N GLN B 513 18.14 -12.57 -11.63
CA GLN B 513 17.38 -13.73 -12.02
C GLN B 513 17.67 -14.86 -11.07
N VAL B 514 16.64 -15.63 -10.77
CA VAL B 514 16.77 -16.76 -9.87
C VAL B 514 16.34 -18.01 -10.61
N ARG B 515 17.17 -19.04 -10.53
CA ARG B 515 16.90 -20.29 -11.23
C ARG B 515 17.35 -21.48 -10.41
N LEU B 516 16.64 -22.58 -10.59
CA LEU B 516 17.07 -23.86 -10.08
C LEU B 516 18.10 -24.37 -11.06
N GLY B 517 19.33 -24.57 -10.61
CA GLY B 517 20.33 -24.89 -11.61
C GLY B 517 20.97 -26.23 -11.40
N ILE B 518 22.00 -26.50 -12.20
CA ILE B 518 22.89 -27.65 -12.04
C ILE B 518 24.29 -27.19 -12.40
N VAL B 519 25.27 -27.75 -11.69
CA VAL B 519 26.67 -27.42 -11.90
C VAL B 519 27.43 -28.69 -11.59
N SER B 520 28.66 -28.79 -12.09
CA SER B 520 29.45 -29.98 -11.78
C SER B 520 30.95 -29.74 -11.83
N ASN B 521 31.40 -28.56 -12.28
CA ASN B 521 32.82 -28.27 -12.40
C ASN B 521 33.23 -27.39 -11.22
N PHE B 522 33.89 -27.99 -10.24
CA PHE B 522 34.30 -27.35 -8.99
C PHE B 522 35.82 -27.37 -8.88
N PRO B 523 36.52 -26.28 -9.21
CA PRO B 523 37.95 -26.21 -8.87
C PRO B 523 38.16 -26.36 -7.36
N LYS B 524 39.17 -27.18 -6.97
CA LYS B 524 39.48 -27.40 -5.56
C LYS B 524 40.21 -26.18 -4.99
N VAL B 525 39.62 -25.53 -3.98
CA VAL B 525 40.02 -24.18 -3.62
C VAL B 525 39.80 -23.93 -2.14
N THR B 526 40.64 -23.06 -1.57
CA THR B 526 40.52 -22.60 -0.20
C THR B 526 40.78 -21.11 -0.16
N TYR B 527 40.34 -20.48 0.93
CA TYR B 527 40.60 -19.05 1.08
C TYR B 527 42.07 -18.74 0.97
N ASP B 528 42.91 -19.61 1.51
CA ASP B 528 44.35 -19.38 1.46
C ASP B 528 44.88 -19.59 0.07
N LYS B 529 44.48 -20.69 -0.56
CA LYS B 529 44.91 -20.94 -1.92
C LYS B 529 44.62 -19.73 -2.79
N VAL B 530 43.37 -19.29 -2.76
CA VAL B 530 42.97 -18.09 -3.49
C VAL B 530 43.86 -16.93 -3.13
N ASP B 531 44.07 -16.73 -1.83
CA ASP B 531 44.88 -15.60 -1.41
C ASP B 531 46.28 -15.68 -2.00
N SER B 532 46.87 -16.87 -2.04
CA SER B 532 48.19 -16.95 -2.64
C SER B 532 48.12 -16.72 -4.13
N ILE B 533 47.07 -17.21 -4.76
CA ILE B 533 46.89 -16.99 -6.20
C ILE B 533 46.81 -15.51 -6.51
N LEU B 534 46.08 -14.75 -5.71
CA LEU B 534 45.92 -13.33 -5.99
C LEU B 534 47.15 -12.53 -5.67
N ASN B 535 48.15 -13.15 -5.07
CA ASN B 535 49.49 -12.64 -5.09
C ASN B 535 50.28 -13.52 -6.05
N GLY B 536 51.56 -13.23 -6.21
CA GLY B 536 52.24 -14.05 -7.20
C GLY B 536 52.41 -15.50 -6.81
N ASP B 537 52.11 -15.84 -5.56
CA ASP B 537 52.64 -17.05 -4.95
C ASP B 537 52.21 -18.33 -5.66
N ASP B 538 50.99 -18.40 -6.22
CA ASP B 538 50.44 -19.68 -6.65
C ASP B 538 50.01 -19.69 -8.11
N ASN B 539 50.39 -20.78 -8.81
CA ASN B 539 50.10 -20.98 -10.22
C ASN B 539 49.65 -22.39 -10.60
N SER B 540 49.20 -23.21 -9.65
CA SER B 540 48.71 -24.55 -9.94
C SER B 540 47.44 -24.54 -10.80
N LEU B 541 46.79 -23.39 -10.96
CA LEU B 541 45.50 -23.21 -11.59
C LEU B 541 45.64 -22.92 -13.09
N PRO B 542 44.65 -23.36 -13.88
CA PRO B 542 44.59 -22.92 -15.28
C PRO B 542 44.56 -21.42 -15.34
N SER B 543 45.31 -20.87 -16.27
CA SER B 543 45.38 -19.43 -16.35
C SER B 543 44.01 -18.81 -16.54
N LYS B 544 43.06 -19.54 -17.12
CA LYS B 544 41.74 -18.98 -17.32
C LYS B 544 41.02 -18.80 -15.98
N GLN B 545 41.07 -19.81 -15.12
CA GLN B 545 40.42 -19.76 -13.82
C GLN B 545 41.04 -18.68 -12.95
N LYS B 546 42.38 -18.68 -12.85
CA LYS B 546 43.07 -17.61 -12.15
C LYS B 546 42.60 -16.25 -12.62
N LYS B 547 42.31 -16.10 -13.91
CA LYS B 547 41.97 -14.79 -14.40
C LYS B 547 40.59 -14.36 -13.89
N GLN B 548 39.69 -15.33 -13.72
CA GLN B 548 38.36 -14.95 -13.27
C GLN B 548 38.39 -14.51 -11.84
N LEU B 549 39.24 -15.12 -11.02
CA LEU B 549 39.39 -14.69 -9.65
C LEU B 549 39.88 -13.25 -9.58
N GLU B 550 40.93 -12.94 -10.34
CA GLU B 550 41.41 -11.56 -10.29
C GLU B 550 40.28 -10.63 -10.65
N LEU B 551 39.50 -11.03 -11.64
CA LEU B 551 38.37 -10.23 -12.08
C LEU B 551 37.36 -10.08 -10.97
N LEU B 552 37.04 -11.19 -10.31
CA LEU B 552 36.08 -11.13 -9.21
C LEU B 552 36.60 -10.31 -8.04
N HIS B 553 37.87 -10.46 -7.68
CA HIS B 553 38.36 -9.66 -6.58
C HIS B 553 38.25 -8.18 -6.91
N THR B 554 38.60 -7.82 -8.14
CA THR B 554 38.52 -6.41 -8.47
C THR B 554 37.10 -5.93 -8.41
N LEU B 555 36.15 -6.81 -8.67
CA LEU B 555 34.74 -6.44 -8.53
C LEU B 555 34.37 -6.24 -7.05
N ALA B 556 34.87 -7.11 -6.18
CA ALA B 556 34.53 -7.00 -4.77
C ALA B 556 35.00 -5.67 -4.18
N THR B 557 36.23 -5.26 -4.47
CA THR B 557 36.71 -3.97 -3.93
C THR B 557 35.86 -2.81 -4.39
N LYS B 558 35.34 -2.86 -5.63
CA LYS B 558 34.49 -1.78 -6.12
C LYS B 558 33.11 -1.82 -5.48
N LEU B 559 32.64 -3.04 -5.19
CA LEU B 559 31.38 -3.21 -4.44
C LEU B 559 31.50 -2.65 -3.03
N LEU B 560 32.58 -3.02 -2.34
CA LEU B 560 32.80 -2.57 -0.98
C LEU B 560 32.94 -1.07 -0.93
N HIS B 561 33.80 -0.52 -1.78
CA HIS B 561 33.98 0.91 -1.83
C HIS B 561 32.64 1.60 -2.03
N LYS B 562 31.73 0.98 -2.79
CA LYS B 562 30.42 1.56 -2.99
C LYS B 562 29.59 1.55 -1.71
N ARG B 563 29.48 0.39 -1.06
CA ARG B 563 28.64 0.31 0.12
C ARG B 563 29.00 1.36 1.13
N ILE B 564 30.29 1.62 1.28
CA ILE B 564 30.73 2.60 2.24
C ILE B 564 30.30 4.00 1.82
N HIS B 565 30.74 4.43 0.66
CA HIS B 565 30.59 5.84 0.35
C HIS B 565 29.18 6.18 -0.04
N ASP B 566 28.39 5.18 -0.42
CA ASP B 566 27.07 5.41 -0.99
C ASP B 566 25.95 4.90 -0.12
N ASP B 567 26.16 3.77 0.52
CA ASP B 567 25.19 3.20 1.45
C ASP B 567 25.53 3.54 2.90
N ASN B 568 26.58 4.33 3.12
CA ASN B 568 27.07 4.66 4.45
C ASN B 568 27.15 3.41 5.31
N ALA B 569 27.61 2.35 4.68
CA ALA B 569 27.83 1.11 5.40
C ALA B 569 28.93 1.31 6.43
N VAL B 570 28.93 0.45 7.44
CA VAL B 570 29.91 0.49 8.52
C VAL B 570 30.64 -0.85 8.54
N VAL B 571 31.93 -0.83 8.20
CA VAL B 571 32.70 -2.05 8.08
C VAL B 571 33.97 -1.93 8.89
N PHE B 572 34.30 -2.97 9.63
CA PHE B 572 35.35 -2.89 10.64
C PHE B 572 36.65 -3.40 10.11
N GLY B 573 37.74 -2.86 10.63
CA GLY B 573 39.00 -3.51 10.32
C GLY B 573 39.09 -4.77 11.13
N ASP B 574 40.30 -5.26 11.33
CA ASP B 574 40.51 -6.48 12.11
C ASP B 574 40.89 -6.11 13.53
N GLY B 575 40.93 -7.12 14.37
CA GLY B 575 41.20 -6.88 15.76
C GLY B 575 39.97 -6.79 16.60
N PHE B 576 38.78 -6.89 16.00
CA PHE B 576 37.63 -7.08 16.87
C PHE B 576 37.61 -8.48 17.41
N ASN B 577 38.19 -9.40 16.64
CA ASN B 577 38.23 -10.82 16.94
C ASN B 577 39.68 -11.25 16.88
N LYS B 578 40.38 -10.99 17.98
CA LYS B 578 41.72 -11.48 18.21
C LYS B 578 41.62 -12.63 19.19
N GLY B 579 42.60 -13.52 19.16
CA GLY B 579 42.59 -14.60 20.14
C GLY B 579 41.40 -15.52 20.04
N LEU B 580 40.93 -15.78 18.83
CA LEU B 580 39.90 -16.78 18.67
C LEU B 580 40.49 -18.16 18.88
N VAL B 581 39.61 -19.08 19.22
CA VAL B 581 39.99 -20.32 19.87
C VAL B 581 39.86 -21.47 18.90
N SER B 582 40.92 -22.24 18.79
CA SER B 582 40.91 -23.48 18.04
C SER B 582 41.54 -24.55 18.92
N LEU B 583 40.91 -25.73 18.94
CA LEU B 583 41.36 -26.84 19.76
C LEU B 583 42.26 -27.82 19.01
N SER B 584 43.22 -28.39 19.72
CA SER B 584 44.04 -29.52 19.28
C SER B 584 43.78 -30.75 20.18
N PRO B 585 44.16 -31.99 19.71
CA PRO B 585 43.67 -33.23 20.35
C PRO B 585 44.61 -33.99 21.31
N ASP B 586 44.08 -35.12 21.79
CA ASP B 586 44.73 -36.01 22.77
C ASP B 586 45.05 -35.23 24.04
N CYS B 592 41.36 -31.06 22.61
CA CYS B 592 41.48 -30.65 24.02
C CYS B 592 42.62 -29.67 24.35
N ILE B 593 43.39 -29.24 23.37
CA ILE B 593 44.52 -28.34 23.58
C ILE B 593 44.31 -27.08 22.77
N PRO B 594 44.17 -25.92 23.39
CA PRO B 594 43.77 -24.71 22.65
C PRO B 594 44.89 -23.99 21.93
N THR B 595 44.57 -23.51 20.73
CA THR B 595 45.42 -22.66 19.94
C THR B 595 44.61 -21.44 19.51
N PHE B 596 45.29 -20.31 19.36
CA PHE B 596 44.61 -19.05 19.15
C PHE B 596 45.07 -18.39 17.89
N TYR B 597 44.16 -17.66 17.29
CA TYR B 597 44.45 -16.97 16.05
C TYR B 597 43.50 -15.80 15.97
N ASP B 598 43.83 -14.86 15.09
CA ASP B 598 42.95 -13.74 14.83
C ASP B 598 42.17 -13.98 13.57
N GLN B 599 40.94 -13.50 13.56
CA GLN B 599 40.21 -13.49 12.31
C GLN B 599 40.89 -12.51 11.38
N SER B 600 41.28 -13.00 10.23
CA SER B 600 41.92 -12.20 9.20
C SER B 600 40.86 -11.93 8.14
N GLN B 601 40.87 -10.71 7.64
CA GLN B 601 40.10 -10.33 6.47
C GLN B 601 41.12 -10.18 5.34
N THR B 602 40.96 -10.96 4.29
CA THR B 602 41.96 -11.06 3.26
C THR B 602 41.30 -10.77 1.92
N LYS B 603 42.07 -10.88 0.85
CA LYS B 603 41.48 -10.70 -0.46
C LYS B 603 40.43 -11.77 -0.70
N SER B 604 40.75 -13.01 -0.36
CA SER B 604 39.84 -14.14 -0.56
C SER B 604 38.59 -13.96 0.28
N THR B 605 38.77 -13.55 1.50
CA THR B 605 37.66 -13.18 2.37
C THR B 605 36.79 -12.10 1.75
N LEU B 606 37.44 -11.04 1.28
CA LEU B 606 36.73 -9.91 0.71
C LEU B 606 35.90 -10.33 -0.47
N LEU B 607 36.45 -11.21 -1.28
CA LEU B 607 35.81 -11.64 -2.51
C LEU B 607 34.50 -12.34 -2.20
N VAL B 608 34.54 -13.37 -1.36
CA VAL B 608 33.34 -14.11 -1.03
C VAL B 608 32.36 -13.20 -0.31
N SER B 609 32.83 -12.44 0.69
CA SER B 609 31.92 -11.68 1.54
C SER B 609 31.13 -10.65 0.73
N GLU B 610 31.80 -9.92 -0.15
CA GLU B 610 31.08 -8.89 -0.87
C GLU B 610 29.96 -9.49 -1.71
N PHE B 611 30.20 -10.66 -2.27
CA PHE B 611 29.19 -11.24 -3.14
C PHE B 611 28.05 -11.92 -2.38
N ILE B 613 26.89 -10.79 0.67
CA ILE B 613 26.19 -9.59 1.04
C ILE B 613 25.32 -9.10 -0.09
N LEU B 614 25.85 -9.08 -1.30
CA LEU B 614 25.10 -8.54 -2.43
C LEU B 614 23.92 -9.43 -2.80
N THR B 615 24.15 -10.74 -2.90
CA THR B 615 23.06 -11.67 -3.10
C THR B 615 21.97 -11.46 -2.07
N ASN B 616 22.37 -11.33 -0.81
CA ASN B 616 21.38 -11.21 0.25
C ASN B 616 20.66 -9.88 0.17
N LYS B 617 21.36 -8.81 -0.20
CA LYS B 617 20.67 -7.54 -0.45
C LYS B 617 19.67 -7.68 -1.57
N LEU B 618 20.04 -8.40 -2.62
CA LEU B 618 19.21 -8.47 -3.82
C LEU B 618 17.95 -9.26 -3.57
N CYS B 619 18.05 -10.31 -2.78
CA CYS B 619 16.87 -11.11 -2.47
C CYS B 619 15.89 -10.34 -1.59
N ALA B 620 16.38 -9.40 -0.80
CA ALA B 620 15.49 -8.48 -0.13
C ALA B 620 14.57 -7.81 -1.15
N ALA B 621 15.16 -7.18 -2.17
CA ALA B 621 14.38 -6.53 -3.20
C ALA B 621 13.40 -7.48 -3.84
N PHE B 622 13.86 -8.68 -4.14
CA PHE B 622 13.05 -9.64 -4.86
C PHE B 622 11.80 -10.03 -4.07
N PHE B 623 11.96 -10.27 -2.77
CA PHE B 623 10.85 -10.71 -1.94
C PHE B 623 9.80 -9.62 -1.80
N GLN B 624 10.23 -8.38 -1.67
CA GLN B 624 9.29 -7.29 -1.48
C GLN B 624 8.50 -7.00 -2.75
N GLU B 625 9.21 -6.89 -3.89
CA GLU B 625 8.57 -6.59 -5.16
C GLU B 625 7.59 -7.67 -5.55
N ASN B 626 7.94 -8.91 -5.32
CA ASN B 626 7.04 -10.00 -5.61
C ASN B 626 6.12 -10.33 -4.45
N LYS B 627 6.14 -9.52 -3.39
CA LYS B 627 5.24 -9.70 -2.26
C LYS B 627 5.39 -11.11 -1.71
N ILE B 628 6.61 -11.48 -1.37
CA ILE B 628 6.91 -12.78 -0.78
C ILE B 628 7.24 -12.57 0.69
N PRO B 629 6.60 -13.28 1.62
CA PRO B 629 7.01 -13.20 3.02
C PRO B 629 8.34 -13.92 3.24
N GLY B 630 9.29 -13.22 3.89
CA GLY B 630 10.59 -13.79 4.18
C GLY B 630 11.06 -13.37 5.56
N VAL B 631 12.10 -14.04 6.02
CA VAL B 631 12.69 -13.68 7.32
C VAL B 631 13.93 -12.83 7.03
N TYR B 632 13.88 -11.55 7.42
CA TYR B 632 14.94 -10.57 7.14
C TYR B 632 15.85 -10.45 8.35
N ARG B 633 17.02 -9.88 8.13
CA ARG B 633 17.92 -9.63 9.24
C ARG B 633 18.19 -8.13 9.28
N CYS B 634 18.00 -7.53 10.46
CA CYS B 634 17.92 -6.10 10.62
C CYS B 634 18.92 -5.63 11.66
N TYR B 635 19.14 -4.33 11.69
CA TYR B 635 20.02 -3.71 12.68
C TYR B 635 19.55 -2.28 12.85
N ASN B 636 19.29 -1.86 14.10
CA ASN B 636 18.81 -0.50 14.37
C ASN B 636 19.89 0.46 14.84
N GLY B 637 20.74 0.04 15.75
CA GLY B 637 21.63 0.97 16.38
C GLY B 637 21.02 1.51 17.63
N LEU B 638 21.71 2.44 18.26
CA LEU B 638 21.30 2.92 19.56
C LEU B 638 20.87 4.37 19.50
N ASN B 639 19.97 4.73 20.39
CA ASN B 639 19.63 6.12 20.63
C ASN B 639 20.68 6.70 21.56
N LEU B 640 21.41 7.71 21.11
CA LEU B 640 22.56 8.21 21.85
C LEU B 640 22.42 9.71 22.11
N GLY B 641 23.11 10.19 23.14
CA GLY B 641 23.13 11.60 23.46
C GLY B 641 23.85 12.44 22.42
N ASN B 642 23.67 13.75 22.51
CA ASN B 642 24.19 14.62 21.46
C ASN B 642 25.71 14.54 21.37
N GLN B 643 26.40 14.61 22.52
CA GLN B 643 27.84 14.47 22.51
C GLN B 643 28.26 13.05 22.19
N ALA B 644 27.52 12.08 22.69
CA ALA B 644 27.86 10.68 22.44
C ALA B 644 27.71 10.35 20.97
N LYS B 645 26.71 10.93 20.31
CA LYS B 645 26.48 10.62 18.92
C LYS B 645 27.59 11.16 18.02
N ALA B 646 28.19 12.28 18.40
CA ALA B 646 29.32 12.83 17.64
C ALA B 646 30.61 12.06 17.90
N GLN B 647 30.82 11.65 19.17
CA GLN B 647 31.96 10.80 19.49
C GLN B 647 31.89 9.53 18.67
N PHE B 648 30.68 9.07 18.39
CA PHE B 648 30.47 7.87 17.58
C PHE B 648 30.90 8.12 16.14
N GLU B 649 30.60 9.30 15.61
CA GLU B 649 30.96 9.60 14.23
C GLU B 649 32.46 9.60 14.00
N LEU B 650 33.22 10.15 14.95
CA LEU B 650 34.67 10.13 14.82
C LEU B 650 35.22 8.73 15.02
N LEU B 651 34.59 7.92 15.85
CA LEU B 651 35.11 6.57 16.06
C LEU B 651 34.90 5.68 14.84
N LYS B 652 33.85 5.91 14.07
CA LYS B 652 33.64 5.03 12.92
C LYS B 652 34.60 5.32 11.79
N GLU B 653 35.13 6.54 11.74
CA GLU B 653 36.15 6.87 10.76
C GLU B 653 37.47 6.22 11.12
N ASN B 654 37.78 6.16 12.41
CA ASN B 654 39.04 5.61 12.87
C ASN B 654 39.13 4.10 12.68
N ILE B 655 38.00 3.39 12.75
CA ILE B 655 37.98 1.93 12.69
C ILE B 655 37.62 1.42 11.30
N LYS B 656 37.55 2.30 10.30
CA LYS B 656 37.32 1.86 8.92
C LYS B 656 38.30 0.75 8.56
N LEU B 657 38.02 0.03 7.48
CA LEU B 657 38.76 -1.21 7.28
C LEU B 657 40.18 -1.00 6.77
N GLY B 658 40.45 0.08 6.02
CA GLY B 658 41.82 0.35 5.61
C GLY B 658 42.71 0.71 6.78
N LYS B 659 42.11 1.22 7.86
CA LYS B 659 42.73 1.68 9.09
C LYS B 659 43.04 0.54 10.07
N LEU B 660 44.15 0.72 10.81
CA LEU B 660 44.63 -0.09 11.94
C LEU B 660 44.32 0.54 13.30
N PRO B 661 43.08 0.46 13.78
CA PRO B 661 42.67 1.25 14.95
C PRO B 661 43.38 0.81 16.23
N SER B 662 43.49 1.75 17.17
CA SER B 662 44.04 1.39 18.47
C SER B 662 42.97 0.69 19.29
N LEU B 663 43.41 -0.20 20.19
CA LEU B 663 42.44 -0.97 20.96
C LEU B 663 41.61 -0.08 21.88
N LYS B 664 42.14 1.07 22.26
CA LYS B 664 41.34 2.05 22.98
C LYS B 664 40.08 2.38 22.22
N ASP B 665 40.22 2.75 20.95
CA ASP B 665 39.06 3.12 20.15
C ASP B 665 38.16 1.93 19.88
N ILE B 666 38.69 0.71 19.75
CA ILE B 666 37.76 -0.37 19.48
C ILE B 666 36.92 -0.63 20.71
N THR B 667 37.53 -0.51 21.87
CA THR B 667 36.79 -0.68 23.10
C THR B 667 35.75 0.42 23.26
N LYS B 668 36.13 1.67 23.05
CA LYS B 668 35.16 2.74 23.24
C LYS B 668 33.93 2.58 22.36
N ILE B 669 34.12 2.15 21.13
CA ILE B 669 32.96 2.07 20.26
C ILE B 669 32.11 0.86 20.56
N SER B 670 32.70 -0.25 21.00
CA SER B 670 31.94 -1.48 21.14
C SER B 670 30.74 -1.28 22.03
N SER B 671 30.81 -0.29 22.90
CA SER B 671 29.74 0.09 23.81
C SER B 671 28.67 0.99 23.18
N GLN B 672 28.76 1.35 21.88
CA GLN B 672 27.76 2.21 21.26
C GLN B 672 27.07 1.54 20.10
N LEU B 673 27.22 0.23 20.03
CA LEU B 673 26.61 -0.54 18.97
C LEU B 673 25.48 -1.40 19.51
N SER B 674 24.51 -1.63 18.64
CA SER B 674 23.35 -2.44 18.95
C SER B 674 23.71 -3.87 18.52
N SER B 675 22.72 -4.72 18.30
CA SER B 675 22.95 -6.03 17.74
C SER B 675 21.95 -6.28 16.61
N SER B 676 22.20 -7.31 15.83
CA SER B 676 21.35 -7.64 14.70
C SER B 676 20.24 -8.56 15.16
N PHE B 677 19.12 -8.50 14.47
CA PHE B 677 18.00 -9.34 14.87
C PHE B 677 17.24 -9.73 13.61
N TYR B 678 16.61 -10.90 13.67
CA TYR B 678 15.76 -11.39 12.61
C TYR B 678 14.36 -10.81 12.72
N SER B 679 13.73 -10.63 11.58
CA SER B 679 12.45 -9.96 11.54
C SER B 679 11.59 -10.60 10.47
N PRO B 680 10.28 -10.63 10.64
CA PRO B 680 9.37 -11.13 9.60
C PRO B 680 8.94 -10.08 8.59
N PHE B 681 9.47 -8.87 8.66
CA PHE B 681 9.19 -7.87 7.66
C PHE B 681 10.45 -7.03 7.44
N PRO B 682 10.60 -6.44 6.25
CA PRO B 682 11.85 -5.74 5.94
C PRO B 682 12.11 -4.55 6.84
N LEU B 683 13.33 -4.47 7.33
CA LEU B 683 13.86 -3.34 8.07
C LEU B 683 15.31 -3.18 7.64
N PRO B 684 15.82 -1.96 7.60
CA PRO B 684 17.19 -1.76 7.15
C PRO B 684 18.16 -2.46 8.06
N HIS B 685 19.18 -3.05 7.48
CA HIS B 685 20.33 -3.49 8.24
C HIS B 685 21.37 -2.37 8.11
N LYS B 686 21.33 -1.43 9.05
CA LYS B 686 22.06 -0.18 8.97
C LYS B 686 23.56 -0.35 9.09
N ILE B 688 25.19 -2.80 7.16
CA ILE B 688 25.53 -3.24 5.82
C ILE B 688 25.23 -2.16 4.80
N GLY B 689 24.24 -1.33 5.08
CA GLY B 689 23.95 -0.27 4.16
C GLY B 689 22.78 0.46 4.72
N ASN B 690 21.83 0.78 3.87
CA ASN B 690 20.61 1.43 4.30
C ASN B 690 19.40 0.67 3.77
N THR B 691 19.55 -0.64 3.58
CA THR B 691 18.59 -1.42 2.85
C THR B 691 18.27 -2.71 3.61
N ALA B 692 17.10 -3.27 3.29
CA ALA B 692 16.70 -4.54 3.87
C ALA B 692 17.71 -5.62 3.52
N TYR B 693 17.68 -6.71 4.26
CA TYR B 693 18.71 -7.74 4.10
C TYR B 693 18.09 -9.09 4.37
N LEU B 694 18.18 -9.99 3.39
CA LEU B 694 17.51 -11.26 3.48
C LEU B 694 18.47 -12.38 3.09
N THR B 695 18.73 -13.28 4.02
CA THR B 695 19.82 -14.23 3.92
C THR B 695 19.34 -15.51 3.23
N VAL B 696 20.06 -15.91 2.16
CA VAL B 696 19.69 -17.09 1.39
C VAL B 696 20.91 -17.96 1.14
N THR B 697 22.06 -17.40 1.44
CA THR B 697 23.34 -17.95 1.08
C THR B 697 23.78 -19.16 1.91
N SER B 698 23.13 -19.46 3.02
CA SER B 698 23.54 -20.58 3.88
C SER B 698 22.30 -21.37 4.26
N PRO B 699 21.62 -21.96 3.29
CA PRO B 699 20.36 -22.64 3.60
C PRO B 699 20.51 -23.90 4.44
N ARG B 701 22.65 -24.43 7.18
CA ARG B 701 23.14 -24.11 8.52
C ARG B 701 22.43 -22.92 9.16
N ARG B 702 21.49 -22.27 8.46
CA ARG B 702 20.63 -21.24 9.02
C ARG B 702 19.22 -21.51 8.55
N GLY B 703 18.30 -21.68 9.51
CA GLY B 703 16.89 -21.80 9.24
C GLY B 703 16.30 -20.62 8.50
N PRO B 704 16.66 -19.39 8.84
CA PRO B 704 16.21 -18.26 8.02
C PRO B 704 16.47 -18.47 6.54
N ASP B 705 17.69 -18.82 6.16
CA ASP B 705 17.95 -19.08 4.75
C ASP B 705 17.13 -20.24 4.26
N LEU B 706 17.09 -21.31 5.04
CA LEU B 706 16.41 -22.51 4.59
C LEU B 706 14.95 -22.24 4.29
N ILE B 707 14.30 -21.40 5.09
CA ILE B 707 12.89 -21.11 4.89
C ILE B 707 12.69 -20.19 3.69
N ASN B 708 13.55 -19.18 3.57
CA ASN B 708 13.53 -18.37 2.37
C ASN B 708 13.68 -19.24 1.11
N HIS B 709 14.44 -20.35 1.20
CA HIS B 709 14.61 -21.22 0.04
C HIS B 709 13.31 -21.93 -0.30
N LEU B 710 12.57 -22.41 0.69
CA LEU B 710 11.28 -23.03 0.37
C LEU B 710 10.30 -22.06 -0.23
N GLN B 711 10.34 -20.78 0.17
CA GLN B 711 9.47 -19.80 -0.45
C GLN B 711 9.81 -19.63 -1.91
N LEU B 712 11.09 -19.76 -2.25
CA LEU B 712 11.54 -19.65 -3.62
C LEU B 712 11.05 -20.82 -4.46
N HIS B 713 11.19 -22.04 -3.94
CA HIS B 713 10.69 -23.20 -4.67
C HIS B 713 9.23 -23.03 -5.07
N ARG B 714 8.39 -22.59 -4.14
CA ARG B 714 6.97 -22.40 -4.44
C ARG B 714 6.77 -21.31 -5.48
N PHE B 715 7.50 -20.22 -5.37
CA PHE B 715 7.26 -19.06 -6.24
C PHE B 715 7.69 -19.36 -7.66
N LEU B 716 8.91 -19.87 -7.83
CA LEU B 716 9.47 -20.11 -9.16
C LEU B 716 8.68 -21.14 -9.95
N LYS B 717 8.16 -22.17 -9.29
CA LYS B 717 7.26 -23.10 -9.94
C LYS B 717 5.81 -22.66 -9.76
N LYS B 718 5.61 -21.38 -9.46
CA LYS B 718 4.33 -20.69 -9.44
C LYS B 718 3.23 -21.46 -8.69
N LEU B 719 3.63 -22.07 -7.59
CA LEU B 719 2.73 -22.73 -6.66
C LEU B 719 2.29 -21.76 -5.57
N PRO B 720 1.32 -22.16 -4.75
CA PRO B 720 1.03 -21.39 -3.54
C PRO B 720 2.26 -21.38 -2.64
N LEU B 721 2.51 -20.23 -2.06
CA LEU B 721 3.66 -20.05 -1.20
C LEU B 721 3.56 -20.94 0.03
N CYS B 722 4.73 -21.24 0.61
CA CYS B 722 4.83 -22.19 1.72
C CYS B 722 4.32 -21.60 3.05
N PHE B 723 4.65 -20.34 3.34
CA PHE B 723 4.29 -19.72 4.61
C PHE B 723 3.54 -18.43 4.32
N LYS B 724 2.32 -18.32 4.84
CA LYS B 724 1.71 -17.01 4.84
C LYS B 724 2.44 -16.13 5.85
N GLN B 725 2.27 -14.82 5.69
CA GLN B 725 3.01 -13.90 6.54
C GLN B 725 2.70 -14.10 8.01
N GLU B 726 1.45 -14.42 8.32
CA GLU B 726 1.07 -14.62 9.72
C GLU B 726 1.79 -15.82 10.30
N TYR B 727 1.76 -16.94 9.58
CA TYR B 727 2.47 -18.15 9.97
C TYR B 727 3.97 -17.92 10.17
N LEU B 728 4.51 -16.82 9.65
CA LEU B 728 5.95 -16.62 9.69
C LEU B 728 6.49 -16.35 11.09
N ASP B 729 5.82 -15.47 11.85
CA ASP B 729 6.44 -14.94 13.07
C ASP B 729 6.90 -16.03 14.05
N GLN B 730 6.13 -17.13 14.15
CA GLN B 730 6.43 -18.17 15.13
C GLN B 730 7.84 -18.64 14.93
N TYR B 731 8.24 -18.79 13.69
CA TYR B 731 9.57 -19.27 13.38
C TYR B 731 10.61 -18.19 13.66
N VAL B 732 10.28 -16.93 13.36
CA VAL B 732 11.24 -15.86 13.63
C VAL B 732 11.55 -15.78 15.11
N TRP B 733 10.51 -15.92 15.95
CA TRP B 733 10.72 -15.87 17.38
C TRP B 733 11.56 -17.05 17.82
N SER B 734 11.23 -18.23 17.31
CA SER B 734 11.99 -19.42 17.66
C SER B 734 13.43 -19.36 17.14
N PHE B 735 13.64 -18.80 15.95
CA PHE B 735 15.00 -18.68 15.45
C PHE B 735 15.79 -17.70 16.29
N GLN B 736 15.19 -16.56 16.57
CA GLN B 736 15.87 -15.56 17.37
C GLN B 736 16.24 -16.14 18.73
N ALA B 737 15.32 -16.90 19.31
CA ALA B 737 15.61 -17.62 20.54
C ALA B 737 16.87 -18.44 20.35
N ARG B 738 16.87 -19.30 19.36
CA ARG B 738 17.95 -20.24 19.21
C ARG B 738 19.25 -19.54 18.84
N ALA B 739 19.19 -18.45 18.11
CA ALA B 739 20.40 -17.71 17.78
C ALA B 739 21.02 -17.11 19.01
N ASP B 740 20.19 -16.60 19.92
CA ASP B 740 20.73 -15.96 21.12
C ASP B 740 21.48 -16.97 21.97
N ILE B 741 20.82 -18.08 22.31
CA ILE B 741 21.45 -19.15 23.03
C ILE B 741 22.82 -19.47 22.47
N LEU B 742 22.91 -19.55 21.14
CA LEU B 742 24.18 -19.94 20.55
C LEU B 742 25.23 -18.85 20.77
N LYS B 743 24.86 -17.57 20.59
CA LYS B 743 25.80 -16.49 20.86
C LYS B 743 26.38 -16.63 22.25
N ILE B 744 25.51 -16.90 23.22
CA ILE B 744 25.93 -17.06 24.61
C ILE B 744 26.92 -18.20 24.73
N PHE B 745 26.50 -19.39 24.31
CA PHE B 745 27.32 -20.55 24.57
C PHE B 745 28.59 -20.52 23.76
N GLN B 746 28.57 -19.86 22.60
CA GLN B 746 29.83 -19.65 21.91
C GLN B 746 30.77 -18.81 22.77
N ARG B 747 30.29 -17.64 23.22
CA ARG B 747 31.13 -16.81 24.06
C ARG B 747 31.58 -17.58 25.29
N HIS B 748 30.69 -18.39 25.84
CA HIS B 748 31.01 -19.12 27.05
C HIS B 748 32.13 -20.10 26.80
N SER B 749 32.00 -20.90 25.75
CA SER B 749 33.04 -21.88 25.44
C SER B 749 34.35 -21.18 25.11
N SER B 750 34.32 -20.11 24.34
CA SER B 750 35.56 -19.42 24.00
C SER B 750 36.21 -18.82 25.24
N THR B 751 35.42 -18.16 26.06
CA THR B 751 35.87 -17.75 27.38
C THR B 751 36.47 -18.91 28.16
N TYR B 752 35.73 -20.01 28.29
CA TYR B 752 36.23 -21.16 29.04
C TYR B 752 37.60 -21.60 28.54
N TRP B 753 37.82 -21.64 27.25
CA TRP B 753 39.11 -22.12 26.81
C TRP B 753 40.19 -21.07 26.98
N THR B 754 39.90 -19.84 26.60
CA THR B 754 40.84 -18.76 26.89
C THR B 754 41.27 -18.85 28.34
N LEU B 755 40.31 -18.98 29.25
CA LEU B 755 40.67 -19.03 30.66
C LEU B 755 41.40 -20.32 30.98
N LYS B 756 40.94 -21.45 30.43
CA LYS B 756 41.60 -22.69 30.77
C LYS B 756 43.05 -22.67 30.31
N HIS B 757 43.34 -21.91 29.27
CA HIS B 757 44.72 -21.76 28.80
C HIS B 757 45.52 -20.88 29.75
N LEU B 758 44.94 -19.76 30.18
CA LEU B 758 45.67 -18.84 31.03
C LEU B 758 46.08 -19.47 32.36
N GLU B 759 45.28 -20.38 32.91
CA GLU B 759 45.67 -21.07 34.14
C GLU B 759 46.76 -22.12 33.87
N GLN B 760 46.62 -22.92 32.81
CA GLN B 760 47.65 -23.90 32.51
C GLN B 760 49.00 -23.24 32.21
N SER B 761 48.98 -22.06 31.60
CA SER B 761 50.23 -21.43 31.19
C SER B 761 50.91 -20.73 32.35
N GLY B 762 50.20 -20.60 33.46
CA GLY B 762 50.73 -19.95 34.65
C GLY B 762 50.93 -18.46 34.54
N THR B 763 50.06 -17.76 33.80
CA THR B 763 50.15 -16.31 33.76
C THR B 763 49.84 -15.75 35.14
N LYS B 764 50.72 -14.88 35.63
CA LYS B 764 50.53 -14.21 36.91
C LYS B 764 50.33 -12.71 36.78
N THR B 765 50.87 -12.11 35.75
CA THR B 765 50.75 -10.69 35.48
C THR B 765 50.38 -10.45 34.02
N HIS B 766 49.60 -9.39 33.80
CA HIS B 766 49.16 -9.04 32.45
C HIS B 766 48.62 -7.62 32.47
N ASP B 767 48.64 -6.98 31.29
CA ASP B 767 48.07 -5.67 31.04
C ASP B 767 46.64 -5.78 30.58
N VAL B 768 45.84 -4.79 30.89
CA VAL B 768 44.44 -4.86 30.56
C VAL B 768 43.98 -3.52 30.07
N ILE B 769 42.81 -3.53 29.44
CA ILE B 769 42.12 -2.37 28.93
C ILE B 769 40.80 -2.30 29.67
N VAL B 770 40.49 -1.15 30.27
CA VAL B 770 39.24 -1.08 31.03
C VAL B 770 38.09 -0.95 30.07
N THR B 771 37.02 -1.67 30.36
CA THR B 771 35.89 -1.77 29.45
C THR B 771 34.58 -1.32 30.12
N SER B 772 34.64 -0.84 31.36
CA SER B 772 33.44 -0.39 32.07
C SER B 772 33.81 0.71 33.05
N VAL B 773 32.80 1.44 33.49
CA VAL B 773 32.93 2.42 34.58
C VAL B 773 32.99 1.63 35.89
N PRO B 774 33.66 2.15 36.90
CA PRO B 774 33.76 1.43 38.17
C PRO B 774 32.41 1.35 38.86
N GLN B 775 32.04 0.15 39.28
CA GLN B 775 30.86 -0.03 40.12
C GLN B 775 31.26 -0.91 41.30
N ASN B 776 31.22 -0.32 42.50
CA ASN B 776 31.69 -0.94 43.73
C ASN B 776 33.21 -1.14 43.70
N GLY B 777 33.92 -0.14 43.16
CA GLY B 777 35.38 -0.17 43.13
C GLY B 777 35.99 -1.08 42.08
N THR B 778 35.19 -1.52 41.12
CA THR B 778 35.65 -2.46 40.12
C THR B 778 35.19 -2.09 38.74
N VAL B 779 36.09 -2.23 37.80
CA VAL B 779 35.81 -2.01 36.40
C VAL B 779 35.92 -3.35 35.71
N ASN B 780 35.27 -3.46 34.56
CA ASN B 780 35.47 -4.59 33.69
C ASN B 780 36.66 -4.32 32.80
N CYS B 781 37.32 -5.39 32.38
CA CYS B 781 38.51 -5.26 31.55
C CYS B 781 38.71 -6.48 30.65
N LEU B 782 39.68 -6.36 29.74
CA LEU B 782 40.10 -7.50 28.96
C LEU B 782 41.59 -7.46 28.69
N PHE B 783 42.03 -8.53 28.18
CA PHE B 783 43.38 -8.72 27.68
C PHE B 783 43.40 -8.36 26.21
N PRO B 784 44.32 -7.54 25.79
CA PRO B 784 44.38 -7.16 24.37
C PRO B 784 44.59 -8.33 23.42
N GLU B 785 45.41 -9.30 23.81
CA GLU B 785 45.77 -10.44 22.97
C GLU B 785 44.61 -11.40 22.73
N TYR B 786 43.53 -11.30 23.52
CA TYR B 786 42.43 -12.27 23.54
C TYR B 786 41.09 -11.54 23.53
N SER B 787 40.14 -12.03 22.75
CA SER B 787 38.82 -11.41 22.78
C SER B 787 38.00 -11.92 23.96
N TYR B 788 38.21 -13.16 24.37
CA TYR B 788 37.39 -13.82 25.37
C TYR B 788 38.06 -13.92 26.73
N ALA B 789 39.09 -13.12 26.97
CA ALA B 789 39.65 -13.01 28.31
C ALA B 789 39.09 -11.72 28.89
N ARG B 790 37.85 -11.81 29.36
CA ARG B 790 37.13 -10.68 29.90
C ARG B 790 36.98 -10.85 31.40
N GLY B 791 37.43 -9.86 32.16
CA GLY B 791 37.39 -9.97 33.60
C GLY B 791 36.98 -8.71 34.34
N THR B 792 37.35 -8.65 35.62
CA THR B 792 37.08 -7.50 36.47
C THR B 792 38.36 -7.13 37.20
N LEU B 793 38.55 -5.83 37.40
CA LEU B 793 39.72 -5.32 38.09
C LEU B 793 39.35 -4.55 39.35
N LYS B 794 39.99 -4.86 40.47
CA LYS B 794 39.83 -4.08 41.67
C LYS B 794 40.82 -2.93 41.64
N LEU B 795 40.32 -1.71 41.47
CA LEU B 795 41.21 -0.55 41.36
C LEU B 795 41.98 -0.31 42.66
N ASP B 796 43.23 0.14 42.53
CA ASP B 796 44.04 0.48 43.70
C ASP B 796 43.34 1.61 44.43
N PRO B 797 42.95 1.44 45.70
CA PRO B 797 42.15 2.48 46.35
C PRO B 797 42.94 3.76 46.53
N ALA B 798 44.27 3.62 46.55
CA ALA B 798 45.16 4.78 46.63
C ALA B 798 44.95 5.69 45.44
N LYS B 800 44.13 8.19 42.85
CA LYS B 800 43.29 9.37 43.00
C LYS B 800 42.40 9.59 41.78
N LYS B 801 42.97 9.40 40.58
CA LYS B 801 42.26 9.58 39.33
C LYS B 801 41.82 8.23 38.76
N ILE B 802 40.51 8.04 38.60
CA ILE B 802 39.92 6.82 38.05
C ILE B 802 40.13 6.83 36.54
N PRO B 803 40.42 5.69 35.90
CA PRO B 803 40.73 5.68 34.47
C PRO B 803 39.49 5.52 33.59
N ARG B 804 39.50 6.20 32.45
CA ARG B 804 38.37 6.18 31.54
C ARG B 804 38.37 4.87 30.73
N ILE B 805 37.24 4.59 30.10
CA ILE B 805 37.12 3.36 29.33
C ILE B 805 38.13 3.39 28.18
N GLY B 806 38.66 2.21 27.86
CA GLY B 806 39.64 2.05 26.82
C GLY B 806 41.07 2.34 27.22
N ASP B 807 41.30 2.71 28.47
CA ASP B 807 42.65 2.96 28.97
C ASP B 807 43.33 1.65 29.41
N THR B 808 44.66 1.65 29.38
CA THR B 808 45.44 0.46 29.74
C THR B 808 46.01 0.56 31.15
N ILE B 809 45.91 -0.51 31.92
CA ILE B 809 46.57 -0.57 33.23
C ILE B 809 47.60 -1.67 33.11
N ARG B 810 48.86 -1.30 33.34
CA ARG B 810 49.91 -2.11 32.75
C ARG B 810 50.34 -3.29 33.61
N HIS B 811 50.39 -3.19 34.92
CA HIS B 811 50.86 -4.36 35.66
C HIS B 811 49.73 -4.78 36.57
N CYS B 812 49.20 -5.96 36.37
CA CYS B 812 48.03 -6.36 37.12
C CYS B 812 48.26 -7.76 37.64
N LYS B 813 47.86 -7.99 38.87
CA LYS B 813 48.07 -9.30 39.46
C LYS B 813 46.80 -10.11 39.23
N VAL B 814 46.98 -11.35 38.82
CA VAL B 814 45.86 -12.25 38.61
C VAL B 814 45.46 -12.82 39.96
N GLU B 815 44.25 -12.50 40.40
CA GLU B 815 43.73 -13.02 41.66
C GLU B 815 43.11 -14.41 41.49
N SER B 816 42.09 -14.52 40.63
CA SER B 816 41.32 -15.75 40.56
C SER B 816 41.04 -16.14 39.11
N ILE B 817 40.95 -17.44 38.84
CA ILE B 817 40.59 -17.97 37.53
C ILE B 817 39.71 -19.19 37.73
N HIS B 818 38.46 -19.09 37.29
CA HIS B 818 37.56 -20.23 37.33
C HIS B 818 36.96 -20.34 35.97
N PRO B 819 37.50 -21.21 35.13
CA PRO B 819 37.07 -21.25 33.73
C PRO B 819 35.59 -21.57 33.55
N LEU B 820 35.06 -22.61 34.19
CA LEU B 820 33.65 -22.97 34.01
C LEU B 820 32.69 -21.88 34.43
N ASP B 821 33.14 -20.95 35.25
CA ASP B 821 32.25 -19.90 35.69
C ASP B 821 32.43 -18.63 34.91
N GLY B 822 33.56 -18.50 34.23
CA GLY B 822 33.87 -17.31 33.47
C GLY B 822 34.48 -16.22 34.30
N ILE B 823 35.13 -16.59 35.39
CA ILE B 823 35.57 -15.64 36.38
C ILE B 823 37.06 -15.43 36.24
N LEU B 824 37.44 -14.16 36.18
CA LEU B 824 38.82 -13.73 36.16
C LEU B 824 38.89 -12.38 36.84
N THR B 825 39.65 -12.28 37.94
CA THR B 825 39.67 -11.10 38.79
C THR B 825 41.11 -10.65 39.00
N LEU B 826 41.30 -9.33 39.16
CA LEU B 826 42.65 -8.81 39.25
C LEU B 826 42.71 -7.56 40.14
N THR B 827 43.95 -7.21 40.48
CA THR B 827 44.27 -6.07 41.31
C THR B 827 45.40 -5.26 40.69
N HIS B 828 45.43 -3.98 41.04
CA HIS B 828 46.50 -3.07 40.66
C HIS B 828 47.10 -2.42 41.90
N VAL B 829 48.43 -2.32 41.92
CA VAL B 829 49.14 -1.78 43.09
C VAL B 829 49.57 -0.33 42.89
N ASN B 830 49.56 0.17 41.66
CA ASN B 830 49.77 1.59 41.45
C ASN B 830 48.46 2.33 41.13
#